data_6T1P
#
_entry.id   6T1P
#
_cell.length_a   100.567
_cell.length_b   135.212
_cell.length_c   237.201
_cell.angle_alpha   90.000
_cell.angle_beta   90.000
_cell.angle_gamma   90.000
#
_symmetry.space_group_name_H-M   'P 21 21 21'
#
loop_
_entity.id
_entity.type
_entity.pdbx_description
1 polymer Alternansucrase
2 branched alpha-D-glucopyranose-(1-6)-alpha-D-glucopyranose-(1-6)-alpha-D-glucopyranose
3 branched alpha-D-glucopyranose-(1-6)-alpha-D-glucopyranose-(1-6)-alpha-D-glucopyranose-(1-6)-alpha-D-glucopyranose
4 non-polymer 'CALCIUM ION'
#
_entity_poly.entity_id   1
_entity_poly.type   'polypeptide(L)'
_entity_poly.pdbx_seq_one_letter_code
;SNLSDPITGGHYENHNGYFVYIDASGKQVTGLQNIDGNLQYFDDNGYQVKGSFRDVNGKHIYFDSVTGKASSNVDIVNGK
AQGYDAQGNQLKKSYVADSSGQTYYFDGNGQPLIGLQTIDGNLQYFNQQGVQIKGGFQDVNNKRIYFAPNTGNAVANTEI
INGKLQGRDANGNQVKNAFSKDVAGNTFYFDANGVMLTGLQTISGKTYYLDEQGHLRKNYAGTFNNQFMYFDADTGAGKT
AIEYQFDQGLVSQSNENTPHNAAKSYDKSSFENVDGYLTADTWYRPTDILKNGDTWTASTETDMRPLLMTWWPDKQTQAN
YLNFMSSKGLGITTTYTAATSQKTLNDAAFVIQTAIEQQISLKKSTEWLRDAIDSFVKTQANWNKQTEDEAFDGLQWLQG
GFLAYQDDSHRTPNTDSGNNRKLGRQPINIDGSKDTTDGKGSEFLLANDIDNSNPIVQAEQLNWLHYLMNFGSITGNNDN
ANFDGIRVDAVDNVDADLLKIAGDYFKALYGTDKSDANANKHLSILEDWNGKDPQYVNQQGNAQLTMDYTVTSQFGNSLT
HGANNRSNMWYFLDTGYYLNGDLNKKIVDKNRPNSGTLVNRIANSGDTKVIPNYSFVRAHDYDAQDPIRKAMIDHGIIKN
MQDTFTFDQLAQGMEFYYKDQENPSGFKKYNDYNLPSAYAMLLTNKDTVPRVYYGDMYLEGGQYMEKGTIYNPVISALLK
ARIKYVSGGQTMATDSSGKDLKDGETDLLTSVRFGKGIMTSDQTTTQDNSQDYKNQGIGVIVGNNPDLKLNNDKTITLHM
GKAHKNQLYRALVLSNDSGIDVYDSDDKAPTLRTNDNGDLIFHKTNTFVKQDGTIINYEMKGSLNALISGYLGVWVPVGA
SDSQDARTVATESSSSNDGSVFHSNAALDSNVIYEGFSNFQAMPTSPEQSTNVVIATKANLFKELGITSFELAPQYRSSG
DTNYGGMSFLDSFLNNGYAFTDRYDLGFNKADGNPNPTKYGTDQDLRNAIEALHKNGMQAIADWVPDQIYALPGKEVVTA
TRVDERGNQLKDTDFVNLLYVANTKSSGVDYQAKYGGEFLDKLREEYPSLFKQNQVSTGQPIDASTKIKQWSAKYMNGTN
ILHRGAYYVLKDWATNQYFNIAKTNEVFLPLQLQNKDAQTGFISDASGVKYYSISGYQAKDTFIEDGNGNWYYFDKDGYM
VRSQQGENPIRTVETSVNTRNGNYYFMPNGVELRKGFGTDNSGNVYYFDDQGKMVRDKYINDDANNFYHLNVDGTMSR
;
_entity_poly.pdbx_strand_id   A,B
#
loop_
_chem_comp.id
_chem_comp.type
_chem_comp.name
_chem_comp.formula
CA non-polymer 'CALCIUM ION' 'Ca 2'
GLC D-saccharide, alpha linking alpha-D-glucopyranose 'C6 H12 O6'
#
# COMPACT_ATOMS: atom_id res chain seq x y z
N THR A 8 20.32 -29.68 9.48
CA THR A 8 19.08 -30.50 9.53
C THR A 8 19.25 -31.67 10.52
N GLY A 9 18.15 -32.37 10.77
CA GLY A 9 18.15 -33.59 11.57
C GLY A 9 18.04 -33.43 13.08
N GLY A 10 17.67 -32.25 13.55
CA GLY A 10 17.32 -32.05 14.98
C GLY A 10 15.84 -31.69 15.15
N HIS A 11 15.17 -32.39 16.08
CA HIS A 11 13.75 -32.12 16.45
C HIS A 11 13.56 -30.84 17.31
N TYR A 12 12.34 -30.27 17.27
CA TYR A 12 11.94 -29.16 18.16
C TYR A 12 11.10 -29.66 19.32
N GLU A 13 11.48 -29.30 20.54
CA GLU A 13 10.75 -29.72 21.72
C GLU A 13 10.26 -28.54 22.49
N ASN A 14 9.10 -28.69 23.10
CA ASN A 14 8.50 -27.66 23.93
C ASN A 14 8.58 -28.02 25.41
N HIS A 15 9.25 -27.20 26.20
CA HIS A 15 9.32 -27.41 27.67
C HIS A 15 8.82 -26.17 28.40
N ASN A 16 7.83 -26.35 29.29
CA ASN A 16 7.26 -25.27 30.12
C ASN A 16 6.78 -24.06 29.31
N GLY A 17 6.25 -24.31 28.12
CA GLY A 17 5.82 -23.21 27.24
C GLY A 17 6.86 -22.66 26.28
N TYR A 18 8.04 -23.25 26.22
CA TYR A 18 9.09 -22.66 25.39
C TYR A 18 9.62 -23.67 24.41
N PHE A 19 10.05 -23.17 23.25
CA PHE A 19 10.72 -24.00 22.25
C PHE A 19 12.22 -24.16 22.51
N VAL A 20 12.63 -25.43 22.58
CA VAL A 20 14.02 -25.84 22.61
C VAL A 20 14.27 -26.55 21.26
N TYR A 21 15.55 -26.57 20.86
CA TYR A 21 15.98 -27.33 19.70
C TYR A 21 17.11 -28.26 20.10
N ILE A 22 16.90 -29.56 19.89
CA ILE A 22 17.92 -30.59 20.14
C ILE A 22 18.52 -31.07 18.78
N ASP A 23 19.84 -30.90 18.71
CA ASP A 23 20.71 -31.11 17.53
C ASP A 23 20.61 -32.55 16.94
N ALA A 24 21.18 -32.75 15.74
CA ALA A 24 21.47 -34.10 15.21
C ALA A 24 22.43 -34.86 16.12
N SER A 25 23.42 -34.15 16.66
CA SER A 25 24.32 -34.64 17.72
C SER A 25 23.58 -35.20 18.96
N GLY A 26 22.41 -34.62 19.28
CA GLY A 26 21.67 -34.90 20.53
C GLY A 26 21.94 -33.88 21.63
N LYS A 27 22.47 -32.73 21.26
CA LYS A 27 22.80 -31.67 22.21
C LYS A 27 21.77 -30.54 22.16
N GLN A 28 21.34 -30.07 23.33
CA GLN A 28 20.48 -28.88 23.46
C GLN A 28 21.24 -27.63 22.98
N VAL A 29 20.52 -26.76 22.25
CA VAL A 29 21.15 -25.66 21.51
C VAL A 29 20.93 -24.28 22.16
N THR A 30 22.03 -23.57 22.38
CA THR A 30 22.03 -22.17 22.78
C THR A 30 22.59 -21.29 21.66
N GLY A 31 22.40 -19.98 21.79
CA GLY A 31 23.00 -19.01 20.86
C GLY A 31 22.26 -18.85 19.54
N LEU A 32 22.77 -17.95 18.70
CA LEU A 32 22.20 -17.72 17.37
C LEU A 32 22.47 -18.94 16.51
N GLN A 33 21.45 -19.38 15.79
CA GLN A 33 21.56 -20.58 14.93
C GLN A 33 20.72 -20.43 13.67
N ASN A 34 21.33 -20.61 12.50
CA ASN A 34 20.54 -20.77 11.27
C ASN A 34 20.17 -22.25 11.10
N ILE A 35 18.92 -22.59 11.45
CA ILE A 35 18.37 -23.96 11.35
C ILE A 35 17.44 -24.07 10.12
N ASP A 36 17.85 -24.89 9.14
CA ASP A 36 17.07 -25.12 7.90
C ASP A 36 16.65 -23.79 7.19
N GLY A 37 17.59 -22.84 7.09
CA GLY A 37 17.34 -21.58 6.38
C GLY A 37 16.62 -20.48 7.15
N ASN A 38 16.32 -20.71 8.44
CA ASN A 38 15.70 -19.70 9.36
C ASN A 38 16.64 -19.27 10.49
N LEU A 39 16.81 -17.97 10.69
CA LEU A 39 17.74 -17.45 11.69
C LEU A 39 17.02 -17.25 13.04
N GLN A 40 17.45 -17.98 14.07
CA GLN A 40 16.81 -17.99 15.40
C GLN A 40 17.83 -17.81 16.51
N TYR A 41 17.37 -17.53 17.72
CA TYR A 41 18.25 -17.37 18.87
C TYR A 41 17.70 -18.14 20.10
N PHE A 42 18.60 -18.69 20.92
CA PHE A 42 18.24 -19.34 22.21
C PHE A 42 19.11 -18.78 23.32
N ASP A 43 18.52 -18.38 24.44
CA ASP A 43 19.30 -17.81 25.58
C ASP A 43 20.16 -18.91 26.21
N ASP A 44 20.79 -18.61 27.34
CA ASP A 44 21.66 -19.58 28.06
C ASP A 44 20.98 -20.88 28.53
N ASN A 45 19.69 -20.85 28.89
CA ASN A 45 18.97 -22.09 29.22
C ASN A 45 18.57 -22.96 28.01
N GLY A 46 18.65 -22.42 26.79
CA GLY A 46 18.34 -23.16 25.57
C GLY A 46 16.93 -22.93 25.03
N TYR A 47 16.18 -22.04 25.71
CA TYR A 47 14.86 -21.62 25.23
C TYR A 47 14.99 -20.63 24.06
N GLN A 48 14.01 -20.68 23.15
CA GLN A 48 14.01 -19.84 21.95
C GLN A 48 13.32 -18.50 22.18
N VAL A 49 13.86 -17.47 21.54
CA VAL A 49 13.37 -16.10 21.69
C VAL A 49 12.48 -15.71 20.49
N LYS A 50 11.31 -15.14 20.82
CA LYS A 50 10.36 -14.57 19.84
C LYS A 50 9.86 -13.16 20.26
N GLY A 51 9.71 -12.26 19.31
CA GLY A 51 9.16 -10.93 19.58
C GLY A 51 10.03 -10.01 20.43
N SER A 52 11.33 -10.26 20.42
CA SER A 52 12.27 -9.50 21.22
C SER A 52 13.53 -9.29 20.41
N PHE A 53 14.36 -8.34 20.83
CA PHE A 53 15.67 -8.09 20.22
C PHE A 53 16.79 -8.78 20.98
N ARG A 54 17.78 -9.35 20.29
CA ARG A 54 19.00 -9.87 20.96
C ARG A 54 20.30 -9.34 20.31
N ASP A 55 21.39 -9.27 21.08
CA ASP A 55 22.70 -8.82 20.58
C ASP A 55 23.67 -9.97 20.33
N VAL A 56 23.99 -10.25 19.07
CA VAL A 56 25.02 -11.26 18.72
C VAL A 56 26.08 -10.59 17.83
N ASN A 57 27.35 -10.78 18.20
CA ASN A 57 28.48 -10.03 17.63
C ASN A 57 28.22 -8.53 17.79
N GLY A 58 28.34 -7.76 16.72
CA GLY A 58 27.96 -6.35 16.75
C GLY A 58 26.60 -6.14 16.12
N LYS A 59 25.76 -7.18 16.11
CA LYS A 59 24.44 -7.08 15.49
C LYS A 59 23.29 -7.03 16.50
N HIS A 60 22.32 -6.16 16.22
CA HIS A 60 21.10 -6.01 17.02
C HIS A 60 19.95 -6.57 16.20
N ILE A 61 19.59 -7.82 16.47
CA ILE A 61 18.66 -8.57 15.62
C ILE A 61 17.32 -8.77 16.33
N TYR A 62 16.24 -8.32 15.69
CA TYR A 62 14.88 -8.65 16.13
C TYR A 62 14.46 -10.01 15.57
N PHE A 63 13.66 -10.75 16.34
CA PHE A 63 13.10 -12.01 15.90
C PHE A 63 11.57 -11.90 16.00
N ASP A 64 10.85 -12.45 15.04
CA ASP A 64 9.39 -12.31 14.96
C ASP A 64 8.65 -12.97 16.16
N SER A 65 7.42 -12.50 16.44
CA SER A 65 6.63 -12.99 17.59
C SER A 65 5.92 -14.34 17.37
N VAL A 66 5.62 -14.67 16.12
CA VAL A 66 4.98 -15.95 15.74
C VAL A 66 6.07 -17.02 15.52
N THR A 67 6.94 -16.74 14.54
CA THR A 67 7.92 -17.70 14.02
C THR A 67 9.27 -17.73 14.79
N GLY A 68 9.64 -16.61 15.42
CA GLY A 68 10.96 -16.45 16.06
C GLY A 68 12.08 -16.25 15.04
N LYS A 69 11.69 -15.78 13.85
CA LYS A 69 12.58 -15.67 12.71
C LYS A 69 13.08 -14.24 12.58
N ALA A 70 14.38 -14.11 12.31
CA ALA A 70 15.01 -12.79 12.20
C ALA A 70 14.39 -11.93 11.07
N SER A 71 13.83 -10.77 11.46
CA SER A 71 13.33 -9.76 10.50
C SER A 71 13.39 -8.28 11.06
N SER A 72 13.14 -7.32 10.18
CA SER A 72 13.36 -5.88 10.48
C SER A 72 12.46 -5.36 11.57
N ASN A 73 12.98 -4.46 12.39
CA ASN A 73 12.18 -3.71 13.35
C ASN A 73 12.84 -2.38 13.80
N VAL A 74 12.11 -1.62 14.61
CA VAL A 74 12.62 -0.42 15.25
C VAL A 74 12.69 -0.63 16.77
N ASP A 75 13.83 -0.33 17.37
CA ASP A 75 14.02 -0.45 18.82
C ASP A 75 14.21 0.95 19.36
N ILE A 76 13.63 1.25 20.52
CA ILE A 76 14.00 2.46 21.24
C ILE A 76 15.31 2.09 21.95
N VAL A 77 16.39 2.69 21.49
CA VAL A 77 17.73 2.45 22.00
C VAL A 77 18.12 3.70 22.75
N ASN A 78 18.48 3.53 24.01
CA ASN A 78 18.58 4.66 24.91
C ASN A 78 17.37 5.56 24.67
N GLY A 79 17.56 6.85 24.45
CA GLY A 79 16.42 7.75 24.32
C GLY A 79 15.65 7.69 22.99
N LYS A 80 16.20 7.02 21.99
CA LYS A 80 15.82 7.33 20.61
C LYS A 80 15.54 6.13 19.74
N ALA A 81 14.78 6.39 18.67
CA ALA A 81 14.41 5.33 17.74
C ALA A 81 15.54 5.06 16.78
N GLN A 82 15.80 3.78 16.51
CA GLN A 82 16.80 3.34 15.54
C GLN A 82 16.29 2.10 14.79
N GLY A 83 16.39 2.13 13.46
CA GLY A 83 15.88 1.02 12.63
C GLY A 83 16.90 -0.10 12.50
N TYR A 84 16.44 -1.32 12.24
CA TYR A 84 17.35 -2.44 12.08
C TYR A 84 16.84 -3.38 11.02
N ASP A 85 17.76 -4.04 10.34
CA ASP A 85 17.40 -4.99 9.30
C ASP A 85 17.33 -6.42 9.84
N ALA A 86 17.10 -7.35 8.91
CA ALA A 86 17.07 -8.78 9.23
C ALA A 86 18.38 -9.31 9.82
N GLN A 87 19.52 -8.78 9.38
CA GLN A 87 20.83 -9.23 9.90
C GLN A 87 21.32 -8.48 11.13
N GLY A 88 20.56 -7.46 11.55
CA GLY A 88 20.86 -6.71 12.77
C GLY A 88 21.74 -5.48 12.59
N ASN A 89 21.77 -4.94 11.37
CA ASN A 89 22.53 -3.73 11.08
C ASN A 89 21.64 -2.50 11.21
N GLN A 90 22.17 -1.46 11.83
CA GLN A 90 21.46 -0.19 11.88
C GLN A 90 21.25 0.29 10.45
N LEU A 91 20.01 0.66 10.15
CA LEU A 91 19.66 1.12 8.81
C LEU A 91 19.88 2.63 8.70
N LYS A 92 20.41 3.02 7.54
CA LYS A 92 20.59 4.42 7.11
C LYS A 92 19.83 4.67 5.78
N LYS A 93 19.14 5.81 5.69
CA LYS A 93 18.39 6.20 4.48
C LYS A 93 17.50 5.09 3.94
N SER A 94 16.63 4.62 4.82
CA SER A 94 15.68 3.56 4.50
C SER A 94 14.44 3.66 5.38
N TYR A 95 13.34 3.14 4.86
CA TYR A 95 12.11 2.95 5.62
C TYR A 95 12.23 1.69 6.50
N VAL A 96 11.60 1.71 7.68
CA VAL A 96 11.34 0.46 8.40
C VAL A 96 9.97 0.48 9.05
N ALA A 97 9.28 -0.66 8.93
CA ALA A 97 8.03 -0.86 9.61
C ALA A 97 8.33 -1.63 10.88
N ASP A 98 7.72 -1.20 11.98
CA ASP A 98 7.91 -1.83 13.27
C ASP A 98 6.88 -2.91 13.56
N SER A 99 6.91 -3.46 14.77
CA SER A 99 6.01 -4.54 15.13
C SER A 99 4.53 -4.18 14.96
N SER A 100 4.13 -2.98 15.37
CA SER A 100 2.72 -2.55 15.30
C SER A 100 2.28 -2.04 13.94
N GLY A 101 3.06 -2.33 12.90
CA GLY A 101 2.74 -1.92 11.53
C GLY A 101 2.97 -0.45 11.23
N GLN A 102 3.71 0.25 12.09
CA GLN A 102 3.99 1.68 11.91
C GLN A 102 5.31 1.88 11.17
N THR A 103 5.44 3.02 10.50
CA THR A 103 6.55 3.27 9.60
C THR A 103 7.38 4.51 9.97
N TYR A 104 8.71 4.34 10.01
CA TYR A 104 9.67 5.43 10.22
C TYR A 104 10.56 5.56 8.99
N TYR A 105 11.13 6.74 8.77
CA TYR A 105 12.26 6.87 7.84
C TYR A 105 13.48 7.44 8.53
N PHE A 106 14.57 6.67 8.49
CA PHE A 106 15.82 7.05 9.11
C PHE A 106 16.76 7.60 8.05
N ASP A 107 17.40 8.72 8.37
CA ASP A 107 18.23 9.49 7.43
C ASP A 107 19.68 8.97 7.33
N GLY A 108 20.59 9.82 6.84
CA GLY A 108 22.01 9.48 6.75
C GLY A 108 22.68 9.09 8.06
N ASN A 109 22.24 9.68 9.17
CA ASN A 109 22.83 9.40 10.49
C ASN A 109 22.12 8.29 11.31
N GLY A 110 21.04 7.73 10.75
CA GLY A 110 20.26 6.68 11.42
C GLY A 110 19.12 7.23 12.25
N GLN A 111 18.97 8.56 12.24
CA GLN A 111 17.99 9.24 13.07
C GLN A 111 16.72 9.53 12.29
N PRO A 112 15.54 9.30 12.92
CA PRO A 112 14.27 9.37 12.19
C PRO A 112 13.92 10.79 11.81
N LEU A 113 13.37 10.96 10.60
CA LEU A 113 12.94 12.29 10.13
C LEU A 113 11.59 12.62 10.77
N ILE A 114 11.39 13.90 11.06
CA ILE A 114 10.18 14.39 11.74
C ILE A 114 9.65 15.57 10.95
N GLY A 115 8.33 15.74 10.89
CA GLY A 115 7.73 16.82 10.10
C GLY A 115 7.65 16.49 8.61
N LEU A 116 7.40 17.52 7.79
CA LEU A 116 7.21 17.34 6.36
C LEU A 116 8.53 16.98 5.66
N GLN A 117 8.45 16.08 4.69
CA GLN A 117 9.64 15.65 3.97
C GLN A 117 9.27 15.13 2.61
N THR A 118 10.21 15.20 1.67
CA THR A 118 10.00 14.60 0.35
C THR A 118 11.01 13.52 0.05
N ILE A 119 10.52 12.32 -0.23
CA ILE A 119 11.40 11.18 -0.53
C ILE A 119 10.95 10.45 -1.81
N ASP A 120 11.90 10.19 -2.72
CA ASP A 120 11.65 9.53 -4.02
C ASP A 120 10.56 10.23 -4.82
N GLY A 121 10.48 11.57 -4.71
CA GLY A 121 9.46 12.38 -5.35
C GLY A 121 8.11 12.36 -4.65
N ASN A 122 8.03 11.76 -3.46
CA ASN A 122 6.77 11.64 -2.70
C ASN A 122 6.85 12.52 -1.45
N LEU A 123 5.81 13.34 -1.24
CA LEU A 123 5.73 14.18 -0.06
C LEU A 123 5.08 13.41 1.09
N GLN A 124 5.75 13.35 2.25
CA GLN A 124 5.25 12.60 3.43
C GLN A 124 5.36 13.42 4.72
N TYR A 125 4.57 13.05 5.72
CA TYR A 125 4.60 13.71 7.04
C TYR A 125 4.98 12.75 8.16
N PHE A 126 5.69 13.24 9.17
CA PHE A 126 6.05 12.44 10.34
C PHE A 126 5.70 13.16 11.66
N ASN A 127 5.08 12.45 12.60
CA ASN A 127 4.69 13.06 13.88
C ASN A 127 5.91 13.35 14.76
N GLN A 128 5.68 13.99 15.91
CA GLN A 128 6.77 14.37 16.81
C GLN A 128 7.70 13.22 17.23
N GLN A 129 7.23 11.99 17.18
CA GLN A 129 8.07 10.83 17.52
C GLN A 129 8.76 10.19 16.30
N GLY A 130 8.50 10.72 15.10
CA GLY A 130 9.10 10.18 13.87
C GLY A 130 8.30 9.11 13.15
N VAL A 131 7.06 8.89 13.58
CA VAL A 131 6.18 7.90 12.97
C VAL A 131 5.51 8.49 11.73
N GLN A 132 5.28 7.67 10.71
CA GLN A 132 4.72 8.14 9.45
C GLN A 132 3.20 8.18 9.46
N ILE A 133 2.62 9.33 9.10
CA ILE A 133 1.18 9.45 9.01
C ILE A 133 0.70 8.90 7.67
N LYS A 134 -0.29 8.03 7.78
CA LYS A 134 -0.95 7.38 6.66
C LYS A 134 -2.45 7.41 6.88
N GLY A 135 -3.19 7.51 5.79
CA GLY A 135 -4.65 7.43 5.82
C GLY A 135 -5.31 8.48 6.68
N GLY A 136 -4.92 9.73 6.50
CA GLY A 136 -5.57 10.81 7.20
C GLY A 136 -5.07 12.18 6.78
N PHE A 137 -5.84 13.20 7.14
CA PHE A 137 -5.42 14.59 6.98
C PHE A 137 -4.45 15.04 8.07
N GLN A 138 -3.85 16.20 7.88
CA GLN A 138 -2.75 16.66 8.73
C GLN A 138 -2.47 18.11 8.45
N ASP A 139 -2.56 18.96 9.46
CA ASP A 139 -2.33 20.40 9.25
C ASP A 139 -0.85 20.73 9.36
N VAL A 140 -0.13 20.49 8.26
CA VAL A 140 1.28 20.86 8.14
C VAL A 140 1.29 22.31 7.67
N ASN A 141 2.02 23.15 8.38
CA ASN A 141 2.12 24.56 8.03
C ASN A 141 0.75 25.22 8.10
N ASN A 142 0.52 26.12 7.17
CA ASN A 142 -0.75 26.80 7.07
C ASN A 142 -1.82 25.92 6.43
N LYS A 143 -1.39 25.00 5.56
CA LYS A 143 -2.29 24.21 4.72
C LYS A 143 -2.69 22.88 5.40
N ARG A 144 -3.43 22.04 4.66
CA ARG A 144 -4.02 20.79 5.16
C ARG A 144 -3.92 19.66 4.13
N ILE A 145 -3.15 18.61 4.42
CA ILE A 145 -2.79 17.60 3.40
C ILE A 145 -3.25 16.21 3.80
N TYR A 146 -3.84 15.48 2.85
CA TYR A 146 -4.14 14.07 3.07
C TYR A 146 -2.97 13.20 2.62
N PHE A 147 -2.70 12.15 3.37
CA PHE A 147 -1.64 11.18 3.06
C PHE A 147 -2.23 9.80 2.91
N ALA A 148 -1.76 9.05 1.91
CA ALA A 148 -2.39 7.80 1.49
C ALA A 148 -2.27 6.67 2.53
N PRO A 149 -3.25 5.74 2.55
CA PRO A 149 -3.30 4.62 3.49
C PRO A 149 -2.05 3.77 3.64
N ASN A 150 -1.45 3.35 2.53
CA ASN A 150 -0.31 2.45 2.62
C ASN A 150 1.03 3.08 2.26
N THR A 151 1.06 3.84 1.17
CA THR A 151 2.29 4.51 0.77
C THR A 151 2.58 5.69 1.66
N GLY A 152 1.53 6.38 2.09
CA GLY A 152 1.67 7.57 2.92
C GLY A 152 1.96 8.82 2.11
N ASN A 153 1.77 8.73 0.78
CA ASN A 153 2.10 9.82 -0.14
C ASN A 153 0.98 10.86 -0.21
N ALA A 154 1.37 12.12 -0.38
CA ALA A 154 0.41 13.21 -0.40
C ALA A 154 -0.44 13.15 -1.67
N VAL A 155 -1.75 13.27 -1.50
CA VAL A 155 -2.69 13.19 -2.62
C VAL A 155 -3.89 14.08 -2.39
N ALA A 156 -4.57 14.37 -3.49
CA ALA A 156 -5.84 15.06 -3.42
C ALA A 156 -6.88 14.20 -2.71
N ASN A 157 -7.70 14.84 -1.89
CA ASN A 157 -8.78 14.16 -1.23
C ASN A 157 -9.89 15.14 -0.89
N THR A 158 -11.05 14.58 -0.58
CA THR A 158 -12.21 15.37 -0.20
C THR A 158 -12.66 14.97 1.18
N GLU A 159 -13.10 15.96 1.94
CA GLU A 159 -13.70 15.73 3.24
C GLU A 159 -14.99 16.54 3.32
N ILE A 160 -15.87 16.13 4.22
CA ILE A 160 -17.16 16.78 4.39
C ILE A 160 -17.08 17.85 5.50
N ILE A 161 -17.08 19.13 5.11
CA ILE A 161 -17.04 20.25 6.05
C ILE A 161 -18.47 20.78 6.17
N ASN A 162 -18.94 21.00 7.40
CA ASN A 162 -20.38 21.20 7.63
C ASN A 162 -21.13 20.00 7.04
N GLY A 163 -22.09 20.23 6.17
CA GLY A 163 -22.73 19.16 5.41
C GLY A 163 -22.33 19.11 3.94
N LYS A 164 -21.36 19.95 3.54
CA LYS A 164 -20.95 20.11 2.14
C LYS A 164 -19.56 19.49 1.88
N LEU A 165 -19.45 18.64 0.85
CA LEU A 165 -18.16 18.07 0.51
C LEU A 165 -17.21 19.21 0.08
N GLN A 166 -15.95 19.11 0.47
CA GLN A 166 -14.92 20.04 0.02
C GLN A 166 -13.76 19.24 -0.53
N GLY A 167 -12.97 19.90 -1.35
CA GLY A 167 -11.86 19.24 -2.02
C GLY A 167 -10.54 19.79 -1.58
N ARG A 168 -9.57 18.90 -1.46
CA ARG A 168 -8.23 19.24 -1.02
C ARG A 168 -7.24 18.66 -2.02
N ASP A 169 -6.31 19.48 -2.52
CA ASP A 169 -5.31 18.99 -3.50
C ASP A 169 -4.09 18.38 -2.82
N ALA A 170 -3.07 18.04 -3.62
CA ALA A 170 -1.84 17.42 -3.12
C ALA A 170 -0.98 18.34 -2.25
N ASN A 171 -1.05 19.65 -2.47
CA ASN A 171 -0.29 20.64 -1.68
C ASN A 171 -0.98 21.12 -0.40
N GLY A 172 -2.20 20.63 -0.17
CA GLY A 172 -2.96 20.97 1.02
C GLY A 172 -3.87 22.18 0.87
N ASN A 173 -3.86 22.78 -0.32
CA ASN A 173 -4.78 23.88 -0.65
C ASN A 173 -6.15 23.34 -1.04
N GLN A 174 -7.20 24.01 -0.55
CA GLN A 174 -8.56 23.70 -0.97
C GLN A 174 -8.70 24.06 -2.43
N VAL A 175 -9.57 23.32 -3.14
CA VAL A 175 -9.74 23.52 -4.59
C VAL A 175 -10.93 24.39 -4.93
N LYS A 176 -10.66 25.38 -5.77
CA LYS A 176 -11.63 26.33 -6.28
C LYS A 176 -11.49 26.40 -7.81
N ASN A 177 -12.61 26.39 -8.52
CA ASN A 177 -12.63 26.40 -9.99
C ASN A 177 -11.71 25.37 -10.61
N ALA A 178 -11.96 24.09 -10.29
CA ALA A 178 -11.20 23.01 -10.89
C ALA A 178 -11.75 21.65 -10.49
N PHE A 179 -11.24 20.65 -11.19
CA PHE A 179 -11.50 19.26 -10.89
C PHE A 179 -10.55 18.81 -9.78
N SER A 180 -11.00 17.96 -8.87
CA SER A 180 -10.13 17.32 -7.87
C SER A 180 -10.63 15.94 -7.51
N LYS A 181 -9.70 15.01 -7.28
CA LYS A 181 -10.04 13.63 -6.96
C LYS A 181 -10.24 13.38 -5.46
N ASP A 182 -10.74 12.19 -5.12
CA ASP A 182 -10.64 11.62 -3.76
C ASP A 182 -9.88 10.29 -3.82
N VAL A 183 -9.49 9.78 -2.65
CA VAL A 183 -8.64 8.58 -2.61
C VAL A 183 -9.29 7.41 -3.32
N ALA A 184 -10.61 7.28 -3.19
CA ALA A 184 -11.33 6.21 -3.85
C ALA A 184 -11.11 6.20 -5.38
N GLY A 185 -11.01 7.38 -5.97
CA GLY A 185 -10.76 7.55 -7.41
C GLY A 185 -11.76 8.40 -8.18
N ASN A 186 -12.80 8.88 -7.49
CA ASN A 186 -13.84 9.72 -8.10
C ASN A 186 -13.34 11.12 -8.34
N THR A 187 -13.71 11.69 -9.47
CA THR A 187 -13.40 13.08 -9.75
C THR A 187 -14.64 13.93 -9.50
N PHE A 188 -14.43 15.12 -8.95
CA PHE A 188 -15.49 16.10 -8.72
C PHE A 188 -15.04 17.39 -9.37
N TYR A 189 -15.96 18.34 -9.51
CA TYR A 189 -15.56 19.68 -9.89
C TYR A 189 -16.06 20.64 -8.84
N PHE A 190 -15.24 21.63 -8.48
CA PHE A 190 -15.57 22.58 -7.45
C PHE A 190 -15.54 23.99 -8.01
N ASP A 191 -16.60 24.76 -7.77
CA ASP A 191 -16.76 26.11 -8.37
C ASP A 191 -15.95 27.20 -7.65
N ALA A 192 -16.13 28.45 -8.08
CA ALA A 192 -15.45 29.61 -7.48
C ALA A 192 -15.64 29.73 -5.97
N ASN A 193 -16.80 29.33 -5.48
CA ASN A 193 -17.09 29.32 -4.04
C ASN A 193 -16.73 28.00 -3.33
N GLY A 194 -15.95 27.14 -3.99
CA GLY A 194 -15.44 25.90 -3.38
C GLY A 194 -16.39 24.71 -3.33
N VAL A 195 -17.66 24.92 -3.72
CA VAL A 195 -18.73 23.92 -3.58
C VAL A 195 -18.73 23.00 -4.80
N MET A 196 -18.89 21.70 -4.54
CA MET A 196 -18.93 20.72 -5.62
C MET A 196 -20.14 20.97 -6.51
N LEU A 197 -19.95 20.74 -7.80
CA LEU A 197 -21.03 20.89 -8.78
C LEU A 197 -21.76 19.56 -9.03
N THR A 198 -23.01 19.70 -9.49
CA THR A 198 -23.88 18.57 -9.81
C THR A 198 -24.51 18.72 -11.21
N GLY A 199 -24.86 17.58 -11.80
CA GLY A 199 -25.58 17.55 -13.06
C GLY A 199 -24.69 17.89 -14.26
N LEU A 200 -25.33 18.26 -15.35
CA LEU A 200 -24.62 18.52 -16.58
C LEU A 200 -23.97 19.88 -16.47
N GLN A 201 -22.66 19.98 -16.72
CA GLN A 201 -21.98 21.27 -16.61
C GLN A 201 -21.02 21.57 -17.76
N THR A 202 -21.12 22.79 -18.28
CA THR A 202 -20.26 23.26 -19.36
C THR A 202 -19.17 24.13 -18.81
N ILE A 203 -17.93 23.69 -18.90
CA ILE A 203 -16.83 24.51 -18.44
C ILE A 203 -15.72 24.55 -19.49
N SER A 204 -15.14 25.74 -19.67
CA SER A 204 -14.11 25.96 -20.69
C SER A 204 -14.52 25.41 -22.05
N GLY A 205 -15.75 25.75 -22.46
CA GLY A 205 -16.26 25.38 -23.77
C GLY A 205 -16.47 23.90 -24.03
N LYS A 206 -16.49 23.09 -22.96
CA LYS A 206 -16.70 21.65 -23.06
C LYS A 206 -17.69 21.22 -21.99
N THR A 207 -18.42 20.15 -22.26
CA THR A 207 -19.51 19.71 -21.37
C THR A 207 -19.26 18.34 -20.75
N TYR A 208 -19.41 18.28 -19.43
CA TYR A 208 -19.14 17.07 -18.65
C TYR A 208 -20.40 16.70 -17.89
N TYR A 209 -20.54 15.40 -17.60
CA TYR A 209 -21.72 14.96 -16.88
C TYR A 209 -21.35 14.48 -15.49
N LEU A 210 -21.91 15.13 -14.47
CA LEU A 210 -21.69 14.76 -13.08
C LEU A 210 -22.99 14.21 -12.53
N ASP A 211 -22.92 13.04 -11.93
CA ASP A 211 -24.14 12.41 -11.44
C ASP A 211 -24.66 13.10 -10.17
N GLU A 212 -25.71 12.56 -9.57
CA GLU A 212 -26.28 13.09 -8.31
C GLU A 212 -25.22 13.31 -7.22
N GLN A 213 -24.30 12.35 -7.09
CA GLN A 213 -23.23 12.38 -6.08
C GLN A 213 -22.09 13.35 -6.44
N GLY A 214 -22.13 13.93 -7.65
CA GLY A 214 -21.08 14.83 -8.13
C GLY A 214 -19.89 14.14 -8.78
N HIS A 215 -20.00 12.83 -9.02
CA HIS A 215 -18.96 12.04 -9.70
C HIS A 215 -18.95 12.36 -11.21
N LEU A 216 -17.77 12.62 -11.74
CA LEU A 216 -17.56 12.77 -13.17
C LEU A 216 -17.71 11.40 -13.81
N ARG A 217 -18.59 11.31 -14.80
CA ARG A 217 -18.86 10.05 -15.48
C ARG A 217 -18.14 10.04 -16.80
N LYS A 218 -17.32 9.01 -16.99
CA LYS A 218 -16.55 8.84 -18.20
C LYS A 218 -17.03 7.58 -18.88
N ASN A 219 -16.84 7.50 -20.19
CA ASN A 219 -17.34 6.39 -21.03
C ASN A 219 -18.81 6.14 -20.74
N TYR A 220 -19.58 7.23 -20.78
CA TYR A 220 -21.00 7.24 -20.44
C TYR A 220 -21.75 7.83 -21.62
N ALA A 221 -22.69 7.07 -22.17
CA ALA A 221 -23.54 7.52 -23.26
C ALA A 221 -24.90 7.89 -22.72
N GLY A 222 -25.43 9.03 -23.14
CA GLY A 222 -26.76 9.46 -22.69
C GLY A 222 -27.24 10.69 -23.43
N THR A 223 -28.56 10.84 -23.52
CA THR A 223 -29.16 11.99 -24.18
C THR A 223 -29.22 13.16 -23.20
N PHE A 224 -28.25 14.06 -23.32
CA PHE A 224 -28.04 15.12 -22.33
C PHE A 224 -28.73 16.46 -22.67
N ASN A 225 -28.57 16.99 -23.89
CA ASN A 225 -29.33 18.17 -24.32
C ASN A 225 -30.69 17.80 -24.96
N ASN A 226 -31.25 16.66 -24.58
CA ASN A 226 -32.36 16.12 -25.37
C ASN A 226 -31.80 15.65 -26.73
N GLN A 227 -30.47 15.61 -26.82
CA GLN A 227 -29.74 15.21 -28.00
C GLN A 227 -28.60 14.33 -27.54
N PHE A 228 -28.36 13.23 -28.25
CA PHE A 228 -27.38 12.23 -27.80
C PHE A 228 -26.05 12.87 -27.47
N MET A 229 -25.33 12.28 -26.52
CA MET A 229 -23.96 12.71 -26.19
C MET A 229 -23.17 11.58 -25.54
N TYR A 230 -22.00 11.26 -26.08
CA TYR A 230 -21.12 10.25 -25.48
C TYR A 230 -20.01 10.95 -24.72
N PHE A 231 -19.82 10.60 -23.44
CA PHE A 231 -18.80 11.24 -22.61
C PHE A 231 -17.50 10.47 -22.61
N ASP A 232 -16.44 11.16 -23.03
CA ASP A 232 -15.11 10.59 -23.29
C ASP A 232 -14.63 9.63 -22.21
N ALA A 233 -13.97 8.54 -22.61
CA ALA A 233 -13.31 7.67 -21.64
C ALA A 233 -12.10 8.34 -20.96
N ASP A 234 -11.41 9.22 -21.68
CA ASP A 234 -10.25 9.97 -21.16
C ASP A 234 -10.59 11.03 -20.13
N THR A 235 -11.35 12.05 -20.52
CA THR A 235 -11.62 13.20 -19.66
C THR A 235 -13.08 13.43 -19.30
N GLY A 236 -13.97 12.59 -19.84
CA GLY A 236 -15.40 12.73 -19.59
C GLY A 236 -16.09 13.85 -20.36
N ALA A 237 -15.40 14.42 -21.34
CA ALA A 237 -15.93 15.50 -22.15
C ALA A 237 -16.85 14.95 -23.22
N GLY A 238 -18.03 15.54 -23.36
CA GLY A 238 -19.05 15.06 -24.28
C GLY A 238 -18.68 15.23 -25.74
N LYS A 239 -18.73 14.15 -26.51
CA LYS A 239 -18.64 14.26 -27.97
C LYS A 239 -20.04 14.07 -28.50
N THR A 240 -20.24 14.54 -29.71
CA THR A 240 -21.54 14.41 -30.36
C THR A 240 -21.77 13.03 -30.97
N ALA A 241 -20.67 12.30 -31.21
CA ALA A 241 -20.68 10.96 -31.80
C ALA A 241 -21.37 10.93 -33.13
N ILE A 242 -21.22 12.04 -33.87
CA ILE A 242 -21.77 12.23 -35.19
C ILE A 242 -20.66 12.03 -36.21
N GLU A 243 -19.46 12.51 -35.88
CA GLU A 243 -18.31 12.28 -36.75
C GLU A 243 -17.91 10.82 -36.79
N TYR A 244 -17.77 10.26 -37.98
CA TYR A 244 -17.34 8.88 -38.07
C TYR A 244 -15.91 8.81 -37.57
N GLN A 245 -15.60 7.80 -36.77
CA GLN A 245 -14.25 7.71 -36.20
C GLN A 245 -13.27 6.88 -37.01
N PHE A 246 -13.74 6.16 -38.02
CA PHE A 246 -12.86 5.32 -38.84
C PHE A 246 -12.07 6.21 -39.78
N ASP A 247 -10.80 5.87 -39.99
CA ASP A 247 -9.87 6.72 -40.73
C ASP A 247 -9.46 6.12 -42.08
N GLN A 248 -10.20 5.10 -42.54
CA GLN A 248 -9.90 4.41 -43.79
C GLN A 248 -11.09 4.42 -44.77
N GLY A 249 -11.02 5.30 -45.77
CA GLY A 249 -12.02 5.36 -46.86
C GLY A 249 -11.82 4.22 -47.83
N LEU A 250 -12.77 3.99 -48.72
CA LEU A 250 -12.67 2.83 -49.60
C LEU A 250 -11.57 3.08 -50.59
N VAL A 251 -10.59 2.17 -50.64
CA VAL A 251 -9.49 2.30 -51.60
C VAL A 251 -9.19 1.00 -52.32
N SER A 252 -8.70 1.16 -53.53
CA SER A 252 -8.33 0.04 -54.37
C SER A 252 -6.92 -0.30 -54.03
N GLN A 253 -6.62 -1.57 -54.05
CA GLN A 253 -5.30 -2.00 -53.67
C GLN A 253 -4.46 -2.40 -54.86
N SER A 254 -5.11 -2.68 -55.98
CA SER A 254 -4.41 -3.21 -57.12
C SER A 254 -3.43 -2.19 -57.65
N ASN A 255 -2.34 -2.69 -58.21
CA ASN A 255 -1.28 -1.86 -58.78
C ASN A 255 -0.44 -2.71 -59.73
N GLU A 256 0.76 -2.25 -60.11
CA GLU A 256 1.57 -2.99 -61.09
C GLU A 256 2.14 -4.31 -60.54
N ASN A 257 2.15 -4.45 -59.23
CA ASN A 257 2.69 -5.65 -58.64
C ASN A 257 1.64 -6.74 -58.43
N THR A 258 0.36 -6.39 -58.51
CA THR A 258 -0.70 -7.34 -58.23
C THR A 258 -0.60 -8.61 -59.09
N PRO A 259 -0.51 -8.44 -60.42
CA PRO A 259 -0.44 -9.64 -61.26
C PRO A 259 0.80 -10.47 -61.04
N HIS A 260 1.88 -9.84 -60.56
CA HIS A 260 3.10 -10.56 -60.32
C HIS A 260 3.00 -11.39 -59.06
N ASN A 261 2.48 -10.79 -58.00
CA ASN A 261 2.36 -11.49 -56.72
C ASN A 261 1.15 -12.40 -56.61
N ALA A 262 0.23 -12.32 -57.56
CA ALA A 262 -0.88 -13.23 -57.59
C ALA A 262 -0.44 -14.67 -57.68
N ALA A 263 -1.32 -15.55 -57.23
CA ALA A 263 -1.06 -16.95 -57.19
C ALA A 263 -0.96 -17.46 -58.61
N LYS A 264 0.02 -18.33 -58.82
CA LYS A 264 0.21 -19.03 -60.09
C LYS A 264 -0.98 -19.94 -60.40
N SER A 265 -1.62 -20.44 -59.34
CA SER A 265 -2.73 -21.37 -59.44
C SER A 265 -3.57 -21.27 -58.18
N TYR A 266 -4.87 -21.58 -58.27
CA TYR A 266 -5.75 -21.60 -57.07
C TYR A 266 -6.06 -23.03 -56.59
N ASP A 267 -5.01 -23.71 -56.12
CA ASP A 267 -5.09 -25.12 -55.73
C ASP A 267 -3.84 -25.54 -54.96
N LYS A 268 -3.78 -26.81 -54.61
CA LYS A 268 -2.72 -27.32 -53.76
C LYS A 268 -1.30 -27.21 -54.37
N SER A 269 -1.19 -27.06 -55.68
CA SER A 269 0.11 -26.88 -56.34
C SER A 269 0.84 -25.67 -55.78
N SER A 270 0.10 -24.58 -55.78
CA SER A 270 0.65 -23.27 -55.53
C SER A 270 0.47 -22.81 -54.09
N PHE A 271 -0.20 -23.62 -53.27
CA PHE A 271 -0.49 -23.27 -51.87
C PHE A 271 -0.17 -24.40 -50.89
N GLU A 272 0.71 -24.13 -49.92
CA GLU A 272 0.88 -25.05 -48.80
C GLU A 272 -0.40 -25.00 -47.99
N ASN A 273 -0.92 -26.15 -47.60
CA ASN A 273 -2.23 -26.19 -46.97
C ASN A 273 -2.46 -27.39 -46.09
N VAL A 274 -3.60 -27.39 -45.41
CA VAL A 274 -4.03 -28.54 -44.64
C VAL A 274 -5.47 -28.74 -45.03
N ASP A 275 -5.80 -29.94 -45.50
CA ASP A 275 -7.18 -30.27 -45.92
C ASP A 275 -7.80 -29.17 -46.80
N GLY A 276 -6.96 -28.51 -47.59
CA GLY A 276 -7.40 -27.42 -48.45
C GLY A 276 -7.31 -26.04 -47.86
N TYR A 277 -7.30 -25.93 -46.54
CA TYR A 277 -7.31 -24.61 -45.93
C TYR A 277 -5.91 -23.99 -45.85
N LEU A 278 -5.86 -22.69 -45.57
CA LEU A 278 -4.62 -21.95 -45.44
C LEU A 278 -4.34 -21.62 -43.99
N THR A 279 -3.07 -21.45 -43.66
CA THR A 279 -2.65 -21.09 -42.30
C THR A 279 -1.78 -19.86 -42.35
N ALA A 280 -1.56 -19.24 -41.20
CA ALA A 280 -0.78 -18.00 -41.13
C ALA A 280 0.62 -18.14 -41.75
N ASP A 281 1.22 -19.32 -41.56
CA ASP A 281 2.58 -19.60 -42.06
C ASP A 281 2.60 -20.35 -43.39
N THR A 282 1.46 -20.36 -44.09
CA THR A 282 1.41 -20.89 -45.43
C THR A 282 2.35 -20.12 -46.33
N TRP A 283 3.05 -20.87 -47.19
CA TRP A 283 3.79 -20.31 -48.31
C TRP A 283 3.09 -20.69 -49.61
N TYR A 284 3.16 -19.80 -50.60
CA TYR A 284 2.49 -20.02 -51.88
C TYR A 284 3.42 -19.72 -53.04
N ARG A 285 2.97 -20.02 -54.24
CA ARG A 285 3.76 -19.80 -55.44
C ARG A 285 3.23 -18.59 -56.20
N PRO A 286 3.93 -17.46 -56.16
CA PRO A 286 3.46 -16.30 -56.90
C PRO A 286 3.73 -16.48 -58.38
N THR A 287 2.94 -15.82 -59.21
CA THR A 287 3.13 -15.92 -60.65
C THR A 287 4.57 -15.59 -61.03
N ASP A 288 5.05 -14.44 -60.55
CA ASP A 288 6.43 -14.02 -60.75
C ASP A 288 7.11 -13.72 -59.41
N ILE A 289 8.43 -13.67 -59.50
CA ILE A 289 9.28 -13.42 -58.36
C ILE A 289 10.16 -12.24 -58.69
N LEU A 290 10.21 -11.26 -57.80
CA LEU A 290 11.12 -10.12 -57.99
C LEU A 290 12.54 -10.57 -57.62
N LYS A 291 13.17 -11.41 -58.44
CA LYS A 291 14.44 -12.00 -58.04
C LYS A 291 15.42 -10.89 -57.75
N ASN A 292 16.16 -11.05 -56.66
CA ASN A 292 17.21 -10.12 -56.28
C ASN A 292 16.72 -8.68 -56.06
N GLY A 293 15.40 -8.46 -56.10
CA GLY A 293 14.81 -7.13 -56.10
C GLY A 293 15.06 -6.35 -57.38
N ASP A 294 15.31 -7.04 -58.49
CA ASP A 294 15.72 -6.40 -59.74
C ASP A 294 14.71 -6.59 -60.84
N THR A 295 14.50 -7.85 -61.15
CA THR A 295 13.76 -8.21 -62.31
C THR A 295 12.75 -9.27 -61.95
N TRP A 296 11.52 -9.05 -62.38
CA TRP A 296 10.47 -10.02 -62.21
C TRP A 296 10.71 -11.19 -63.14
N THR A 297 10.70 -12.38 -62.58
CA THR A 297 10.89 -13.57 -63.39
C THR A 297 9.82 -14.60 -63.01
N ALA A 298 9.31 -15.31 -64.00
CA ALA A 298 8.29 -16.32 -63.76
C ALA A 298 8.84 -17.28 -62.73
N SER A 299 7.95 -17.79 -61.88
CA SER A 299 8.36 -18.67 -60.81
C SER A 299 8.45 -20.10 -61.27
N THR A 300 9.37 -20.86 -60.69
CA THR A 300 9.45 -22.31 -60.89
C THR A 300 8.86 -22.99 -59.68
N GLU A 301 8.30 -24.16 -59.89
CA GLU A 301 7.52 -24.87 -58.86
C GLU A 301 8.07 -24.77 -57.44
N THR A 302 9.39 -24.79 -57.33
CA THR A 302 10.08 -24.77 -56.04
C THR A 302 10.12 -23.37 -55.39
N ASP A 303 9.88 -22.31 -56.16
CA ASP A 303 9.90 -20.93 -55.65
C ASP A 303 8.64 -20.63 -54.85
N MET A 304 8.61 -21.06 -53.61
CA MET A 304 7.52 -20.72 -52.72
C MET A 304 7.85 -19.48 -51.93
N ARG A 305 6.84 -18.69 -51.59
CA ARG A 305 7.04 -17.50 -50.76
C ARG A 305 5.93 -17.40 -49.72
N PRO A 306 6.22 -16.72 -48.60
CA PRO A 306 5.23 -16.63 -47.53
C PRO A 306 4.04 -15.76 -47.87
N LEU A 307 2.86 -16.26 -47.54
CA LEU A 307 1.63 -15.55 -47.75
C LEU A 307 1.67 -14.16 -47.12
N LEU A 308 2.29 -14.03 -45.96
CA LEU A 308 2.31 -12.75 -45.27
C LEU A 308 3.23 -11.69 -45.89
N MET A 309 3.94 -12.03 -46.97
CA MET A 309 4.72 -11.05 -47.73
C MET A 309 3.79 -10.17 -48.56
N THR A 310 2.62 -10.73 -48.84
CA THR A 310 1.68 -10.22 -49.81
C THR A 310 0.27 -10.01 -49.26
N TRP A 311 -0.11 -10.74 -48.23
CA TRP A 311 -1.47 -10.67 -47.75
C TRP A 311 -1.48 -10.63 -46.23
N TRP A 312 -2.52 -9.99 -45.69
CA TRP A 312 -2.71 -9.88 -44.25
C TRP A 312 -4.21 -9.94 -43.96
N PRO A 313 -4.58 -10.46 -42.78
CA PRO A 313 -6.00 -10.56 -42.41
C PRO A 313 -6.66 -9.23 -42.04
N ASP A 314 -5.87 -8.29 -41.55
CA ASP A 314 -6.41 -7.02 -41.12
C ASP A 314 -5.25 -6.03 -41.05
N LYS A 315 -5.56 -4.75 -40.87
CA LYS A 315 -4.50 -3.76 -40.93
C LYS A 315 -3.61 -3.85 -39.71
N GLN A 316 -4.20 -4.20 -38.57
CA GLN A 316 -3.45 -4.38 -37.33
C GLN A 316 -2.29 -5.37 -37.56
N THR A 317 -2.63 -6.53 -38.10
CA THR A 317 -1.65 -7.56 -38.34
C THR A 317 -0.63 -7.10 -39.37
N GLN A 318 -1.11 -6.44 -40.42
CA GLN A 318 -0.23 -5.94 -41.46
C GLN A 318 0.83 -5.05 -40.84
N ALA A 319 0.40 -4.14 -39.97
CA ALA A 319 1.29 -3.14 -39.40
C ALA A 319 2.32 -3.82 -38.51
N ASN A 320 1.89 -4.87 -37.81
CA ASN A 320 2.79 -5.62 -36.94
C ASN A 320 3.85 -6.35 -37.77
N TYR A 321 3.43 -6.97 -38.87
CA TYR A 321 4.35 -7.63 -39.77
C TYR A 321 5.42 -6.68 -40.25
N LEU A 322 5.00 -5.52 -40.71
CA LEU A 322 5.94 -4.55 -41.25
C LEU A 322 6.95 -4.08 -40.21
N ASN A 323 6.46 -3.78 -39.02
CA ASN A 323 7.34 -3.37 -37.95
C ASN A 323 8.30 -4.48 -37.54
N PHE A 324 7.83 -5.71 -37.52
CA PHE A 324 8.66 -6.84 -37.09
C PHE A 324 9.78 -7.11 -38.09
N MET A 325 9.44 -7.13 -39.38
CA MET A 325 10.41 -7.40 -40.44
C MET A 325 11.40 -6.26 -40.58
N SER A 326 10.93 -5.03 -40.42
CA SER A 326 11.79 -3.85 -40.31
C SER A 326 12.89 -4.03 -39.24
N SER A 327 12.50 -4.57 -38.09
CA SER A 327 13.40 -4.78 -36.96
C SER A 327 14.45 -5.82 -37.23
N LYS A 328 14.30 -6.59 -38.29
CA LYS A 328 15.28 -7.60 -38.64
C LYS A 328 16.25 -7.15 -39.73
N GLY A 329 16.33 -5.83 -39.95
CA GLY A 329 17.25 -5.26 -40.93
C GLY A 329 16.68 -5.10 -42.32
N LEU A 330 15.40 -5.41 -42.50
CA LEU A 330 14.81 -5.48 -43.83
C LEU A 330 14.30 -4.16 -44.35
N GLY A 331 14.11 -3.20 -43.48
CA GLY A 331 13.62 -1.92 -43.94
C GLY A 331 13.90 -0.85 -42.93
N ILE A 332 13.49 0.37 -43.29
CA ILE A 332 13.48 1.46 -42.35
C ILE A 332 12.64 0.96 -41.21
N THR A 333 13.15 1.05 -39.99
CA THR A 333 12.37 0.56 -38.87
C THR A 333 11.22 1.54 -38.67
N THR A 334 10.02 1.00 -38.53
CA THR A 334 8.82 1.81 -38.60
C THR A 334 7.91 1.56 -37.42
N THR A 335 7.21 2.61 -37.02
CA THR A 335 6.12 2.48 -36.08
C THR A 335 4.87 2.53 -36.89
N TYR A 336 4.29 1.41 -37.26
CA TYR A 336 3.05 1.45 -38.00
C TYR A 336 1.89 0.96 -37.13
N THR A 337 0.73 1.58 -37.27
CA THR A 337 -0.46 1.19 -36.52
C THR A 337 -1.53 0.76 -37.48
N ALA A 338 -2.58 0.14 -36.95
CA ALA A 338 -3.79 -0.12 -37.72
C ALA A 338 -4.41 1.13 -38.27
N ALA A 339 -4.15 2.27 -37.62
CA ALA A 339 -4.62 3.56 -38.11
C ALA A 339 -3.93 4.06 -39.39
N THR A 340 -2.71 3.57 -39.64
CA THR A 340 -1.92 3.91 -40.83
C THR A 340 -2.76 3.66 -42.07
N SER A 341 -2.63 4.52 -43.08
CA SER A 341 -3.44 4.37 -44.29
C SER A 341 -3.02 3.11 -44.98
N GLN A 342 -3.99 2.50 -45.65
CA GLN A 342 -3.78 1.21 -46.24
C GLN A 342 -2.74 1.34 -47.32
N LYS A 343 -2.79 2.46 -48.04
CA LYS A 343 -1.88 2.72 -49.14
C LYS A 343 -0.44 2.68 -48.63
N THR A 344 -0.19 3.38 -47.52
CA THR A 344 1.13 3.47 -46.94
C THR A 344 1.64 2.10 -46.56
N LEU A 345 0.77 1.30 -45.94
CA LEU A 345 1.16 -0.03 -45.48
C LEU A 345 1.54 -0.94 -46.65
N ASN A 346 0.73 -0.91 -47.70
CA ASN A 346 0.99 -1.73 -48.87
C ASN A 346 2.28 -1.36 -49.58
N ASP A 347 2.54 -0.06 -49.71
CA ASP A 347 3.80 0.41 -50.32
C ASP A 347 4.98 -0.08 -49.49
N ALA A 348 4.81 -0.03 -48.18
CA ALA A 348 5.84 -0.44 -47.26
C ALA A 348 6.04 -1.96 -47.30
N ALA A 349 4.99 -2.72 -47.54
CA ALA A 349 5.13 -4.16 -47.66
C ALA A 349 5.97 -4.54 -48.87
N PHE A 350 5.88 -3.75 -49.94
CA PHE A 350 6.63 -4.04 -51.16
C PHE A 350 8.10 -3.71 -51.00
N VAL A 351 8.42 -2.63 -50.31
CA VAL A 351 9.83 -2.31 -50.10
C VAL A 351 10.45 -3.37 -49.20
N ILE A 352 9.66 -3.94 -48.30
CA ILE A 352 10.09 -5.12 -47.53
C ILE A 352 10.23 -6.35 -48.43
N GLN A 353 9.28 -6.56 -49.36
CA GLN A 353 9.40 -7.66 -50.32
C GLN A 353 10.72 -7.55 -51.07
N THR A 354 11.03 -6.34 -51.54
CA THR A 354 12.27 -6.11 -52.27
C THR A 354 13.45 -6.53 -51.42
N ALA A 355 13.55 -5.96 -50.23
CA ALA A 355 14.61 -6.36 -49.30
C ALA A 355 14.65 -7.87 -49.06
N ILE A 356 13.50 -8.51 -49.00
CA ILE A 356 13.44 -9.95 -48.84
C ILE A 356 14.12 -10.67 -50.00
N GLU A 357 13.81 -10.26 -51.20
CA GLU A 357 14.35 -10.96 -52.36
C GLU A 357 15.85 -10.76 -52.47
N GLN A 358 16.32 -9.62 -51.96
CA GLN A 358 17.75 -9.30 -51.91
C GLN A 358 18.50 -10.23 -50.95
N GLN A 359 17.95 -10.45 -49.76
CA GLN A 359 18.57 -11.34 -48.77
C GLN A 359 18.44 -12.81 -49.18
N ILE A 360 17.48 -13.12 -50.06
CA ILE A 360 17.38 -14.48 -50.59
C ILE A 360 18.49 -14.74 -51.59
N SER A 361 18.76 -13.77 -52.46
CA SER A 361 19.87 -13.91 -53.38
C SER A 361 21.21 -13.90 -52.64
N LEU A 362 21.34 -13.00 -51.67
CA LEU A 362 22.57 -12.84 -50.89
C LEU A 362 22.91 -14.12 -50.10
N LYS A 363 21.91 -14.70 -49.43
CA LYS A 363 22.13 -15.91 -48.63
C LYS A 363 21.96 -17.19 -49.42
N LYS A 364 21.35 -17.11 -50.61
CA LYS A 364 21.03 -18.29 -51.43
C LYS A 364 20.19 -19.32 -50.65
N SER A 365 19.27 -18.81 -49.82
CA SER A 365 18.48 -19.64 -48.90
C SER A 365 17.10 -19.03 -48.65
N THR A 366 16.14 -19.86 -48.27
CA THR A 366 14.85 -19.37 -47.74
C THR A 366 14.56 -19.86 -46.33
N GLU A 367 15.47 -20.66 -45.75
CA GLU A 367 15.31 -21.19 -44.41
C GLU A 367 15.26 -20.07 -43.40
N TRP A 368 16.13 -19.07 -43.60
CA TRP A 368 16.21 -17.92 -42.72
C TRP A 368 14.85 -17.22 -42.62
N LEU A 369 14.12 -17.19 -43.72
CA LEU A 369 12.80 -16.55 -43.80
C LEU A 369 11.77 -17.39 -43.08
N ARG A 370 11.80 -18.70 -43.33
CA ARG A 370 10.89 -19.62 -42.66
C ARG A 370 10.91 -19.36 -41.16
N ASP A 371 12.10 -19.18 -40.63
CA ASP A 371 12.30 -18.98 -39.21
C ASP A 371 11.86 -17.59 -38.77
N ALA A 372 12.03 -16.61 -39.63
CA ALA A 372 11.57 -15.26 -39.35
C ALA A 372 10.05 -15.18 -39.33
N ILE A 373 9.43 -15.87 -40.28
CA ILE A 373 7.98 -15.92 -40.36
C ILE A 373 7.43 -16.64 -39.13
N ASP A 374 7.96 -17.82 -38.84
CA ASP A 374 7.55 -18.60 -37.67
C ASP A 374 7.53 -17.76 -36.41
N SER A 375 8.62 -17.02 -36.21
CA SER A 375 8.80 -16.15 -35.05
C SER A 375 7.72 -15.10 -35.01
N PHE A 376 7.52 -14.43 -36.15
CA PHE A 376 6.51 -13.39 -36.22
C PHE A 376 5.12 -13.92 -35.96
N VAL A 377 4.81 -15.07 -36.53
CA VAL A 377 3.49 -15.59 -36.43
C VAL A 377 3.10 -15.85 -34.98
N LYS A 378 4.04 -16.32 -34.19
CA LYS A 378 3.75 -16.63 -32.78
C LYS A 378 3.64 -15.40 -31.93
N THR A 379 4.16 -14.27 -32.43
CA THR A 379 3.92 -12.94 -31.85
C THR A 379 2.44 -12.59 -31.71
N GLN A 380 1.64 -13.03 -32.68
CA GLN A 380 0.26 -12.59 -32.80
C GLN A 380 -0.69 -13.44 -31.98
N ALA A 381 -1.52 -12.77 -31.19
CA ALA A 381 -2.45 -13.41 -30.24
C ALA A 381 -3.40 -14.41 -30.91
N ASN A 382 -3.91 -14.07 -32.08
CA ASN A 382 -4.75 -15.00 -32.84
C ASN A 382 -4.02 -16.24 -33.34
N TRP A 383 -2.68 -16.19 -33.36
CA TRP A 383 -1.86 -17.31 -33.80
C TRP A 383 -0.96 -17.88 -32.69
N ASN A 384 -1.39 -17.67 -31.44
CA ASN A 384 -0.76 -18.33 -30.30
C ASN A 384 -1.79 -18.61 -29.20
N LYS A 385 -1.33 -19.05 -28.04
CA LYS A 385 -2.23 -19.63 -27.08
C LYS A 385 -3.20 -18.66 -26.43
N GLN A 386 -2.97 -17.37 -26.59
CA GLN A 386 -3.73 -16.39 -25.82
C GLN A 386 -5.20 -16.39 -26.19
N THR A 387 -5.49 -16.81 -27.43
CA THR A 387 -6.84 -16.95 -27.90
C THR A 387 -7.40 -18.34 -27.62
N GLU A 388 -6.66 -19.14 -26.85
CA GLU A 388 -7.02 -20.53 -26.51
C GLU A 388 -7.49 -20.69 -25.05
N ASP A 389 -7.48 -19.59 -24.29
CA ASP A 389 -7.99 -19.57 -22.91
C ASP A 389 -7.33 -20.62 -22.01
N GLU A 390 -6.02 -20.60 -21.95
CA GLU A 390 -5.33 -21.52 -21.08
C GLU A 390 -5.94 -21.44 -19.69
N ALA A 391 -6.13 -22.59 -19.06
CA ALA A 391 -6.62 -22.69 -17.67
C ALA A 391 -6.03 -23.93 -17.02
N PHE A 392 -5.99 -23.95 -15.70
CA PHE A 392 -5.39 -25.08 -15.01
C PHE A 392 -6.25 -25.71 -13.91
N ASP A 393 -7.54 -25.43 -13.87
CA ASP A 393 -8.36 -26.03 -12.83
C ASP A 393 -8.84 -27.38 -13.33
N GLY A 394 -9.00 -28.32 -12.41
CA GLY A 394 -9.35 -29.69 -12.78
C GLY A 394 -8.20 -30.35 -13.52
N LEU A 395 -8.52 -31.37 -14.31
CA LEU A 395 -7.50 -32.11 -15.07
C LEU A 395 -6.79 -31.24 -16.09
N GLN A 396 -7.34 -30.06 -16.32
CA GLN A 396 -6.70 -29.06 -17.16
C GLN A 396 -5.36 -28.70 -16.58
N TRP A 397 -5.21 -28.92 -15.28
CA TRP A 397 -3.94 -28.81 -14.59
C TRP A 397 -2.78 -29.47 -15.34
N LEU A 398 -3.04 -30.54 -16.06
CA LEU A 398 -1.98 -31.31 -16.68
C LEU A 398 -1.38 -30.60 -17.87
N GLN A 399 -2.27 -30.12 -18.76
CA GLN A 399 -1.89 -29.66 -20.11
C GLN A 399 -2.34 -28.26 -20.58
N GLY A 400 -3.11 -27.59 -19.75
CA GLY A 400 -3.45 -26.20 -20.00
C GLY A 400 -4.85 -26.03 -20.52
N GLY A 401 -5.55 -27.14 -20.78
CA GLY A 401 -6.93 -27.11 -21.25
C GLY A 401 -7.19 -27.95 -22.49
N PHE A 402 -8.47 -28.12 -22.81
CA PHE A 402 -8.87 -29.04 -23.86
C PHE A 402 -9.76 -28.42 -24.91
N LEU A 403 -9.71 -29.02 -26.10
CA LEU A 403 -10.60 -28.71 -27.22
C LEU A 403 -11.42 -29.93 -27.61
N ALA A 404 -12.73 -29.76 -27.77
CA ALA A 404 -13.62 -30.86 -28.22
C ALA A 404 -13.85 -30.75 -29.71
N TYR A 405 -13.60 -31.82 -30.46
CA TYR A 405 -13.87 -31.78 -31.88
C TYR A 405 -15.36 -31.93 -32.12
N GLN A 406 -15.84 -31.36 -33.23
CA GLN A 406 -17.26 -31.31 -33.52
C GLN A 406 -17.58 -31.96 -34.86
N ASP A 407 -18.81 -32.47 -34.98
CA ASP A 407 -19.33 -33.05 -36.21
C ASP A 407 -19.84 -31.93 -37.10
N ASP A 408 -19.06 -31.60 -38.12
CA ASP A 408 -19.34 -30.42 -38.94
C ASP A 408 -19.10 -30.82 -40.38
N SER A 409 -20.14 -31.43 -40.95
CA SER A 409 -20.04 -32.00 -42.28
C SER A 409 -19.83 -30.94 -43.34
N HIS A 410 -20.30 -29.70 -43.10
CA HIS A 410 -20.17 -28.63 -44.09
C HIS A 410 -18.71 -28.19 -44.28
N ARG A 411 -17.98 -27.96 -43.19
CA ARG A 411 -16.62 -27.41 -43.28
C ARG A 411 -15.48 -28.42 -43.11
N THR A 412 -15.73 -29.49 -42.37
CA THR A 412 -14.64 -30.33 -41.92
C THR A 412 -15.12 -31.80 -41.89
N PRO A 413 -15.48 -32.31 -43.06
CA PRO A 413 -16.17 -33.59 -43.17
C PRO A 413 -15.32 -34.82 -42.88
N ASN A 414 -14.01 -34.74 -43.12
CA ASN A 414 -13.08 -35.82 -42.74
C ASN A 414 -13.05 -36.04 -41.22
N THR A 415 -13.42 -35.00 -40.50
CA THR A 415 -13.37 -34.94 -39.07
C THR A 415 -14.72 -35.28 -38.45
N ASP A 416 -15.77 -35.43 -39.26
CA ASP A 416 -17.09 -35.80 -38.74
C ASP A 416 -16.99 -37.22 -38.15
N SER A 417 -17.62 -37.44 -36.98
CA SER A 417 -17.58 -38.75 -36.32
C SER A 417 -18.82 -39.61 -36.52
N GLY A 418 -19.80 -39.12 -37.25
CA GLY A 418 -21.00 -39.91 -37.49
C GLY A 418 -21.93 -39.91 -36.31
N ASN A 419 -22.05 -38.76 -35.66
CA ASN A 419 -22.83 -38.59 -34.44
C ASN A 419 -22.44 -39.56 -33.32
N ASN A 420 -21.14 -39.71 -33.15
CA ASN A 420 -20.61 -40.40 -32.00
C ASN A 420 -20.15 -39.36 -30.96
N ARG A 421 -18.92 -39.48 -30.48
CA ARG A 421 -18.35 -38.56 -29.51
C ARG A 421 -19.25 -38.31 -28.31
N LYS A 422 -19.74 -39.39 -27.71
CA LYS A 422 -20.43 -39.26 -26.43
C LYS A 422 -19.35 -39.13 -25.40
N LEU A 423 -19.37 -38.02 -24.67
CA LEU A 423 -18.31 -37.68 -23.73
C LEU A 423 -18.66 -38.08 -22.30
N GLY A 424 -17.70 -38.68 -21.60
CA GLY A 424 -17.77 -38.83 -20.16
C GLY A 424 -18.79 -39.88 -19.80
N ARG A 425 -18.78 -40.95 -20.56
CA ARG A 425 -19.69 -42.01 -20.26
C ARG A 425 -19.04 -42.95 -19.27
N GLN A 426 -18.63 -42.38 -18.13
CA GLN A 426 -18.00 -43.13 -17.07
C GLN A 426 -19.05 -44.07 -16.47
N PRO A 427 -18.62 -44.98 -15.58
CA PRO A 427 -19.56 -45.97 -15.07
C PRO A 427 -20.86 -45.39 -14.56
N ILE A 428 -20.76 -44.40 -13.68
CA ILE A 428 -21.95 -43.82 -13.08
C ILE A 428 -22.78 -43.02 -14.08
N ASN A 429 -22.23 -42.72 -15.26
CA ASN A 429 -22.93 -41.99 -16.31
C ASN A 429 -22.89 -42.72 -17.65
N ILE A 430 -22.90 -44.04 -17.60
CA ILE A 430 -22.75 -44.81 -18.83
C ILE A 430 -23.89 -44.52 -19.80
N ASP A 431 -25.08 -44.21 -19.30
CA ASP A 431 -26.23 -43.90 -20.17
C ASP A 431 -26.46 -42.40 -20.43
N GLY A 432 -25.51 -41.55 -20.02
CA GLY A 432 -25.63 -40.10 -20.20
C GLY A 432 -26.65 -39.42 -19.29
N SER A 433 -27.23 -40.15 -18.34
CA SER A 433 -28.31 -39.60 -17.53
C SER A 433 -27.84 -38.54 -16.56
N LYS A 434 -26.53 -38.40 -16.41
CA LYS A 434 -25.97 -37.36 -15.57
C LYS A 434 -25.18 -36.34 -16.37
N ASP A 435 -25.47 -36.19 -17.67
CA ASP A 435 -24.70 -35.30 -18.55
C ASP A 435 -24.74 -33.83 -18.08
N THR A 436 -25.80 -33.42 -17.40
CA THR A 436 -25.96 -32.02 -16.97
C THR A 436 -25.37 -31.71 -15.60
N THR A 437 -24.86 -32.73 -14.94
CA THR A 437 -24.37 -32.60 -13.57
C THR A 437 -22.88 -32.85 -13.56
N ASP A 438 -22.28 -32.76 -12.38
CA ASP A 438 -20.88 -33.10 -12.21
C ASP A 438 -20.62 -34.62 -12.35
N GLY A 439 -21.71 -35.40 -12.37
CA GLY A 439 -21.63 -36.84 -12.58
C GLY A 439 -21.24 -37.24 -13.99
N LYS A 440 -21.28 -36.29 -14.91
CA LYS A 440 -20.70 -36.53 -16.21
C LYS A 440 -19.20 -36.72 -16.08
N GLY A 441 -18.71 -37.75 -16.74
CA GLY A 441 -17.30 -38.13 -16.65
C GLY A 441 -16.37 -37.12 -17.28
N SER A 442 -15.18 -37.01 -16.72
CA SER A 442 -14.16 -36.15 -17.27
C SER A 442 -13.50 -36.86 -18.43
N GLU A 443 -14.04 -36.74 -19.64
CA GLU A 443 -13.58 -37.58 -20.78
C GLU A 443 -12.18 -37.20 -21.21
N PHE A 444 -11.83 -35.95 -20.97
CA PHE A 444 -10.56 -35.42 -21.42
C PHE A 444 -9.56 -35.46 -20.31
N LEU A 445 -8.40 -36.00 -20.63
CA LEU A 445 -7.35 -36.12 -19.65
C LEU A 445 -6.01 -35.69 -20.22
N LEU A 446 -5.51 -36.46 -21.19
CA LEU A 446 -4.19 -36.18 -21.77
C LEU A 446 -4.18 -36.39 -23.26
N ALA A 447 -3.25 -35.67 -23.89
CA ALA A 447 -2.95 -35.77 -25.30
C ALA A 447 -4.23 -35.80 -26.16
N ASN A 448 -4.28 -36.72 -27.12
CA ASN A 448 -5.43 -36.86 -27.99
C ASN A 448 -6.35 -37.90 -27.41
N ASP A 449 -7.55 -37.50 -27.02
CA ASP A 449 -8.48 -38.40 -26.35
C ASP A 449 -9.25 -39.19 -27.43
N ILE A 450 -9.13 -40.51 -27.36
CA ILE A 450 -9.78 -41.42 -28.29
C ILE A 450 -11.28 -41.52 -28.01
N ASP A 451 -12.08 -41.49 -29.06
CA ASP A 451 -13.54 -41.60 -28.97
C ASP A 451 -13.97 -43.06 -28.76
N ASN A 452 -14.02 -43.49 -27.51
CA ASN A 452 -14.41 -44.87 -27.18
C ASN A 452 -15.92 -45.09 -27.19
N SER A 453 -16.68 -44.09 -27.61
CA SER A 453 -18.13 -44.22 -27.78
C SER A 453 -18.51 -44.60 -29.20
N ASN A 454 -17.51 -44.68 -30.08
CA ASN A 454 -17.69 -45.08 -31.49
C ASN A 454 -17.45 -46.58 -31.65
N PRO A 455 -18.50 -47.32 -32.03
CA PRO A 455 -18.37 -48.77 -32.17
C PRO A 455 -17.20 -49.26 -33.01
N ILE A 456 -16.78 -48.53 -34.03
CA ILE A 456 -15.63 -48.96 -34.83
C ILE A 456 -14.36 -48.92 -34.01
N VAL A 457 -14.25 -47.85 -33.21
CA VAL A 457 -13.13 -47.68 -32.27
C VAL A 457 -13.18 -48.75 -31.16
N GLN A 458 -14.39 -49.04 -30.67
CA GLN A 458 -14.57 -50.08 -29.65
C GLN A 458 -14.02 -51.41 -30.16
N ALA A 459 -14.30 -51.73 -31.42
CA ALA A 459 -13.81 -52.98 -32.01
C ALA A 459 -12.29 -52.98 -32.05
N GLU A 460 -11.71 -51.85 -32.42
CA GLU A 460 -10.27 -51.74 -32.48
C GLU A 460 -9.60 -51.90 -31.10
N GLN A 461 -10.25 -51.39 -30.06
CA GLN A 461 -9.75 -51.56 -28.69
C GLN A 461 -9.73 -53.05 -28.31
N LEU A 462 -10.70 -53.80 -28.81
CA LEU A 462 -10.79 -55.24 -28.58
C LEU A 462 -9.69 -55.99 -29.35
N ASN A 463 -9.41 -55.55 -30.57
CA ASN A 463 -8.31 -56.11 -31.35
C ASN A 463 -7.00 -55.94 -30.58
N TRP A 464 -6.77 -54.74 -30.07
CA TRP A 464 -5.61 -54.44 -29.26
C TRP A 464 -5.57 -55.34 -28.03
N LEU A 465 -6.74 -55.49 -27.39
CA LEU A 465 -6.85 -56.32 -26.20
C LEU A 465 -6.49 -57.74 -26.51
N HIS A 466 -7.00 -58.26 -27.62
CA HIS A 466 -6.66 -59.61 -28.03
C HIS A 466 -5.17 -59.73 -28.30
N TYR A 467 -4.63 -58.72 -28.98
CA TYR A 467 -3.22 -58.67 -29.32
C TYR A 467 -2.33 -58.78 -28.07
N LEU A 468 -2.74 -58.12 -27.00
CA LEU A 468 -1.97 -58.16 -25.78
C LEU A 468 -2.10 -59.51 -25.09
N MET A 469 -3.32 -60.05 -25.01
CA MET A 469 -3.57 -61.34 -24.36
C MET A 469 -2.95 -62.51 -25.13
N ASN A 470 -2.60 -62.28 -26.39
CA ASN A 470 -1.95 -63.28 -27.19
C ASN A 470 -0.65 -62.74 -27.76
N PHE A 471 -0.02 -61.80 -27.05
CA PHE A 471 1.17 -61.15 -27.56
C PHE A 471 2.25 -62.13 -27.94
N GLY A 472 2.53 -63.09 -27.07
CA GLY A 472 3.54 -64.11 -27.32
C GLY A 472 3.26 -65.00 -28.53
N SER A 473 2.01 -65.45 -28.66
CA SER A 473 1.62 -66.28 -29.81
C SER A 473 1.84 -65.52 -31.11
N ILE A 474 1.46 -64.24 -31.10
CA ILE A 474 1.47 -63.42 -32.30
C ILE A 474 2.88 -62.99 -32.71
N THR A 475 3.68 -62.56 -31.74
CA THR A 475 4.98 -61.95 -32.03
C THR A 475 6.19 -62.88 -31.96
N GLY A 476 6.05 -64.00 -31.26
CA GLY A 476 7.14 -64.99 -31.19
C GLY A 476 6.72 -66.44 -31.28
N ASN A 477 5.49 -66.69 -31.72
CA ASN A 477 4.91 -68.01 -31.62
C ASN A 477 5.37 -68.74 -30.36
N ASN A 478 5.28 -68.03 -29.25
CA ASN A 478 5.57 -68.57 -27.92
C ASN A 478 4.32 -68.49 -27.02
N ASP A 479 3.53 -69.57 -26.96
CA ASP A 479 2.28 -69.56 -26.19
C ASP A 479 2.45 -69.38 -24.66
N ASN A 480 3.69 -69.34 -24.19
CA ASN A 480 3.97 -69.06 -22.79
C ASN A 480 4.42 -67.65 -22.54
N ALA A 481 4.39 -66.81 -23.57
CA ALA A 481 4.80 -65.42 -23.42
C ALA A 481 3.60 -64.51 -23.59
N ASN A 482 2.41 -64.96 -23.14
CA ASN A 482 1.19 -64.18 -23.27
C ASN A 482 0.69 -63.64 -21.96
N PHE A 483 0.22 -62.40 -21.99
CA PHE A 483 -0.31 -61.73 -20.79
C PHE A 483 -1.56 -62.47 -20.33
N ASP A 484 -1.78 -62.47 -19.02
CA ASP A 484 -2.89 -63.24 -18.47
C ASP A 484 -4.06 -62.38 -18.08
N GLY A 485 -3.79 -61.15 -17.69
CA GLY A 485 -4.86 -60.23 -17.30
C GLY A 485 -4.52 -58.80 -17.64
N ILE A 486 -5.37 -57.87 -17.22
CA ILE A 486 -5.22 -56.48 -17.58
C ILE A 486 -5.43 -55.52 -16.42
N ARG A 487 -4.83 -54.34 -16.56
CA ARG A 487 -5.16 -53.19 -15.75
C ARG A 487 -5.78 -52.17 -16.69
N VAL A 488 -6.96 -51.64 -16.32
CA VAL A 488 -7.65 -50.67 -17.15
C VAL A 488 -7.28 -49.24 -16.71
N ASP A 489 -6.43 -48.56 -17.48
CA ASP A 489 -5.97 -47.20 -17.15
C ASP A 489 -7.08 -46.19 -17.37
N ALA A 490 -7.34 -45.38 -16.35
CA ALA A 490 -8.22 -44.23 -16.51
C ALA A 490 -9.66 -44.59 -16.85
N VAL A 491 -10.23 -45.45 -16.02
CA VAL A 491 -11.59 -45.90 -16.23
C VAL A 491 -12.63 -44.79 -16.29
N ASP A 492 -12.48 -43.77 -15.45
CA ASP A 492 -13.47 -42.71 -15.36
C ASP A 492 -13.39 -41.69 -16.49
N ASN A 493 -12.34 -41.82 -17.32
CA ASN A 493 -12.11 -40.89 -18.43
C ASN A 493 -12.44 -41.46 -19.81
N VAL A 494 -13.13 -42.59 -19.81
CA VAL A 494 -13.45 -43.29 -21.04
C VAL A 494 -14.87 -43.77 -20.95
N ASP A 495 -15.38 -44.24 -22.07
CA ASP A 495 -16.73 -44.76 -22.15
C ASP A 495 -16.71 -46.13 -21.46
N ALA A 496 -17.60 -46.30 -20.50
CA ALA A 496 -17.59 -47.48 -19.66
C ALA A 496 -17.96 -48.78 -20.41
N ASP A 497 -18.42 -48.65 -21.66
CA ASP A 497 -18.57 -49.82 -22.51
C ASP A 497 -17.32 -50.69 -22.58
N LEU A 498 -16.15 -50.08 -22.52
CA LEU A 498 -14.90 -50.83 -22.61
C LEU A 498 -14.77 -51.91 -21.56
N LEU A 499 -15.38 -51.68 -20.39
CA LEU A 499 -15.36 -52.66 -19.32
C LEU A 499 -16.11 -53.92 -19.74
N LYS A 500 -17.28 -53.71 -20.33
CA LYS A 500 -18.16 -54.79 -20.73
C LYS A 500 -17.52 -55.56 -21.86
N ILE A 501 -16.96 -54.82 -22.80
CA ILE A 501 -16.25 -55.40 -23.94
C ILE A 501 -15.12 -56.31 -23.44
N ALA A 502 -14.30 -55.79 -22.52
CA ALA A 502 -13.21 -56.57 -21.95
C ALA A 502 -13.72 -57.76 -21.16
N GLY A 503 -14.73 -57.54 -20.33
CA GLY A 503 -15.30 -58.60 -19.48
C GLY A 503 -15.84 -59.77 -20.27
N ASP A 504 -16.64 -59.45 -21.25
CA ASP A 504 -17.23 -60.47 -22.09
C ASP A 504 -16.19 -61.20 -22.93
N TYR A 505 -15.09 -60.54 -23.29
CA TYR A 505 -13.99 -61.17 -24.02
C TYR A 505 -13.37 -62.26 -23.18
N PHE A 506 -13.07 -61.92 -21.94
CA PHE A 506 -12.50 -62.87 -21.01
C PHE A 506 -13.44 -64.03 -20.72
N LYS A 507 -14.73 -63.75 -20.68
CA LYS A 507 -15.73 -64.81 -20.52
C LYS A 507 -15.67 -65.80 -21.68
N ALA A 508 -15.68 -65.25 -22.89
CA ALA A 508 -15.69 -66.03 -24.10
C ALA A 508 -14.45 -66.87 -24.28
N LEU A 509 -13.30 -66.27 -24.03
CA LEU A 509 -12.06 -66.99 -24.31
C LEU A 509 -11.57 -67.82 -23.17
N TYR A 510 -11.88 -67.47 -21.92
CA TYR A 510 -11.28 -68.16 -20.77
C TYR A 510 -12.27 -68.72 -19.75
N GLY A 511 -13.57 -68.58 -20.05
CA GLY A 511 -14.64 -69.07 -19.16
C GLY A 511 -14.48 -68.58 -17.73
N THR A 512 -14.23 -67.28 -17.61
CA THR A 512 -14.01 -66.67 -16.31
C THR A 512 -15.26 -66.70 -15.41
N ASP A 513 -16.44 -66.74 -16.03
CA ASP A 513 -17.69 -66.80 -15.28
C ASP A 513 -18.09 -68.22 -14.90
N LYS A 514 -17.24 -69.21 -15.21
CA LYS A 514 -17.50 -70.63 -14.90
C LYS A 514 -17.14 -70.96 -13.45
N SER A 515 -15.98 -70.50 -13.04
CA SER A 515 -15.41 -70.92 -11.78
C SER A 515 -14.46 -69.87 -11.25
N ASP A 516 -14.11 -70.01 -9.99
CA ASP A 516 -13.09 -69.16 -9.40
C ASP A 516 -11.73 -69.48 -9.96
N ALA A 517 -11.46 -70.73 -10.31
CA ALA A 517 -10.15 -71.09 -10.84
C ALA A 517 -9.88 -70.42 -12.19
N ASN A 518 -10.89 -70.38 -13.04
CA ASN A 518 -10.78 -69.74 -14.34
C ASN A 518 -10.66 -68.22 -14.20
N ALA A 519 -11.53 -67.65 -13.37
CA ALA A 519 -11.54 -66.20 -13.13
C ALA A 519 -10.20 -65.78 -12.61
N ASN A 520 -9.72 -66.48 -11.58
CA ASN A 520 -8.50 -66.15 -10.92
C ASN A 520 -7.24 -66.47 -11.74
N LYS A 521 -7.36 -67.25 -12.79
CA LYS A 521 -6.23 -67.49 -13.70
C LYS A 521 -5.91 -66.27 -14.55
N HIS A 522 -6.86 -65.34 -14.62
CA HIS A 522 -6.74 -64.13 -15.41
C HIS A 522 -7.10 -62.89 -14.57
N LEU A 523 -6.30 -62.69 -13.52
CA LEU A 523 -6.49 -61.58 -12.59
C LEU A 523 -6.40 -60.28 -13.31
N SER A 524 -7.42 -59.44 -13.08
CA SER A 524 -7.55 -58.14 -13.74
C SER A 524 -8.05 -57.02 -12.78
N ILE A 525 -7.45 -55.84 -12.90
CA ILE A 525 -7.74 -54.72 -12.02
C ILE A 525 -8.13 -53.45 -12.77
N LEU A 526 -8.81 -52.55 -12.05
CA LEU A 526 -9.31 -51.29 -12.59
C LEU A 526 -8.70 -50.14 -11.84
N GLU A 527 -8.30 -49.10 -12.57
CA GLU A 527 -7.97 -47.81 -11.97
C GLU A 527 -9.27 -47.00 -12.02
N ASP A 528 -10.10 -47.22 -11.00
CA ASP A 528 -11.43 -46.64 -10.95
C ASP A 528 -11.65 -45.80 -9.70
N TRP A 529 -11.29 -44.53 -9.78
CA TRP A 529 -11.18 -43.71 -8.58
C TRP A 529 -12.51 -43.20 -8.04
N ASN A 530 -13.55 -43.09 -8.87
CA ASN A 530 -14.80 -42.53 -8.36
C ASN A 530 -15.37 -43.36 -7.22
N GLY A 531 -15.85 -42.67 -6.20
CA GLY A 531 -16.42 -43.29 -5.01
C GLY A 531 -17.65 -44.16 -5.23
N LYS A 532 -18.29 -44.05 -6.39
CA LYS A 532 -19.42 -44.90 -6.68
C LYS A 532 -19.08 -46.02 -7.68
N ASP A 533 -17.81 -46.15 -8.03
CA ASP A 533 -17.38 -47.16 -9.01
C ASP A 533 -17.49 -48.60 -8.48
N PRO A 534 -17.07 -48.84 -7.23
CA PRO A 534 -17.18 -50.17 -6.66
C PRO A 534 -18.54 -50.78 -6.77
N GLN A 535 -19.61 -50.03 -6.52
CA GLN A 535 -20.95 -50.61 -6.50
C GLN A 535 -21.47 -50.82 -7.91
N TYR A 536 -21.11 -49.96 -8.85
CA TYR A 536 -21.45 -50.22 -10.25
C TYR A 536 -20.73 -51.50 -10.70
N VAL A 537 -19.42 -51.59 -10.46
CA VAL A 537 -18.64 -52.75 -10.91
C VAL A 537 -19.27 -54.06 -10.38
N ASN A 538 -19.74 -54.02 -9.14
CA ASN A 538 -20.37 -55.16 -8.48
C ASN A 538 -21.73 -55.49 -9.09
N GLN A 539 -22.53 -54.48 -9.44
CA GLN A 539 -23.80 -54.71 -10.16
C GLN A 539 -23.52 -55.37 -11.50
N GLN A 540 -22.41 -55.01 -12.13
CA GLN A 540 -22.07 -55.59 -13.42
C GLN A 540 -21.22 -56.87 -13.32
N GLY A 541 -21.17 -57.49 -12.14
CA GLY A 541 -20.63 -58.83 -11.99
C GLY A 541 -19.13 -58.96 -11.80
N ASN A 542 -18.47 -57.86 -11.43
CA ASN A 542 -17.04 -57.88 -11.14
C ASN A 542 -16.17 -58.62 -12.13
N ALA A 543 -16.25 -58.22 -13.38
CA ALA A 543 -15.40 -58.80 -14.40
C ALA A 543 -13.94 -58.43 -14.17
N GLN A 544 -13.70 -57.26 -13.56
CA GLN A 544 -12.38 -56.87 -13.12
C GLN A 544 -12.52 -56.32 -11.72
N LEU A 545 -11.44 -56.40 -10.96
CA LEU A 545 -11.52 -56.00 -9.57
C LEU A 545 -11.46 -54.50 -9.43
N THR A 546 -12.45 -53.96 -8.72
CA THR A 546 -12.38 -52.55 -8.31
C THR A 546 -11.24 -52.32 -7.32
N MET A 547 -10.73 -51.11 -7.31
CA MET A 547 -9.85 -50.74 -6.23
C MET A 547 -10.72 -50.47 -5.01
N ASP A 548 -10.06 -50.42 -3.85
CA ASP A 548 -10.69 -50.05 -2.59
C ASP A 548 -9.95 -48.83 -2.06
N TYR A 549 -10.40 -47.66 -2.50
CA TYR A 549 -9.83 -46.41 -2.03
C TYR A 549 -10.13 -46.15 -0.55
N THR A 550 -11.22 -46.72 -0.01
CA THR A 550 -11.61 -46.37 1.36
C THR A 550 -10.53 -46.77 2.33
N VAL A 551 -9.87 -47.90 2.08
CA VAL A 551 -8.75 -48.30 2.94
C VAL A 551 -7.45 -47.52 2.62
N THR A 552 -7.18 -47.27 1.34
CA THR A 552 -6.01 -46.48 0.93
C THR A 552 -6.09 -45.05 1.52
N SER A 553 -7.33 -44.54 1.54
CA SER A 553 -7.67 -43.25 2.12
C SER A 553 -7.38 -43.22 3.62
N GLN A 554 -7.86 -44.21 4.34
CA GLN A 554 -7.73 -44.21 5.78
C GLN A 554 -6.28 -44.36 6.19
N PHE A 555 -5.48 -45.04 5.38
CA PHE A 555 -4.06 -45.11 5.66
C PHE A 555 -3.46 -43.71 5.58
N GLY A 556 -3.87 -42.97 4.56
CA GLY A 556 -3.45 -41.59 4.44
C GLY A 556 -3.69 -40.76 5.70
N ASN A 557 -4.92 -40.85 6.22
CA ASN A 557 -5.35 -40.03 7.34
C ASN A 557 -4.78 -40.45 8.65
N SER A 558 -4.68 -41.76 8.87
CA SER A 558 -4.30 -42.30 10.18
C SER A 558 -2.84 -42.71 10.37
N LEU A 559 -2.09 -42.93 9.29
CA LEU A 559 -0.70 -43.42 9.38
C LEU A 559 0.27 -42.80 8.41
N THR A 560 -0.10 -42.83 7.15
CA THR A 560 0.79 -42.57 6.05
C THR A 560 1.09 -41.09 5.87
N HIS A 561 0.10 -40.21 6.09
CA HIS A 561 0.29 -38.78 5.87
C HIS A 561 0.42 -37.93 7.13
N GLY A 562 1.51 -37.16 7.17
CA GLY A 562 1.73 -36.13 8.14
C GLY A 562 2.52 -36.53 9.37
N ALA A 563 2.80 -35.54 10.20
CA ALA A 563 3.18 -35.74 11.59
C ALA A 563 2.11 -35.06 12.44
N ASN A 564 2.28 -35.09 13.74
CA ASN A 564 1.21 -34.67 14.67
C ASN A 564 -0.23 -35.11 14.25
N ASN A 565 -1.07 -34.20 13.77
CA ASN A 565 -2.48 -34.49 13.67
C ASN A 565 -2.68 -35.54 12.65
N ARG A 566 -3.43 -36.57 13.04
CA ARG A 566 -3.77 -37.72 12.19
C ARG A 566 -5.10 -38.26 12.68
N SER A 567 -5.90 -38.83 11.80
CA SER A 567 -7.14 -39.45 12.28
C SER A 567 -6.77 -40.63 13.18
N ASN A 568 -7.55 -40.83 14.23
CA ASN A 568 -7.37 -42.00 15.06
C ASN A 568 -7.49 -43.33 14.30
N MET A 569 -6.82 -44.35 14.82
CA MET A 569 -6.90 -45.69 14.27
C MET A 569 -8.34 -46.18 14.37
N TRP A 570 -9.11 -45.67 15.33
CA TRP A 570 -10.54 -45.95 15.44
C TRP A 570 -11.26 -45.91 14.10
N TYR A 571 -10.86 -45.00 13.23
CA TYR A 571 -11.53 -44.81 11.95
C TYR A 571 -11.43 -46.02 11.02
N PHE A 572 -10.40 -46.85 11.19
CA PHE A 572 -10.30 -48.10 10.43
C PHE A 572 -11.45 -49.07 10.67
N LEU A 573 -12.09 -48.99 11.83
CA LEU A 573 -13.18 -49.92 12.13
C LEU A 573 -14.45 -49.63 11.35
N ASP A 574 -14.78 -48.35 11.20
CA ASP A 574 -16.03 -47.92 10.60
C ASP A 574 -17.15 -48.56 11.39
N THR A 575 -17.24 -48.21 12.67
CA THR A 575 -18.21 -48.85 13.55
C THR A 575 -19.66 -48.64 13.09
N GLY A 576 -19.88 -47.51 12.42
CA GLY A 576 -21.15 -47.19 11.81
C GLY A 576 -21.71 -48.29 10.95
N TYR A 577 -20.86 -49.18 10.49
CA TYR A 577 -21.31 -50.36 9.81
C TYR A 577 -22.42 -51.07 10.62
N TYR A 578 -22.19 -51.22 11.93
CA TYR A 578 -23.20 -51.80 12.86
C TYR A 578 -24.09 -50.72 13.41
N LEU A 579 -25.31 -51.10 13.78
CA LEU A 579 -26.30 -50.15 14.23
C LEU A 579 -25.90 -49.62 15.60
N ASN A 580 -25.91 -48.29 15.76
CA ASN A 580 -25.49 -47.60 17.00
C ASN A 580 -24.06 -47.87 17.41
N GLY A 581 -23.19 -48.27 16.49
CA GLY A 581 -21.84 -48.70 16.83
C GLY A 581 -21.72 -49.66 17.98
N ASP A 582 -22.68 -50.59 18.12
CA ASP A 582 -22.73 -51.53 19.25
C ASP A 582 -21.99 -52.83 18.91
N LEU A 583 -20.74 -52.91 19.36
CA LEU A 583 -19.95 -54.09 19.05
C LEU A 583 -20.46 -55.28 19.86
N ASN A 584 -21.04 -55.04 21.04
CA ASN A 584 -21.63 -56.16 21.79
C ASN A 584 -22.79 -56.82 21.08
N LYS A 585 -23.67 -56.02 20.49
CA LYS A 585 -24.91 -56.54 19.91
C LYS A 585 -24.77 -56.83 18.38
N LYS A 586 -23.99 -56.02 17.65
CA LYS A 586 -23.60 -56.29 16.24
C LYS A 586 -24.75 -56.47 15.25
N ILE A 587 -25.69 -55.55 15.25
CA ILE A 587 -26.78 -55.59 14.27
C ILE A 587 -26.34 -54.71 13.09
N VAL A 588 -26.34 -55.28 11.88
CA VAL A 588 -25.88 -54.56 10.68
C VAL A 588 -26.86 -53.46 10.31
N ASP A 589 -26.34 -52.31 9.87
CA ASP A 589 -27.16 -51.18 9.47
C ASP A 589 -27.50 -51.28 7.98
N LYS A 590 -28.74 -51.65 7.72
CA LYS A 590 -29.22 -51.91 6.35
C LYS A 590 -29.26 -50.66 5.45
N ASN A 591 -29.39 -49.48 6.07
CA ASN A 591 -29.65 -48.22 5.35
C ASN A 591 -28.91 -47.02 5.95
N ARG A 592 -27.64 -46.91 5.61
CA ARG A 592 -26.78 -45.81 6.00
C ARG A 592 -26.67 -44.81 4.85
N PRO A 593 -26.09 -43.62 5.09
CA PRO A 593 -25.81 -42.67 3.99
C PRO A 593 -24.77 -43.10 2.90
N ASN A 594 -24.80 -44.37 2.43
CA ASN A 594 -23.93 -44.88 1.33
C ASN A 594 -22.43 -44.55 1.52
N SER A 595 -21.92 -44.85 2.71
CA SER A 595 -20.57 -44.45 3.10
C SER A 595 -19.83 -45.63 3.77
N GLY A 596 -18.67 -45.35 4.35
CA GLY A 596 -17.96 -46.33 5.14
C GLY A 596 -16.95 -47.07 4.30
N THR A 597 -16.08 -47.81 4.98
CA THR A 597 -15.06 -48.60 4.31
C THR A 597 -15.73 -49.79 3.62
N LEU A 598 -15.16 -50.24 2.52
CA LEU A 598 -15.80 -51.22 1.62
C LEU A 598 -16.11 -52.57 2.28
N VAL A 599 -15.17 -53.02 3.11
CA VAL A 599 -15.26 -54.30 3.77
C VAL A 599 -15.10 -54.07 5.26
N ASN A 600 -16.12 -54.36 6.04
CA ASN A 600 -15.97 -54.23 7.47
C ASN A 600 -15.12 -55.38 8.00
N ARG A 601 -14.19 -55.07 8.90
CA ARG A 601 -13.29 -56.09 9.43
C ARG A 601 -13.29 -56.19 10.96
N ILE A 602 -14.36 -55.68 11.57
CA ILE A 602 -14.46 -55.70 13.01
C ILE A 602 -14.54 -57.14 13.45
N ALA A 603 -15.42 -57.89 12.79
CA ALA A 603 -15.61 -59.31 13.09
C ALA A 603 -16.06 -60.03 11.85
N ASN A 604 -15.13 -60.22 10.93
CA ASN A 604 -15.46 -60.79 9.64
C ASN A 604 -15.24 -62.28 9.65
N SER A 605 -16.36 -63.00 9.71
CA SER A 605 -16.38 -64.45 9.72
C SER A 605 -16.67 -65.07 8.36
N GLY A 606 -16.64 -64.27 7.30
CA GLY A 606 -16.89 -64.76 5.93
C GLY A 606 -18.34 -65.10 5.68
N ASP A 607 -19.24 -64.67 6.56
CA ASP A 607 -20.65 -65.07 6.49
C ASP A 607 -21.48 -64.15 5.59
N THR A 608 -21.08 -62.89 5.48
CA THR A 608 -21.77 -61.93 4.61
C THR A 608 -20.91 -61.57 3.42
N LYS A 609 -21.50 -61.69 2.23
CA LYS A 609 -20.78 -61.51 0.97
C LYS A 609 -20.37 -60.05 0.85
N VAL A 610 -19.20 -59.82 0.26
CA VAL A 610 -18.68 -58.46 0.06
C VAL A 610 -18.13 -58.26 -1.36
N ILE A 611 -17.89 -57.01 -1.75
CA ILE A 611 -17.38 -56.70 -3.08
C ILE A 611 -15.88 -57.01 -3.26
N PRO A 612 -15.54 -57.91 -4.20
CA PRO A 612 -14.16 -58.30 -4.37
C PRO A 612 -13.31 -57.15 -4.85
N ASN A 613 -12.09 -57.05 -4.33
CA ASN A 613 -11.27 -55.87 -4.55
C ASN A 613 -9.79 -56.07 -4.34
N TYR A 614 -9.02 -55.15 -4.92
CA TYR A 614 -7.59 -55.03 -4.63
C TYR A 614 -7.41 -53.76 -3.85
N SER A 615 -6.35 -53.71 -3.06
CA SER A 615 -6.07 -52.54 -2.23
C SER A 615 -4.57 -52.31 -2.18
N PHE A 616 -4.17 -51.08 -1.87
CA PHE A 616 -2.74 -50.72 -1.81
C PHE A 616 -2.48 -49.53 -0.89
N VAL A 617 -1.22 -49.36 -0.55
CA VAL A 617 -0.78 -48.21 0.24
C VAL A 617 -0.29 -47.11 -0.70
N ARG A 618 0.50 -47.51 -1.70
CA ARG A 618 1.01 -46.60 -2.71
C ARG A 618 0.99 -47.22 -4.10
N ALA A 619 1.19 -46.36 -5.08
CA ALA A 619 1.20 -46.75 -6.49
C ALA A 619 2.14 -45.86 -7.29
N HIS A 620 2.41 -46.27 -8.53
CA HIS A 620 3.28 -45.51 -9.42
C HIS A 620 2.76 -44.09 -9.59
N ASP A 621 1.43 -43.96 -9.45
CA ASP A 621 0.71 -42.69 -9.54
C ASP A 621 -0.06 -42.33 -8.28
N TYR A 622 0.29 -42.90 -7.13
CA TYR A 622 -0.30 -42.45 -5.86
C TYR A 622 0.78 -42.32 -4.79
N ASP A 623 0.90 -41.12 -4.21
CA ASP A 623 1.95 -40.74 -3.25
C ASP A 623 3.36 -40.95 -3.78
N ALA A 624 3.52 -40.71 -5.07
CA ALA A 624 4.84 -40.79 -5.69
C ALA A 624 5.07 -39.54 -6.52
N GLN A 625 4.22 -39.35 -7.53
CA GLN A 625 4.40 -38.30 -8.50
C GLN A 625 4.55 -36.91 -7.92
N ASP A 626 3.70 -36.61 -6.96
CA ASP A 626 3.68 -35.30 -6.37
C ASP A 626 4.85 -35.08 -5.41
N PRO A 627 5.00 -35.94 -4.41
CA PRO A 627 6.20 -35.85 -3.59
C PRO A 627 7.51 -35.69 -4.38
N ILE A 628 7.76 -36.55 -5.36
CA ILE A 628 9.05 -36.54 -6.06
C ILE A 628 9.28 -35.18 -6.72
N ARG A 629 8.22 -34.57 -7.24
CA ARG A 629 8.35 -33.24 -7.86
C ARG A 629 8.42 -32.12 -6.80
N LYS A 630 7.62 -32.19 -5.74
CA LYS A 630 7.74 -31.22 -4.65
C LYS A 630 9.15 -31.16 -4.14
N ALA A 631 9.82 -32.32 -4.08
CA ALA A 631 11.23 -32.39 -3.72
C ALA A 631 12.12 -31.61 -4.69
N MET A 632 11.89 -31.76 -5.99
CA MET A 632 12.69 -31.05 -7.00
C MET A 632 12.40 -29.55 -6.97
N ILE A 633 11.15 -29.19 -6.69
CA ILE A 633 10.72 -27.78 -6.55
C ILE A 633 11.37 -27.15 -5.34
N ASP A 634 11.31 -27.87 -4.23
CA ASP A 634 11.85 -27.40 -2.97
C ASP A 634 13.36 -27.15 -3.06
N HIS A 635 14.07 -27.90 -3.90
CA HIS A 635 15.51 -27.71 -4.09
C HIS A 635 15.85 -26.93 -5.37
N GLY A 636 14.86 -26.20 -5.88
CA GLY A 636 15.04 -25.29 -7.01
C GLY A 636 15.39 -25.91 -8.35
N ILE A 637 15.17 -27.21 -8.51
CA ILE A 637 15.55 -27.92 -9.73
C ILE A 637 14.55 -27.65 -10.86
N ILE A 638 13.30 -27.42 -10.49
CA ILE A 638 12.28 -26.93 -11.41
C ILE A 638 11.45 -25.91 -10.65
N LYS A 639 10.61 -25.18 -11.37
CA LYS A 639 9.77 -24.18 -10.72
C LYS A 639 8.34 -24.66 -10.58
N ASN A 640 7.81 -25.29 -11.63
CA ASN A 640 6.44 -25.77 -11.60
C ASN A 640 6.31 -27.29 -11.63
N MET A 641 5.20 -27.80 -11.11
CA MET A 641 4.85 -29.23 -11.24
C MET A 641 4.74 -29.66 -12.70
N GLN A 642 4.29 -28.75 -13.56
CA GLN A 642 4.11 -29.04 -14.98
C GLN A 642 5.40 -28.85 -15.77
N ASP A 643 6.39 -28.25 -15.15
CA ASP A 643 7.63 -27.91 -15.83
C ASP A 643 8.28 -29.12 -16.45
N THR A 644 9.00 -28.92 -17.55
CA THR A 644 9.75 -30.00 -18.17
C THR A 644 11.11 -30.16 -17.49
N PHE A 645 11.44 -31.42 -17.18
CA PHE A 645 12.74 -31.75 -16.59
C PHE A 645 13.47 -32.87 -17.29
N THR A 646 14.79 -32.81 -17.25
CA THR A 646 15.65 -33.82 -17.85
C THR A 646 15.90 -34.93 -16.85
N PHE A 647 16.49 -36.02 -17.33
CA PHE A 647 16.80 -37.18 -16.49
C PHE A 647 17.84 -36.85 -15.44
N ASP A 648 18.83 -36.04 -15.80
CA ASP A 648 19.85 -35.54 -14.86
C ASP A 648 19.20 -34.71 -13.75
N GLN A 649 18.21 -33.89 -14.12
CA GLN A 649 17.44 -33.09 -13.18
C GLN A 649 16.70 -33.98 -12.21
N LEU A 650 16.11 -35.04 -12.75
CA LEU A 650 15.40 -36.02 -11.94
C LEU A 650 16.33 -36.73 -10.95
N ALA A 651 17.51 -37.15 -11.44
CA ALA A 651 18.47 -37.90 -10.61
C ALA A 651 18.93 -37.13 -9.39
N GLN A 652 19.19 -35.83 -9.60
CA GLN A 652 19.56 -34.91 -8.53
C GLN A 652 18.45 -34.77 -7.51
N GLY A 653 17.22 -34.57 -7.98
CA GLY A 653 16.05 -34.44 -7.10
C GLY A 653 15.82 -35.72 -6.33
N MET A 654 16.03 -36.84 -7.00
CA MET A 654 15.91 -38.16 -6.38
C MET A 654 16.84 -38.36 -5.21
N GLU A 655 18.06 -37.82 -5.30
CA GLU A 655 18.99 -37.89 -4.18
C GLU A 655 18.43 -37.25 -2.92
N PHE A 656 17.69 -36.15 -3.08
CA PHE A 656 17.07 -35.43 -1.94
C PHE A 656 15.88 -36.20 -1.40
N TYR A 657 15.11 -36.75 -2.34
CA TYR A 657 13.99 -37.61 -2.02
C TYR A 657 14.42 -38.81 -1.23
N TYR A 658 15.48 -39.48 -1.67
CA TYR A 658 16.03 -40.62 -0.94
C TYR A 658 16.54 -40.21 0.44
N LYS A 659 17.27 -39.10 0.48
CA LYS A 659 17.84 -38.57 1.72
C LYS A 659 16.74 -38.32 2.75
N ASP A 660 15.63 -37.74 2.29
CA ASP A 660 14.44 -37.49 3.10
C ASP A 660 13.73 -38.78 3.53
N GLN A 661 13.62 -39.74 2.62
CA GLN A 661 12.99 -41.05 2.90
C GLN A 661 13.66 -41.80 4.05
N GLU A 662 14.98 -41.87 3.97
CA GLU A 662 15.80 -42.65 4.91
C GLU A 662 16.32 -41.80 6.09
N ASN A 663 15.72 -40.63 6.30
CA ASN A 663 16.15 -39.71 7.35
C ASN A 663 16.00 -40.36 8.71
N PRO A 664 17.12 -40.50 9.43
CA PRO A 664 17.06 -41.10 10.77
C PRO A 664 16.31 -40.23 11.77
N SER A 665 16.24 -38.92 11.55
CA SER A 665 15.40 -38.06 12.38
C SER A 665 14.00 -38.65 12.53
N GLY A 666 13.49 -39.20 11.42
CA GLY A 666 12.18 -39.81 11.38
C GLY A 666 11.11 -38.92 10.77
N PHE A 667 11.46 -37.63 10.59
CA PHE A 667 10.60 -36.66 9.94
C PHE A 667 10.74 -36.83 8.42
N LYS A 668 9.61 -36.68 7.72
CA LYS A 668 9.55 -36.87 6.28
C LYS A 668 8.78 -35.74 5.62
N LYS A 669 9.43 -35.06 4.69
CA LYS A 669 8.83 -33.90 4.06
C LYS A 669 8.08 -34.28 2.81
N TYR A 670 8.70 -35.14 2.00
CA TYR A 670 8.09 -35.61 0.76
C TYR A 670 7.52 -37.05 0.89
N ASN A 671 8.24 -37.90 1.61
CA ASN A 671 7.89 -39.33 1.70
C ASN A 671 6.80 -39.63 2.72
N ASP A 672 6.30 -40.86 2.67
CA ASP A 672 5.22 -41.33 3.54
C ASP A 672 5.72 -41.92 4.85
N TYR A 673 4.95 -41.67 5.89
CA TYR A 673 5.27 -42.17 7.23
C TYR A 673 4.64 -43.54 7.38
N ASN A 674 5.21 -44.31 8.31
CA ASN A 674 4.59 -45.58 8.78
C ASN A 674 4.29 -46.62 7.71
N LEU A 675 5.16 -46.68 6.71
CA LEU A 675 4.92 -47.59 5.61
C LEU A 675 4.93 -49.07 6.00
N PRO A 676 5.90 -49.48 6.84
CA PRO A 676 5.85 -50.86 7.30
C PRO A 676 4.54 -51.17 8.01
N SER A 677 4.08 -50.24 8.84
CA SER A 677 2.85 -50.43 9.62
C SER A 677 1.64 -50.48 8.70
N ALA A 678 1.64 -49.65 7.67
CA ALA A 678 0.59 -49.69 6.66
C ALA A 678 0.53 -51.04 5.93
N TYR A 679 1.69 -51.54 5.51
CA TYR A 679 1.77 -52.84 4.83
C TYR A 679 1.37 -53.98 5.78
N ALA A 680 1.68 -53.84 7.05
CA ALA A 680 1.29 -54.85 8.01
C ALA A 680 -0.20 -55.05 7.99
N MET A 681 -0.95 -53.96 7.88
CA MET A 681 -2.40 -54.06 7.86
C MET A 681 -2.86 -54.55 6.50
N LEU A 682 -2.28 -54.01 5.44
CA LEU A 682 -2.68 -54.39 4.11
C LEU A 682 -2.55 -55.86 3.90
N LEU A 683 -1.45 -56.41 4.37
CA LEU A 683 -1.12 -57.80 4.05
C LEU A 683 -1.80 -58.84 4.95
N THR A 684 -2.48 -58.39 6.00
CA THR A 684 -3.25 -59.27 6.90
C THR A 684 -4.75 -59.17 6.73
N ASN A 685 -5.21 -58.22 5.92
CA ASN A 685 -6.64 -58.02 5.81
C ASN A 685 -7.33 -59.11 4.99
N LYS A 686 -8.46 -59.57 5.52
CA LYS A 686 -9.33 -60.51 4.83
C LYS A 686 -10.12 -59.81 3.73
N ASP A 687 -10.56 -60.57 2.73
CA ASP A 687 -11.40 -60.05 1.63
C ASP A 687 -10.76 -58.88 0.87
N THR A 688 -9.54 -59.12 0.40
CA THR A 688 -8.87 -58.18 -0.49
C THR A 688 -7.71 -58.89 -1.12
N VAL A 689 -7.39 -58.47 -2.34
CA VAL A 689 -6.14 -58.81 -2.97
C VAL A 689 -5.17 -57.65 -2.81
N PRO A 690 -4.18 -57.79 -1.92
CA PRO A 690 -3.26 -56.67 -1.73
C PRO A 690 -2.34 -56.44 -2.92
N ARG A 691 -2.01 -55.18 -3.18
CA ARG A 691 -0.99 -54.83 -4.15
C ARG A 691 0.17 -54.07 -3.55
N VAL A 692 1.36 -54.50 -3.95
CA VAL A 692 2.59 -53.93 -3.45
C VAL A 692 3.31 -53.11 -4.50
N TYR A 693 3.71 -51.91 -4.09
CA TYR A 693 4.38 -50.96 -4.97
C TYR A 693 5.90 -51.16 -4.99
N TYR A 694 6.45 -51.42 -6.19
CA TYR A 694 7.90 -51.52 -6.38
C TYR A 694 8.68 -50.51 -5.59
N GLY A 695 8.19 -49.28 -5.59
CA GLY A 695 8.86 -48.17 -4.92
C GLY A 695 8.91 -48.17 -3.40
N ASP A 696 8.14 -49.05 -2.79
CA ASP A 696 8.24 -49.29 -1.37
C ASP A 696 9.28 -50.36 -1.08
N MET A 697 9.65 -51.13 -2.11
CA MET A 697 10.62 -52.22 -1.98
C MET A 697 11.98 -51.84 -2.53
N TYR A 698 12.00 -51.12 -3.64
CA TYR A 698 13.26 -50.63 -4.20
C TYR A 698 13.10 -49.16 -4.50
N LEU A 699 14.20 -48.47 -4.74
CA LEU A 699 14.14 -47.02 -4.85
C LEU A 699 13.52 -46.65 -6.16
N GLU A 700 12.68 -45.62 -6.11
CA GLU A 700 11.87 -45.22 -7.27
C GLU A 700 12.65 -44.64 -8.43
N GLY A 701 13.88 -44.17 -8.21
CA GLY A 701 14.73 -43.66 -9.28
C GLY A 701 15.91 -44.55 -9.60
N GLY A 702 16.76 -44.08 -10.50
CA GLY A 702 17.92 -44.84 -10.87
C GLY A 702 17.53 -46.09 -11.62
N GLN A 703 18.34 -47.12 -11.47
CA GLN A 703 18.17 -48.35 -12.23
C GLN A 703 17.17 -49.29 -11.53
N TYR A 704 16.59 -50.21 -12.28
CA TYR A 704 15.56 -51.12 -11.74
C TYR A 704 16.19 -52.07 -10.76
N MET A 705 15.61 -52.13 -9.57
CA MET A 705 16.15 -52.97 -8.50
C MET A 705 17.62 -52.64 -8.14
N GLU A 706 18.02 -51.38 -8.31
CA GLU A 706 19.42 -51.00 -8.08
C GLU A 706 19.78 -51.06 -6.61
N LYS A 707 18.83 -50.67 -5.77
CA LYS A 707 19.02 -50.64 -4.33
C LYS A 707 17.69 -50.78 -3.62
N GLY A 708 17.65 -51.66 -2.63
CA GLY A 708 16.46 -51.85 -1.84
C GLY A 708 16.21 -50.64 -0.98
N THR A 709 14.98 -50.49 -0.54
CA THR A 709 14.61 -49.43 0.38
C THR A 709 14.81 -49.94 1.79
N ILE A 710 14.71 -49.01 2.72
CA ILE A 710 14.84 -49.36 4.13
C ILE A 710 13.67 -50.24 4.61
N TYR A 711 12.53 -50.12 3.97
CA TYR A 711 11.38 -50.86 4.38
C TYR A 711 11.40 -52.32 3.86
N ASN A 712 12.27 -52.60 2.88
CA ASN A 712 12.33 -53.92 2.21
C ASN A 712 12.28 -55.17 3.11
N PRO A 713 13.14 -55.26 4.14
CA PRO A 713 13.15 -56.46 4.94
C PRO A 713 11.85 -56.68 5.69
N VAL A 714 11.27 -55.62 6.24
CA VAL A 714 10.04 -55.72 7.02
C VAL A 714 8.88 -56.16 6.14
N ILE A 715 8.75 -55.53 4.98
CA ILE A 715 7.67 -55.86 4.06
C ILE A 715 7.89 -57.28 3.50
N SER A 716 9.15 -57.65 3.23
CA SER A 716 9.48 -58.98 2.71
C SER A 716 9.10 -60.05 3.69
N ALA A 717 9.33 -59.76 4.96
CA ALA A 717 9.00 -60.69 6.03
C ALA A 717 7.49 -60.86 6.14
N LEU A 718 6.78 -59.73 6.11
CA LEU A 718 5.31 -59.74 6.15
C LEU A 718 4.76 -60.59 5.02
N LEU A 719 5.38 -60.49 3.86
CA LEU A 719 4.91 -61.19 2.68
C LEU A 719 5.10 -62.69 2.78
N LYS A 720 6.23 -63.13 3.32
CA LYS A 720 6.49 -64.57 3.44
C LYS A 720 5.67 -65.17 4.56
N ALA A 721 5.47 -64.37 5.60
CA ALA A 721 4.60 -64.77 6.69
C ALA A 721 3.13 -64.85 6.25
N ARG A 722 2.73 -64.03 5.29
CA ARG A 722 1.36 -64.05 4.78
C ARG A 722 1.05 -65.40 4.15
N ILE A 723 2.03 -65.98 3.47
CA ILE A 723 1.87 -67.30 2.87
C ILE A 723 1.63 -68.33 3.98
N LYS A 724 2.48 -68.26 5.01
CA LYS A 724 2.55 -69.23 6.13
C LYS A 724 1.36 -69.18 7.10
N TYR A 725 0.97 -67.98 7.51
CA TYR A 725 0.03 -67.82 8.62
C TYR A 725 -1.32 -67.16 8.32
N VAL A 726 -1.42 -66.37 7.25
CA VAL A 726 -2.64 -65.59 7.04
C VAL A 726 -3.75 -66.42 6.45
N SER A 727 -4.72 -66.78 7.28
CA SER A 727 -5.97 -67.35 6.79
C SER A 727 -7.08 -67.25 7.82
N GLY A 728 -8.29 -67.63 7.39
CA GLY A 728 -9.47 -67.63 8.24
C GLY A 728 -10.06 -66.26 8.53
N GLY A 729 -10.93 -66.21 9.52
CA GLY A 729 -11.67 -65.01 9.83
C GLY A 729 -10.77 -63.93 10.38
N GLN A 730 -11.33 -62.73 10.51
CA GLN A 730 -10.58 -61.61 11.01
C GLN A 730 -11.38 -60.89 12.07
N THR A 731 -10.65 -60.30 13.02
CA THR A 731 -11.21 -59.29 13.90
C THR A 731 -10.31 -58.09 13.95
N MET A 732 -10.90 -56.97 14.29
CA MET A 732 -10.19 -55.72 14.39
C MET A 732 -10.86 -54.87 15.46
N ALA A 733 -10.04 -54.30 16.34
CA ALA A 733 -10.53 -53.40 17.36
C ALA A 733 -9.46 -52.33 17.63
N THR A 734 -9.85 -51.30 18.38
CA THR A 734 -8.90 -50.28 18.83
C THR A 734 -9.17 -49.94 20.27
N ASP A 735 -8.13 -49.50 20.95
CA ASP A 735 -8.26 -49.04 22.34
C ASP A 735 -8.76 -47.62 22.25
N SER A 736 -9.99 -47.49 21.79
CA SER A 736 -10.49 -46.20 21.40
C SER A 736 -11.97 -46.30 21.09
N SER A 737 -12.68 -45.22 21.36
CA SER A 737 -14.12 -45.18 21.20
C SER A 737 -14.62 -44.15 20.15
N GLY A 738 -13.72 -43.33 19.61
CA GLY A 738 -14.11 -42.24 18.70
C GLY A 738 -12.98 -41.26 18.41
N LYS A 739 -13.33 -40.01 18.22
CA LYS A 739 -12.35 -38.96 18.00
C LYS A 739 -11.44 -38.76 19.21
N ASP A 740 -12.05 -38.76 20.40
CA ASP A 740 -11.36 -38.32 21.61
C ASP A 740 -11.08 -39.50 22.54
N LEU A 741 -9.94 -39.46 23.23
CA LEU A 741 -9.47 -40.59 24.04
C LEU A 741 -9.69 -40.38 25.54
N LYS A 742 -10.31 -41.36 26.19
CA LYS A 742 -10.38 -41.37 27.65
C LYS A 742 -8.98 -41.61 28.27
N ASP A 743 -8.93 -41.57 29.60
CA ASP A 743 -7.66 -41.59 30.36
C ASP A 743 -6.68 -42.71 30.02
N GLY A 744 -7.14 -43.96 30.12
CA GLY A 744 -6.30 -45.11 29.88
C GLY A 744 -6.05 -45.39 28.43
N GLU A 745 -6.89 -44.83 27.56
CA GLU A 745 -6.93 -45.20 26.15
C GLU A 745 -5.70 -44.78 25.33
N THR A 746 -5.24 -45.72 24.52
CA THR A 746 -4.01 -45.60 23.74
C THR A 746 -4.25 -45.34 22.26
N ASP A 747 -5.41 -45.77 21.76
CA ASP A 747 -5.73 -45.72 20.32
C ASP A 747 -4.77 -46.58 19.51
N LEU A 748 -4.53 -47.76 20.07
CA LEU A 748 -3.68 -48.77 19.46
C LEU A 748 -4.64 -49.79 18.83
N LEU A 749 -4.37 -50.13 17.58
CA LEU A 749 -5.26 -51.00 16.84
C LEU A 749 -4.76 -52.43 16.94
N THR A 750 -5.69 -53.37 17.13
CA THR A 750 -5.37 -54.79 17.13
C THR A 750 -6.12 -55.54 16.03
N SER A 751 -5.36 -56.12 15.10
CA SER A 751 -5.90 -56.93 14.01
C SER A 751 -5.40 -58.36 14.16
N VAL A 752 -6.31 -59.32 13.98
CA VAL A 752 -6.05 -60.74 14.20
C VAL A 752 -6.60 -61.54 13.06
N ARG A 753 -5.88 -62.59 12.69
CA ARG A 753 -6.43 -63.66 11.86
C ARG A 753 -6.27 -64.97 12.59
N PHE A 754 -7.24 -65.87 12.43
CA PHE A 754 -7.30 -67.07 13.28
C PHE A 754 -6.65 -68.34 12.74
N GLY A 755 -6.62 -68.57 11.43
CA GLY A 755 -6.16 -69.85 10.88
C GLY A 755 -7.17 -70.35 9.86
N LYS A 756 -6.93 -71.51 9.26
CA LYS A 756 -7.61 -71.86 8.01
C LYS A 756 -9.12 -71.96 8.09
N GLY A 757 -9.63 -72.77 9.01
CA GLY A 757 -11.06 -72.90 9.11
C GLY A 757 -11.67 -72.11 10.26
N ILE A 758 -10.89 -71.27 10.92
CA ILE A 758 -11.38 -70.57 12.11
C ILE A 758 -11.86 -69.20 11.73
N MET A 759 -13.15 -68.96 11.93
CA MET A 759 -13.77 -67.75 11.46
C MET A 759 -14.14 -66.77 12.58
N THR A 760 -14.03 -67.18 13.85
CA THR A 760 -14.44 -66.33 14.97
C THR A 760 -13.51 -66.43 16.16
N SER A 761 -13.57 -65.43 17.03
CA SER A 761 -12.87 -65.42 18.32
C SER A 761 -13.10 -66.70 19.09
N ASP A 762 -14.37 -67.06 19.20
CA ASP A 762 -14.82 -68.09 20.11
C ASP A 762 -14.88 -69.47 19.49
N GLN A 763 -14.72 -69.56 18.18
CA GLN A 763 -14.65 -70.86 17.53
C GLN A 763 -13.37 -71.55 17.94
N THR A 764 -13.53 -72.79 18.39
CA THR A 764 -12.45 -73.59 18.96
C THR A 764 -11.88 -74.61 18.00
N THR A 765 -12.66 -75.03 17.01
CA THR A 765 -12.16 -75.99 16.02
C THR A 765 -12.92 -75.94 14.70
N THR A 766 -12.25 -76.44 13.65
CA THR A 766 -12.79 -76.43 12.30
C THR A 766 -13.96 -77.38 12.19
N GLN A 767 -14.83 -77.17 11.20
CA GLN A 767 -15.93 -78.13 10.98
C GLN A 767 -15.45 -79.42 10.33
N ASP A 768 -14.48 -79.29 9.42
CA ASP A 768 -13.89 -80.45 8.75
C ASP A 768 -12.81 -81.17 9.58
N ASN A 769 -12.64 -80.78 10.83
CA ASN A 769 -11.59 -81.30 11.70
C ASN A 769 -10.15 -81.36 11.15
N SER A 770 -9.84 -80.43 10.23
CA SER A 770 -8.49 -80.25 9.75
C SER A 770 -7.73 -79.53 10.84
N GLN A 771 -6.45 -79.86 11.00
CA GLN A 771 -5.62 -79.26 12.04
C GLN A 771 -4.73 -78.11 11.53
N ASP A 772 -4.84 -77.78 10.24
CA ASP A 772 -4.01 -76.71 9.66
C ASP A 772 -4.03 -75.43 10.50
N TYR A 773 -5.19 -75.13 11.06
CA TYR A 773 -5.41 -73.89 11.80
C TYR A 773 -4.52 -73.68 13.01
N LYS A 774 -4.14 -74.75 13.69
CA LYS A 774 -3.43 -74.62 14.95
C LYS A 774 -2.12 -73.84 14.84
N ASN A 775 -1.38 -74.01 13.74
CA ASN A 775 -0.12 -73.27 13.56
C ASN A 775 -0.24 -72.05 12.66
N GLN A 776 -1.47 -71.61 12.42
CA GLN A 776 -1.73 -70.48 11.57
C GLN A 776 -2.26 -69.31 12.41
N GLY A 777 -2.63 -68.23 11.73
CA GLY A 777 -3.15 -67.07 12.38
C GLY A 777 -2.02 -66.11 12.67
N ILE A 778 -2.38 -64.86 12.94
CA ILE A 778 -1.40 -63.79 13.10
C ILE A 778 -1.99 -62.65 13.93
N GLY A 779 -1.14 -61.94 14.67
CA GLY A 779 -1.56 -60.80 15.50
C GLY A 779 -0.83 -59.52 15.13
N VAL A 780 -1.58 -58.45 14.89
CA VAL A 780 -0.97 -57.17 14.49
C VAL A 780 -1.45 -56.04 15.39
N ILE A 781 -0.49 -55.30 15.92
CA ILE A 781 -0.75 -54.16 16.78
C ILE A 781 -0.05 -52.95 16.17
N VAL A 782 -0.77 -51.85 15.99
CA VAL A 782 -0.21 -50.66 15.36
C VAL A 782 -0.76 -49.37 15.97
N GLY A 783 0.13 -48.39 16.07
CA GLY A 783 -0.18 -47.08 16.62
C GLY A 783 0.36 -46.01 15.69
N ASN A 784 -0.23 -44.83 15.80
CA ASN A 784 0.16 -43.68 15.00
C ASN A 784 0.74 -42.58 15.85
N ASN A 785 1.20 -42.94 17.05
CA ASN A 785 1.62 -41.97 18.04
C ASN A 785 3.03 -42.30 18.50
N PRO A 786 4.03 -41.59 17.97
CA PRO A 786 5.42 -41.88 18.30
C PRO A 786 5.81 -41.43 19.71
N ASP A 787 4.97 -40.60 20.31
CA ASP A 787 5.21 -40.17 21.67
C ASP A 787 4.30 -40.92 22.61
N LEU A 788 3.87 -42.12 22.25
CA LEU A 788 2.94 -42.82 23.10
C LEU A 788 3.67 -43.47 24.26
N LYS A 789 3.13 -43.23 25.46
CA LYS A 789 3.59 -43.86 26.66
C LYS A 789 2.41 -44.45 27.40
N LEU A 790 2.52 -45.70 27.84
CA LEU A 790 1.39 -46.34 28.56
C LEU A 790 1.33 -45.93 30.04
N ASN A 791 0.13 -46.01 30.63
CA ASN A 791 -0.01 -45.94 32.09
C ASN A 791 0.61 -47.19 32.68
N ASN A 792 1.11 -47.12 33.91
CA ASN A 792 1.68 -48.33 34.53
C ASN A 792 0.66 -49.45 34.69
N ASP A 793 -0.58 -49.08 34.99
CA ASP A 793 -1.71 -50.02 35.10
C ASP A 793 -2.05 -50.75 33.79
N LYS A 794 -1.87 -50.08 32.66
CA LYS A 794 -2.48 -50.48 31.37
C LYS A 794 -1.96 -51.78 30.77
N THR A 795 -2.91 -52.57 30.25
CA THR A 795 -2.61 -53.80 29.51
C THR A 795 -3.32 -53.81 28.14
N ILE A 796 -2.61 -54.28 27.12
CA ILE A 796 -3.14 -54.34 25.76
C ILE A 796 -3.16 -55.76 25.26
N THR A 797 -4.29 -56.15 24.67
CA THR A 797 -4.57 -57.56 24.39
C THR A 797 -4.87 -57.88 22.93
N LEU A 798 -4.28 -58.97 22.47
CA LEU A 798 -4.58 -59.57 21.18
C LEU A 798 -5.39 -60.84 21.41
N HIS A 799 -6.69 -60.81 21.09
CA HIS A 799 -7.52 -62.01 21.22
C HIS A 799 -7.24 -62.94 20.04
N MET A 800 -6.22 -63.77 20.22
CA MET A 800 -5.77 -64.69 19.19
C MET A 800 -6.76 -65.79 18.92
N GLY A 801 -7.67 -65.96 19.88
CA GLY A 801 -8.89 -66.74 19.68
C GLY A 801 -8.88 -68.00 20.50
N LYS A 802 -10.08 -68.54 20.72
CA LYS A 802 -10.27 -69.75 21.53
C LYS A 802 -9.82 -71.01 20.80
N ALA A 803 -9.44 -70.88 19.55
CA ALA A 803 -8.76 -71.94 18.85
C ALA A 803 -7.26 -71.97 19.16
N HIS A 804 -6.76 -71.00 19.93
CA HIS A 804 -5.33 -70.93 20.31
C HIS A 804 -5.12 -70.77 21.81
N LYS A 805 -5.79 -71.61 22.60
CA LYS A 805 -5.67 -71.60 24.05
C LYS A 805 -4.27 -72.05 24.41
N ASN A 806 -3.64 -71.36 25.36
CA ASN A 806 -2.40 -71.83 25.98
C ASN A 806 -1.23 -72.06 25.03
N GLN A 807 -1.34 -71.50 23.83
CA GLN A 807 -0.34 -71.67 22.80
C GLN A 807 0.80 -70.65 22.90
N LEU A 808 1.99 -71.05 22.46
CA LEU A 808 3.15 -70.18 22.44
C LEU A 808 3.21 -69.46 21.12
N TYR A 809 3.41 -68.16 21.21
CA TYR A 809 3.51 -67.28 20.06
C TYR A 809 4.88 -66.59 20.08
N ARG A 810 5.42 -66.25 18.91
CA ARG A 810 6.70 -65.51 18.78
C ARG A 810 6.59 -64.32 17.84
N ALA A 811 7.37 -63.28 18.11
CA ALA A 811 7.31 -62.07 17.31
C ALA A 811 7.89 -62.29 15.91
N LEU A 812 7.23 -61.72 14.92
CA LEU A 812 7.80 -61.58 13.58
C LEU A 812 8.48 -60.21 13.41
N VAL A 813 7.87 -59.19 14.01
CA VAL A 813 8.28 -57.81 13.81
C VAL A 813 7.94 -56.92 15.02
N LEU A 814 8.92 -56.18 15.52
CA LEU A 814 8.77 -55.29 16.70
C LEU A 814 9.48 -53.95 16.54
N SER A 815 8.77 -52.85 16.79
CA SER A 815 9.33 -51.51 16.69
C SER A 815 10.10 -51.12 17.94
N ASN A 816 11.05 -50.23 17.78
CA ASN A 816 11.78 -49.67 18.90
C ASN A 816 12.35 -48.35 18.47
N ASP A 817 13.17 -47.73 19.31
CA ASP A 817 13.55 -46.35 19.09
C ASP A 817 14.57 -46.12 17.97
N SER A 818 15.24 -47.18 17.52
CA SER A 818 16.23 -47.08 16.44
C SER A 818 15.79 -47.72 15.14
N GLY A 819 14.79 -48.60 15.21
CA GLY A 819 14.26 -49.22 14.00
C GLY A 819 13.12 -50.19 14.29
N ILE A 820 12.96 -51.16 13.40
CA ILE A 820 12.02 -52.25 13.59
C ILE A 820 12.80 -53.53 13.41
N ASP A 821 12.81 -54.35 14.45
CA ASP A 821 13.47 -55.64 14.38
C ASP A 821 12.60 -56.62 13.63
N VAL A 822 13.24 -57.49 12.85
CA VAL A 822 12.57 -58.51 12.06
C VAL A 822 13.14 -59.87 12.41
N TYR A 823 12.27 -60.83 12.70
CA TYR A 823 12.72 -62.16 13.13
C TYR A 823 12.38 -63.23 12.09
N ASP A 824 13.42 -63.89 11.58
CA ASP A 824 13.26 -64.77 10.41
C ASP A 824 12.76 -66.16 10.75
N SER A 825 12.93 -66.58 12.00
CA SER A 825 12.52 -67.91 12.43
C SER A 825 12.20 -67.92 13.91
N ASP A 826 11.55 -68.97 14.39
CA ASP A 826 11.05 -69.00 15.75
C ASP A 826 12.17 -68.84 16.80
N ASP A 827 13.35 -69.43 16.54
CA ASP A 827 14.42 -69.48 17.54
C ASP A 827 15.00 -68.12 17.92
N LYS A 828 15.15 -67.24 16.92
CA LYS A 828 15.80 -65.95 17.08
C LYS A 828 14.89 -64.88 17.65
N ALA A 829 13.62 -65.23 17.88
CA ALA A 829 12.63 -64.28 18.35
C ALA A 829 12.17 -64.53 19.77
N PRO A 830 11.75 -63.46 20.47
CA PRO A 830 11.08 -63.56 21.76
C PRO A 830 9.74 -64.25 21.65
N THR A 831 9.47 -65.16 22.58
CA THR A 831 8.19 -65.86 22.61
C THR A 831 7.31 -65.28 23.71
N LEU A 832 6.04 -65.64 23.64
CA LEU A 832 5.08 -65.30 24.66
C LEU A 832 3.93 -66.29 24.49
N ARG A 833 3.36 -66.75 25.60
CA ARG A 833 2.30 -67.76 25.56
C ARG A 833 0.94 -67.15 25.88
N THR A 834 -0.08 -67.66 25.21
CA THR A 834 -1.43 -67.18 25.41
C THR A 834 -2.01 -67.85 26.65
N ASN A 835 -3.05 -67.23 27.19
CA ASN A 835 -3.73 -67.76 28.36
C ASN A 835 -4.79 -68.79 27.99
N ASP A 836 -5.64 -69.16 28.95
CA ASP A 836 -6.69 -70.17 28.71
C ASP A 836 -7.72 -69.72 27.65
N ASN A 837 -8.10 -68.45 27.67
CA ASN A 837 -9.02 -67.91 26.68
C ASN A 837 -8.37 -67.55 25.35
N GLY A 838 -7.04 -67.63 25.30
CA GLY A 838 -6.29 -67.46 24.06
C GLY A 838 -5.82 -66.05 23.79
N ASP A 839 -5.63 -65.27 24.85
CA ASP A 839 -5.21 -63.89 24.68
C ASP A 839 -3.74 -63.73 25.01
N LEU A 840 -3.05 -62.96 24.16
CA LEU A 840 -1.70 -62.50 24.47
C LEU A 840 -1.82 -61.17 25.19
N ILE A 841 -1.40 -61.10 26.45
CA ILE A 841 -1.53 -59.87 27.22
C ILE A 841 -0.22 -59.10 27.23
N PHE A 842 -0.29 -57.79 27.03
CA PHE A 842 0.90 -56.91 27.01
C PHE A 842 0.77 -55.79 28.06
N HIS A 843 1.89 -55.40 28.66
CA HIS A 843 1.91 -54.30 29.65
C HIS A 843 2.86 -53.20 29.15
N LYS A 844 2.89 -52.08 29.88
CA LYS A 844 3.85 -51.02 29.60
C LYS A 844 5.26 -51.62 29.55
N THR A 845 5.60 -52.42 30.56
CA THR A 845 6.88 -53.09 30.60
C THR A 845 6.69 -54.58 30.45
N ASN A 846 7.49 -55.20 29.59
CA ASN A 846 7.37 -56.63 29.37
C ASN A 846 8.71 -57.30 29.48
N THR A 847 8.70 -58.50 30.02
CA THR A 847 9.88 -59.34 30.04
C THR A 847 9.55 -60.65 29.29
N PHE A 848 10.02 -60.77 28.03
CA PHE A 848 9.77 -61.95 27.20
C PHE A 848 10.92 -62.93 27.28
N VAL A 849 10.63 -64.19 27.02
CA VAL A 849 11.67 -65.21 27.00
C VAL A 849 11.79 -65.81 25.62
N LYS A 850 13.01 -65.94 25.11
CA LYS A 850 13.24 -66.72 23.89
C LYS A 850 13.02 -68.18 24.19
N GLN A 851 12.75 -68.94 23.15
CA GLN A 851 12.35 -70.31 23.37
C GLN A 851 13.45 -71.13 24.04
N ASP A 852 14.70 -70.91 23.64
CA ASP A 852 15.81 -71.49 24.40
C ASP A 852 16.89 -70.46 24.75
N GLY A 853 17.36 -69.73 23.73
CA GLY A 853 18.46 -68.77 23.80
C GLY A 853 18.61 -67.78 24.95
N THR A 854 17.56 -67.03 25.31
CA THR A 854 17.69 -65.93 26.29
C THR A 854 16.36 -65.38 26.83
N ILE A 855 16.47 -64.44 27.77
CA ILE A 855 15.36 -63.61 28.27
C ILE A 855 15.47 -62.15 27.76
N ILE A 856 14.39 -61.53 27.29
CA ILE A 856 14.47 -60.18 26.68
C ILE A 856 13.49 -59.15 27.26
N ASN A 857 13.95 -57.89 27.37
CA ASN A 857 13.11 -56.77 27.84
C ASN A 857 12.53 -55.95 26.71
N TYR A 858 11.28 -55.51 26.83
CA TYR A 858 10.64 -54.71 25.78
C TYR A 858 9.50 -53.82 26.29
N GLU A 859 9.52 -52.55 25.92
CA GLU A 859 8.49 -51.62 26.34
C GLU A 859 7.48 -51.39 25.19
N MET A 860 6.19 -51.43 25.52
CA MET A 860 5.13 -50.87 24.65
C MET A 860 5.26 -49.35 24.67
N LYS A 861 6.02 -48.86 23.69
CA LYS A 861 6.49 -47.49 23.63
C LYS A 861 6.33 -47.03 22.20
N GLY A 862 5.71 -45.89 21.98
CA GLY A 862 5.75 -45.28 20.66
C GLY A 862 7.19 -44.87 20.35
N SER A 863 7.60 -45.03 19.11
CA SER A 863 8.95 -44.69 18.71
C SER A 863 8.91 -43.77 17.50
N LEU A 864 10.04 -43.13 17.22
CA LEU A 864 10.17 -42.30 16.03
C LEU A 864 11.55 -42.55 15.44
N ASN A 865 11.57 -43.02 14.20
CA ASN A 865 12.82 -43.20 13.44
C ASN A 865 12.45 -43.33 11.95
N ALA A 866 13.45 -43.63 11.10
CA ALA A 866 13.21 -43.70 9.66
C ALA A 866 12.06 -44.67 9.30
N LEU A 867 11.95 -45.78 10.03
CA LEU A 867 10.99 -46.86 9.73
C LEU A 867 9.61 -46.80 10.44
N ILE A 868 9.43 -45.86 11.36
CA ILE A 868 8.13 -45.73 12.03
C ILE A 868 7.95 -44.39 12.74
N SER A 869 6.69 -43.94 12.79
CA SER A 869 6.26 -42.87 13.68
C SER A 869 5.00 -43.37 14.38
N GLY A 870 5.18 -44.23 15.37
CA GLY A 870 4.06 -44.87 16.08
C GLY A 870 4.50 -46.16 16.74
N TYR A 871 3.59 -47.12 16.90
CA TYR A 871 3.96 -48.48 17.30
C TYR A 871 3.67 -49.52 16.23
N LEU A 872 4.48 -50.58 16.19
CA LEU A 872 4.16 -51.80 15.40
C LEU A 872 4.70 -53.09 16.05
N GLY A 873 3.79 -54.02 16.29
CA GLY A 873 4.16 -55.36 16.72
C GLY A 873 3.35 -56.41 15.97
N VAL A 874 4.05 -57.43 15.48
CA VAL A 874 3.40 -58.57 14.83
C VAL A 874 3.86 -59.88 15.47
N TRP A 875 2.90 -60.75 15.78
CA TRP A 875 3.18 -62.03 16.45
C TRP A 875 2.56 -63.21 15.68
N VAL A 876 3.31 -64.32 15.66
CA VAL A 876 2.86 -65.54 14.99
C VAL A 876 3.01 -66.76 15.91
N PRO A 877 2.23 -67.81 15.67
CA PRO A 877 2.43 -69.02 16.44
C PRO A 877 3.76 -69.72 16.08
N VAL A 878 4.46 -70.17 17.12
CA VAL A 878 5.70 -70.90 16.94
C VAL A 878 5.33 -72.26 16.43
N GLY A 879 6.32 -72.96 15.87
CA GLY A 879 6.14 -74.34 15.47
C GLY A 879 5.62 -74.51 14.06
N ALA A 880 5.79 -73.46 13.26
CA ALA A 880 5.33 -73.46 11.91
C ALA A 880 6.27 -74.33 11.04
N SER A 881 5.68 -75.25 10.30
CA SER A 881 6.41 -76.00 9.27
C SER A 881 7.19 -75.10 8.29
N ASP A 882 8.24 -75.64 7.67
CA ASP A 882 9.05 -74.93 6.66
C ASP A 882 8.29 -74.60 5.41
N SER A 883 7.45 -75.53 4.98
CA SER A 883 6.69 -75.35 3.75
C SER A 883 5.24 -75.03 4.05
N GLN A 884 4.95 -74.59 5.28
CA GLN A 884 3.57 -74.31 5.69
C GLN A 884 2.96 -73.26 4.78
N ASP A 885 1.76 -73.57 4.27
CA ASP A 885 1.04 -72.77 3.29
C ASP A 885 -0.41 -72.65 3.70
N ALA A 886 -0.82 -71.44 4.05
CA ALA A 886 -2.16 -71.19 4.58
C ALA A 886 -3.16 -70.75 3.50
N ARG A 887 -2.72 -70.73 2.26
CA ARG A 887 -3.55 -70.25 1.16
C ARG A 887 -4.60 -71.26 0.77
N THR A 888 -5.67 -70.79 0.15
CA THR A 888 -6.73 -71.66 -0.30
C THR A 888 -6.71 -71.69 -1.84
N VAL A 889 -6.69 -72.88 -2.43
CA VAL A 889 -6.68 -72.94 -3.88
C VAL A 889 -8.10 -72.75 -4.41
N ALA A 890 -8.20 -72.15 -5.59
CA ALA A 890 -9.50 -71.86 -6.21
C ALA A 890 -10.08 -73.11 -6.85
N THR A 891 -11.38 -73.34 -6.66
CA THR A 891 -12.04 -74.57 -7.13
C THR A 891 -12.59 -74.50 -8.54
N GLU A 892 -12.56 -75.64 -9.23
CA GLU A 892 -12.99 -75.77 -10.61
C GLU A 892 -14.53 -75.85 -10.78
N SER A 893 -15.24 -76.09 -9.68
CA SER A 893 -16.69 -76.27 -9.72
C SER A 893 -17.41 -74.96 -9.97
N SER A 894 -18.58 -75.03 -10.59
CA SER A 894 -19.44 -73.86 -10.73
C SER A 894 -20.14 -73.63 -9.40
N SER A 895 -19.39 -73.00 -8.50
CA SER A 895 -19.88 -72.63 -7.17
C SER A 895 -21.10 -71.68 -7.25
N SER A 896 -21.08 -70.72 -8.19
CA SER A 896 -22.04 -69.60 -8.18
C SER A 896 -22.83 -69.45 -9.47
N ASN A 897 -24.14 -69.27 -9.30
CA ASN A 897 -25.05 -68.92 -10.38
C ASN A 897 -25.41 -67.43 -10.35
N ASP A 898 -24.72 -66.63 -9.54
CA ASP A 898 -24.94 -65.17 -9.49
C ASP A 898 -24.57 -64.38 -10.78
N GLY A 899 -23.93 -65.05 -11.75
CA GLY A 899 -23.51 -64.45 -13.02
C GLY A 899 -22.11 -63.89 -12.96
N SER A 900 -21.67 -63.54 -11.75
CA SER A 900 -20.47 -62.78 -11.47
C SER A 900 -19.19 -63.55 -11.83
N VAL A 901 -18.12 -62.81 -12.07
CA VAL A 901 -16.81 -63.40 -12.35
C VAL A 901 -16.01 -63.59 -11.05
N PHE A 902 -15.53 -62.50 -10.45
CA PHE A 902 -14.78 -62.63 -9.20
C PHE A 902 -15.66 -62.70 -7.98
N HIS A 903 -15.17 -63.40 -6.95
CA HIS A 903 -15.85 -63.50 -5.67
C HIS A 903 -14.82 -63.32 -4.54
N SER A 904 -15.12 -62.48 -3.56
CA SER A 904 -14.16 -62.29 -2.47
C SER A 904 -14.27 -63.46 -1.52
N ASN A 905 -13.20 -64.24 -1.46
CA ASN A 905 -13.14 -65.39 -0.57
C ASN A 905 -11.69 -65.75 -0.30
N ALA A 906 -11.44 -66.84 0.41
CA ALA A 906 -10.08 -67.20 0.80
C ALA A 906 -9.19 -67.50 -0.37
N ALA A 907 -9.77 -68.02 -1.43
CA ALA A 907 -9.02 -68.29 -2.64
C ALA A 907 -8.54 -67.02 -3.33
N LEU A 908 -9.45 -66.08 -3.55
CA LEU A 908 -9.04 -64.79 -4.10
C LEU A 908 -8.06 -64.09 -3.19
N ASP A 909 -8.28 -64.14 -1.89
CA ASP A 909 -7.36 -63.51 -0.91
C ASP A 909 -5.98 -64.12 -0.91
N SER A 910 -5.83 -65.32 -1.48
CA SER A 910 -4.54 -65.99 -1.59
C SER A 910 -3.65 -65.38 -2.65
N ASN A 911 -4.16 -64.42 -3.39
CA ASN A 911 -3.35 -63.68 -4.37
C ASN A 911 -2.66 -62.44 -3.82
N VAL A 912 -1.58 -62.05 -4.48
CA VAL A 912 -0.90 -60.80 -4.19
C VAL A 912 -0.38 -60.25 -5.50
N ILE A 913 -0.68 -59.01 -5.78
CA ILE A 913 -0.23 -58.38 -6.99
C ILE A 913 1.00 -57.54 -6.67
N TYR A 914 2.00 -57.55 -7.54
CA TYR A 914 3.18 -56.69 -7.38
C TYR A 914 3.23 -55.75 -8.57
N GLU A 915 3.05 -54.46 -8.28
CA GLU A 915 3.14 -53.41 -9.29
C GLU A 915 4.60 -53.09 -9.43
N GLY A 916 5.22 -53.69 -10.44
CA GLY A 916 6.67 -53.84 -10.49
C GLY A 916 7.35 -52.84 -11.39
N PHE A 917 7.12 -51.56 -11.12
CA PHE A 917 7.77 -50.49 -11.86
C PHE A 917 7.47 -49.18 -11.18
N SER A 918 8.27 -48.18 -11.52
CA SER A 918 8.06 -46.81 -11.08
C SER A 918 8.20 -45.91 -12.28
N ASN A 919 7.39 -44.86 -12.28
CA ASN A 919 7.43 -43.92 -13.37
C ASN A 919 8.74 -43.19 -13.45
N PHE A 920 9.50 -43.14 -12.36
CA PHE A 920 10.66 -42.28 -12.28
C PHE A 920 11.98 -43.04 -12.33
N GLN A 921 11.92 -44.28 -12.79
CA GLN A 921 13.12 -45.04 -13.06
C GLN A 921 13.94 -44.32 -14.12
N ALA A 922 15.25 -44.42 -13.98
CA ALA A 922 16.17 -43.94 -15.02
C ALA A 922 16.13 -44.81 -16.27
N MET A 923 16.67 -44.32 -17.38
CA MET A 923 16.79 -45.13 -18.57
C MET A 923 17.94 -46.13 -18.35
N PRO A 924 17.80 -47.36 -18.86
CA PRO A 924 18.87 -48.37 -18.68
C PRO A 924 20.22 -47.91 -19.20
N THR A 925 21.25 -47.94 -18.36
CA THR A 925 22.60 -47.62 -18.79
C THR A 925 23.17 -48.69 -19.75
N SER A 926 22.67 -49.92 -19.65
CA SER A 926 23.10 -51.00 -20.54
C SER A 926 21.96 -51.99 -20.82
N PRO A 927 22.04 -52.72 -21.93
CA PRO A 927 21.03 -53.74 -22.26
C PRO A 927 20.77 -54.75 -21.15
N GLU A 928 21.80 -55.05 -20.38
CA GLU A 928 21.72 -56.10 -19.38
C GLU A 928 20.93 -55.63 -18.18
N GLN A 929 20.87 -54.32 -17.94
CA GLN A 929 20.16 -53.84 -16.76
C GLN A 929 18.73 -53.39 -17.06
N SER A 930 18.21 -53.68 -18.25
CA SER A 930 16.87 -53.26 -18.60
C SER A 930 15.88 -53.98 -17.72
N THR A 931 14.83 -53.28 -17.29
CA THR A 931 13.86 -53.81 -16.31
C THR A 931 13.46 -55.26 -16.61
N ASN A 932 13.02 -55.54 -17.82
CA ASN A 932 12.49 -56.87 -18.16
C ASN A 932 13.56 -57.98 -18.26
N VAL A 933 14.80 -57.60 -18.51
CA VAL A 933 15.92 -58.54 -18.44
C VAL A 933 16.10 -58.95 -16.98
N VAL A 934 16.14 -57.95 -16.10
CA VAL A 934 16.23 -58.16 -14.66
C VAL A 934 15.07 -58.99 -14.14
N ILE A 935 13.86 -58.68 -14.55
CA ILE A 935 12.67 -59.43 -14.09
C ILE A 935 12.83 -60.93 -14.40
N ALA A 936 13.32 -61.25 -15.58
CA ALA A 936 13.54 -62.64 -15.96
C ALA A 936 14.50 -63.34 -15.01
N THR A 937 15.66 -62.75 -14.75
CA THR A 937 16.65 -63.40 -13.87
C THR A 937 16.16 -63.47 -12.41
N LYS A 938 15.31 -62.55 -11.99
CA LYS A 938 14.84 -62.48 -10.59
C LYS A 938 13.44 -63.06 -10.32
N ALA A 939 12.82 -63.71 -11.30
CA ALA A 939 11.44 -64.20 -11.13
C ALA A 939 11.26 -65.05 -9.87
N ASN A 940 12.18 -66.00 -9.66
CA ASN A 940 12.29 -66.78 -8.42
C ASN A 940 11.91 -66.00 -7.16
N LEU A 941 12.55 -64.84 -6.97
CA LEU A 941 12.42 -64.02 -5.74
C LEU A 941 10.98 -63.65 -5.42
N PHE A 942 10.20 -63.40 -6.46
CA PHE A 942 8.80 -62.96 -6.30
C PHE A 942 7.85 -64.14 -6.07
N LYS A 943 8.20 -65.30 -6.59
CA LYS A 943 7.45 -66.54 -6.35
C LYS A 943 7.40 -66.72 -4.85
N GLU A 944 8.57 -66.55 -4.22
CA GLU A 944 8.76 -66.88 -2.79
C GLU A 944 8.30 -65.78 -1.84
N LEU A 945 7.95 -64.62 -2.37
CA LEU A 945 7.20 -63.60 -1.61
C LEU A 945 5.68 -63.76 -1.73
N GLY A 946 5.24 -64.72 -2.57
CA GLY A 946 3.83 -65.08 -2.67
C GLY A 946 3.07 -64.32 -3.73
N ILE A 947 3.79 -63.64 -4.62
CA ILE A 947 3.16 -62.88 -5.68
C ILE A 947 2.53 -63.90 -6.62
N THR A 948 1.26 -63.72 -6.93
CA THR A 948 0.61 -64.59 -7.88
C THR A 948 0.43 -63.91 -9.23
N SER A 949 0.46 -62.56 -9.24
CA SER A 949 0.36 -61.74 -10.48
C SER A 949 1.30 -60.51 -10.47
N PHE A 950 2.05 -60.35 -11.54
CA PHE A 950 3.05 -59.31 -11.65
C PHE A 950 2.52 -58.25 -12.62
N GLU A 951 2.24 -57.07 -12.09
CA GLU A 951 1.77 -55.97 -12.92
C GLU A 951 2.99 -55.28 -13.48
N LEU A 952 3.18 -55.45 -14.79
CA LEU A 952 4.28 -54.83 -15.50
C LEU A 952 3.87 -53.47 -15.99
N ALA A 953 4.87 -52.61 -16.16
CA ALA A 953 4.64 -51.29 -16.73
C ALA A 953 4.00 -51.39 -18.11
N PRO A 954 3.43 -50.26 -18.58
CA PRO A 954 2.93 -50.25 -19.94
C PRO A 954 4.09 -50.31 -20.91
N GLN A 955 4.04 -51.29 -21.81
CA GLN A 955 5.20 -51.65 -22.62
C GLN A 955 5.32 -50.89 -23.94
N TYR A 956 4.52 -49.86 -24.12
CA TYR A 956 4.31 -49.25 -25.43
C TYR A 956 5.41 -48.23 -25.69
N ARG A 957 5.74 -48.00 -26.97
CA ARG A 957 6.87 -47.16 -27.29
C ARG A 957 6.56 -45.73 -26.97
N SER A 958 7.43 -45.11 -26.18
CA SER A 958 7.21 -43.77 -25.68
C SER A 958 7.24 -42.77 -26.80
N SER A 959 6.36 -41.78 -26.69
CA SER A 959 6.33 -40.68 -27.60
C SER A 959 7.49 -39.76 -27.31
N GLY A 960 8.06 -39.87 -26.11
CA GLY A 960 9.36 -39.27 -25.84
C GLY A 960 9.36 -37.75 -25.79
N ASP A 961 10.34 -37.13 -26.46
CA ASP A 961 10.45 -35.68 -26.53
C ASP A 961 9.66 -35.07 -27.68
N THR A 962 9.12 -35.89 -28.57
CA THR A 962 8.27 -35.41 -29.65
C THR A 962 7.04 -34.66 -29.12
N ASN A 963 6.76 -33.49 -29.69
CA ASN A 963 5.76 -32.58 -29.17
C ASN A 963 5.33 -31.62 -30.27
N TYR A 964 4.12 -31.79 -30.77
CA TYR A 964 3.71 -31.02 -31.93
C TYR A 964 3.17 -29.63 -31.60
N GLY A 965 2.68 -29.45 -30.39
CA GLY A 965 2.39 -28.12 -29.86
C GLY A 965 1.82 -28.36 -28.48
N GLY A 966 1.67 -27.30 -27.70
CA GLY A 966 1.02 -27.44 -26.40
C GLY A 966 1.93 -28.09 -25.40
N MET A 967 1.39 -28.37 -24.20
CA MET A 967 2.25 -28.77 -23.09
C MET A 967 2.66 -30.25 -23.17
N SER A 968 3.96 -30.48 -23.07
CA SER A 968 4.52 -31.81 -22.96
C SER A 968 4.16 -32.39 -21.58
N PHE A 969 4.03 -33.71 -21.45
CA PHE A 969 3.73 -34.31 -20.13
C PHE A 969 4.82 -35.26 -19.66
N LEU A 970 4.94 -35.45 -18.35
CA LEU A 970 6.08 -36.22 -17.83
C LEU A 970 6.11 -37.69 -18.25
N ASP A 971 4.92 -38.29 -18.41
CA ASP A 971 4.81 -39.63 -18.97
C ASP A 971 5.61 -39.74 -20.25
N SER A 972 5.60 -38.67 -21.04
CA SER A 972 6.20 -38.68 -22.35
C SER A 972 7.68 -38.50 -22.25
N PHE A 973 8.12 -37.48 -21.53
CA PHE A 973 9.56 -37.22 -21.52
C PHE A 973 10.33 -38.09 -20.54
N LEU A 974 9.62 -38.77 -19.64
CA LEU A 974 10.25 -39.82 -18.83
C LEU A 974 10.09 -41.24 -19.42
N ASN A 975 9.48 -41.35 -20.59
CA ASN A 975 9.41 -42.62 -21.32
C ASN A 975 8.81 -43.78 -20.53
N ASN A 976 7.87 -43.47 -19.65
CA ASN A 976 7.35 -44.51 -18.79
C ASN A 976 6.37 -45.43 -19.53
N GLY A 977 5.89 -45.01 -20.69
CA GLY A 977 5.04 -45.88 -21.49
C GLY A 977 3.55 -45.56 -21.42
N TYR A 978 3.14 -44.69 -20.50
CA TYR A 978 1.77 -44.17 -20.51
C TYR A 978 1.53 -43.14 -21.64
N ALA A 979 2.60 -42.57 -22.17
CA ALA A 979 2.51 -41.72 -23.33
C ALA A 979 3.20 -42.40 -24.49
N PHE A 980 2.42 -42.71 -25.53
CA PHE A 980 2.91 -43.49 -26.65
C PHE A 980 2.30 -43.04 -27.97
N THR A 981 3.07 -43.27 -29.04
CA THR A 981 2.66 -42.96 -30.42
C THR A 981 2.06 -44.19 -31.11
N ASP A 982 2.68 -45.35 -30.90
CA ASP A 982 2.28 -46.61 -31.55
C ASP A 982 1.83 -47.59 -30.48
N ARG A 983 0.56 -48.01 -30.54
CA ARG A 983 0.00 -48.85 -29.48
C ARG A 983 0.46 -50.30 -29.55
N TYR A 984 0.91 -50.73 -30.72
CA TYR A 984 1.31 -52.11 -30.92
C TYR A 984 2.82 -52.30 -30.93
N ASP A 985 3.59 -51.21 -30.88
CA ASP A 985 5.05 -51.31 -30.81
C ASP A 985 5.48 -51.40 -29.35
N LEU A 986 5.87 -52.61 -28.93
CA LEU A 986 6.26 -52.87 -27.53
C LEU A 986 7.77 -53.06 -27.36
N GLY A 987 8.55 -52.58 -28.33
CA GLY A 987 9.99 -52.69 -28.25
C GLY A 987 10.63 -53.38 -29.44
N PHE A 988 9.92 -53.41 -30.57
CA PHE A 988 10.45 -54.04 -31.74
C PHE A 988 11.64 -53.27 -32.27
N ASN A 989 12.44 -53.96 -33.04
CA ASN A 989 13.57 -53.33 -33.68
C ASN A 989 13.17 -52.35 -34.78
N LYS A 990 14.07 -51.44 -35.11
CA LYS A 990 13.89 -50.58 -36.27
C LYS A 990 13.83 -51.51 -37.48
N ALA A 991 13.25 -51.04 -38.58
CA ALA A 991 13.17 -51.87 -39.78
C ALA A 991 14.56 -52.08 -40.39
N ASP A 992 15.52 -51.20 -40.08
CA ASP A 992 16.91 -51.38 -40.49
C ASP A 992 17.63 -52.53 -39.75
N GLY A 993 16.93 -53.17 -38.82
CA GLY A 993 17.43 -54.34 -38.15
C GLY A 993 17.91 -54.02 -36.76
N ASN A 994 18.22 -52.75 -36.52
CA ASN A 994 18.84 -52.36 -35.26
C ASN A 994 17.88 -52.42 -34.09
N PRO A 995 18.41 -52.74 -32.89
CA PRO A 995 17.60 -52.74 -31.68
C PRO A 995 17.01 -51.38 -31.41
N ASN A 996 15.83 -51.40 -30.79
CA ASN A 996 15.11 -50.18 -30.45
C ASN A 996 14.26 -50.46 -29.23
N PRO A 997 14.91 -50.72 -28.09
CA PRO A 997 14.14 -51.11 -26.90
C PRO A 997 13.30 -49.98 -26.39
N THR A 998 12.25 -50.29 -25.62
CA THR A 998 11.56 -49.28 -24.85
C THR A 998 12.46 -48.98 -23.67
N LYS A 999 11.94 -48.27 -22.69
CA LYS A 999 12.65 -48.08 -21.42
C LYS A 999 12.91 -49.40 -20.70
N TYR A 1000 12.05 -50.38 -20.98
CA TYR A 1000 12.05 -51.65 -20.26
C TYR A 1000 12.67 -52.81 -21.07
N GLY A 1001 12.95 -52.60 -22.35
CA GLY A 1001 13.70 -53.57 -23.14
C GLY A 1001 12.96 -53.93 -24.40
N THR A 1002 13.56 -54.81 -25.21
CA THR A 1002 12.99 -55.20 -26.50
C THR A 1002 11.77 -56.06 -26.29
N ASP A 1003 11.13 -56.39 -27.41
CA ASP A 1003 9.98 -57.30 -27.39
C ASP A 1003 10.40 -58.69 -26.95
N GLN A 1004 11.59 -59.14 -27.34
CA GLN A 1004 12.11 -60.42 -26.88
C GLN A 1004 12.30 -60.40 -25.37
N ASP A 1005 12.86 -59.30 -24.86
CA ASP A 1005 13.10 -59.16 -23.42
C ASP A 1005 11.78 -59.31 -22.66
N LEU A 1006 10.71 -58.76 -23.24
CA LEU A 1006 9.39 -58.83 -22.64
C LEU A 1006 8.82 -60.26 -22.66
N ARG A 1007 8.90 -60.92 -23.80
CA ARG A 1007 8.39 -62.29 -23.89
C ARG A 1007 9.15 -63.22 -22.96
N ASN A 1008 10.46 -62.99 -22.82
CA ASN A 1008 11.27 -63.80 -21.90
C ASN A 1008 10.89 -63.51 -20.46
N ALA A 1009 10.64 -62.23 -20.16
CA ALA A 1009 10.18 -61.82 -18.84
C ALA A 1009 8.81 -62.45 -18.48
N ILE A 1010 7.89 -62.48 -19.42
CA ILE A 1010 6.57 -63.07 -19.18
C ILE A 1010 6.66 -64.59 -18.99
N GLU A 1011 7.45 -65.26 -19.84
CA GLU A 1011 7.62 -66.70 -19.73
C GLU A 1011 8.23 -67.03 -18.38
N ALA A 1012 9.28 -66.31 -18.01
CA ALA A 1012 9.93 -66.53 -16.73
C ALA A 1012 8.95 -66.43 -15.55
N LEU A 1013 7.96 -65.55 -15.64
CA LEU A 1013 6.96 -65.42 -14.58
C LEU A 1013 6.01 -66.62 -14.57
N HIS A 1014 5.70 -67.16 -15.75
CA HIS A 1014 4.87 -68.35 -15.81
C HIS A 1014 5.62 -69.59 -15.33
N LYS A 1015 6.89 -69.72 -15.73
CA LYS A 1015 7.78 -70.74 -15.17
C LYS A 1015 7.79 -70.71 -13.63
N ASN A 1016 7.61 -69.53 -13.04
CA ASN A 1016 7.55 -69.37 -11.59
C ASN A 1016 6.13 -69.17 -11.03
N GLY A 1017 5.14 -69.65 -11.78
CA GLY A 1017 3.77 -69.72 -11.31
C GLY A 1017 3.10 -68.38 -11.09
N MET A 1018 3.57 -67.33 -11.75
CA MET A 1018 2.96 -66.01 -11.64
C MET A 1018 2.37 -65.54 -12.95
N GLN A 1019 1.32 -64.74 -12.84
CA GLN A 1019 0.67 -64.12 -14.00
C GLN A 1019 1.32 -62.80 -14.37
N ALA A 1020 1.10 -62.37 -15.61
CA ALA A 1020 1.59 -61.09 -16.09
C ALA A 1020 0.42 -60.22 -16.51
N ILE A 1021 0.37 -58.99 -15.98
CA ILE A 1021 -0.73 -58.06 -16.27
C ILE A 1021 -0.29 -57.01 -17.28
N ALA A 1022 -1.12 -56.85 -18.30
CA ALA A 1022 -0.86 -55.87 -19.33
C ALA A 1022 -1.56 -54.59 -18.99
N ASP A 1023 -0.87 -53.46 -19.16
CA ASP A 1023 -1.51 -52.17 -18.90
C ASP A 1023 -2.31 -51.76 -20.16
N TRP A 1024 -3.64 -51.81 -20.08
CA TRP A 1024 -4.54 -51.43 -21.19
C TRP A 1024 -4.88 -49.95 -21.11
N VAL A 1025 -4.45 -49.19 -22.11
CA VAL A 1025 -4.50 -47.71 -22.08
C VAL A 1025 -5.32 -47.19 -23.26
N PRO A 1026 -6.64 -47.32 -23.15
CA PRO A 1026 -7.46 -46.95 -24.26
C PRO A 1026 -7.84 -45.47 -24.33
N ASP A 1027 -7.57 -44.69 -23.28
CA ASP A 1027 -8.07 -43.32 -23.25
C ASP A 1027 -7.42 -42.41 -24.27
N GLN A 1028 -6.11 -42.52 -24.49
CA GLN A 1028 -5.45 -41.60 -25.41
C GLN A 1028 -4.20 -42.11 -26.15
N ILE A 1029 -3.71 -41.28 -27.07
CA ILE A 1029 -2.50 -41.54 -27.80
C ILE A 1029 -1.78 -40.17 -28.06
N TYR A 1030 -0.46 -40.17 -28.03
CA TYR A 1030 0.32 -38.94 -28.12
C TYR A 1030 0.98 -38.76 -29.48
N ALA A 1031 1.33 -37.51 -29.79
CA ALA A 1031 2.29 -37.20 -30.84
C ALA A 1031 2.03 -37.92 -32.16
N LEU A 1032 0.89 -37.61 -32.77
CA LEU A 1032 0.54 -38.10 -34.12
C LEU A 1032 1.08 -37.13 -35.20
N PRO A 1033 1.86 -37.63 -36.18
CA PRO A 1033 2.65 -36.73 -37.02
C PRO A 1033 1.88 -35.98 -38.11
N GLY A 1034 0.66 -36.41 -38.42
CA GLY A 1034 -0.06 -35.82 -39.53
C GLY A 1034 -1.13 -34.85 -39.06
N LYS A 1035 -1.26 -33.73 -39.76
CA LYS A 1035 -2.20 -32.67 -39.40
C LYS A 1035 -3.52 -32.78 -40.16
N GLU A 1036 -4.61 -32.36 -39.50
CA GLU A 1036 -5.91 -32.22 -40.12
C GLU A 1036 -6.54 -30.94 -39.60
N VAL A 1037 -7.62 -30.50 -40.26
CA VAL A 1037 -8.35 -29.32 -39.80
C VAL A 1037 -9.62 -29.79 -39.13
N VAL A 1038 -9.72 -29.54 -37.83
CA VAL A 1038 -10.92 -29.89 -37.08
C VAL A 1038 -11.73 -28.66 -36.75
N THR A 1039 -12.99 -28.90 -36.40
CA THR A 1039 -13.86 -27.87 -35.86
C THR A 1039 -13.93 -28.07 -34.37
N ALA A 1040 -13.53 -27.06 -33.62
CA ALA A 1040 -13.22 -27.27 -32.23
C ALA A 1040 -13.79 -26.22 -31.30
N THR A 1041 -14.20 -26.68 -30.14
CA THR A 1041 -14.72 -25.84 -29.08
C THR A 1041 -13.86 -26.02 -27.81
N ARG A 1042 -13.56 -24.93 -27.10
CA ARG A 1042 -12.80 -24.97 -25.85
C ARG A 1042 -13.65 -25.48 -24.68
N VAL A 1043 -13.15 -26.49 -24.00
CA VAL A 1043 -13.93 -27.23 -23.01
C VAL A 1043 -13.09 -27.58 -21.80
N ASP A 1044 -13.79 -27.86 -20.69
CA ASP A 1044 -13.16 -28.38 -19.46
C ASP A 1044 -13.07 -29.90 -19.56
N GLU A 1045 -12.53 -30.54 -18.52
CA GLU A 1045 -12.35 -31.99 -18.53
C GLU A 1045 -13.61 -32.80 -18.94
N ARG A 1046 -14.77 -32.28 -18.58
CA ARG A 1046 -16.05 -32.94 -18.84
C ARG A 1046 -16.64 -32.66 -20.20
N GLY A 1047 -15.91 -31.92 -21.02
CA GLY A 1047 -16.38 -31.58 -22.36
C GLY A 1047 -17.45 -30.52 -22.34
N ASN A 1048 -17.51 -29.73 -21.28
CA ASN A 1048 -18.42 -28.60 -21.20
C ASN A 1048 -17.72 -27.34 -21.64
N GLN A 1049 -18.37 -26.57 -22.48
CA GLN A 1049 -17.80 -25.36 -23.04
C GLN A 1049 -17.42 -24.44 -21.91
N LEU A 1050 -16.27 -23.78 -21.99
CA LEU A 1050 -15.89 -22.79 -20.96
C LEU A 1050 -16.90 -21.64 -20.98
N LYS A 1051 -17.22 -21.03 -19.83
CA LYS A 1051 -18.34 -20.05 -19.81
C LYS A 1051 -18.02 -18.74 -20.53
N ASP A 1052 -16.77 -18.29 -20.44
CA ASP A 1052 -16.41 -17.02 -20.99
C ASP A 1052 -15.51 -17.15 -22.21
N THR A 1053 -15.87 -18.03 -23.14
CA THR A 1053 -15.00 -18.29 -24.27
C THR A 1053 -15.70 -17.95 -25.57
N ASP A 1054 -14.92 -17.35 -26.45
CA ASP A 1054 -15.36 -17.13 -27.80
C ASP A 1054 -14.82 -18.25 -28.68
N PHE A 1055 -14.00 -19.16 -28.14
CA PHE A 1055 -13.49 -20.29 -28.95
C PHE A 1055 -14.57 -21.37 -29.06
N VAL A 1056 -15.45 -21.23 -30.02
CA VAL A 1056 -16.54 -22.17 -30.22
C VAL A 1056 -16.67 -22.47 -31.71
N ASN A 1057 -16.72 -23.75 -32.04
CA ASN A 1057 -16.79 -24.24 -33.41
C ASN A 1057 -15.82 -23.57 -34.37
N LEU A 1058 -14.60 -23.29 -33.92
CA LEU A 1058 -13.58 -22.69 -34.78
C LEU A 1058 -12.71 -23.71 -35.46
N LEU A 1059 -12.17 -23.34 -36.61
CA LEU A 1059 -11.31 -24.24 -37.35
C LEU A 1059 -9.94 -24.15 -36.74
N TYR A 1060 -9.33 -25.32 -36.62
CA TYR A 1060 -8.11 -25.50 -35.86
C TYR A 1060 -7.30 -26.58 -36.55
N VAL A 1061 -5.98 -26.40 -36.58
CA VAL A 1061 -5.10 -27.43 -37.11
C VAL A 1061 -4.64 -28.25 -35.94
N ALA A 1062 -5.01 -29.53 -35.94
CA ALA A 1062 -4.63 -30.48 -34.89
C ALA A 1062 -3.68 -31.53 -35.45
N ASN A 1063 -2.93 -32.20 -34.58
CA ASN A 1063 -2.13 -33.36 -34.97
C ASN A 1063 -2.85 -34.64 -34.59
N THR A 1064 -3.57 -35.23 -35.56
CA THR A 1064 -4.52 -36.32 -35.29
C THR A 1064 -4.31 -37.59 -36.12
N LYS A 1065 -3.40 -37.54 -37.08
CA LYS A 1065 -3.28 -38.62 -38.05
C LYS A 1065 -1.99 -39.40 -37.78
N SER A 1066 -2.14 -40.72 -37.68
CA SER A 1066 -1.03 -41.65 -37.44
C SER A 1066 -0.14 -41.78 -38.67
N SER A 1067 1.07 -42.32 -38.50
CA SER A 1067 2.02 -42.46 -39.63
C SER A 1067 1.50 -43.38 -40.72
N GLY A 1068 0.68 -44.34 -40.35
CA GLY A 1068 0.09 -45.27 -41.29
C GLY A 1068 1.05 -46.32 -41.82
N VAL A 1069 2.30 -46.30 -41.34
CA VAL A 1069 3.32 -47.26 -41.74
C VAL A 1069 4.00 -47.81 -40.47
N ASP A 1070 3.23 -47.84 -39.39
CA ASP A 1070 3.72 -48.22 -38.06
C ASP A 1070 3.15 -49.60 -37.71
N TYR A 1071 3.30 -50.02 -36.45
CA TYR A 1071 2.75 -51.32 -36.04
C TYR A 1071 1.23 -51.27 -35.83
N GLN A 1072 0.67 -50.08 -35.60
CA GLN A 1072 -0.77 -49.92 -35.61
C GLN A 1072 -1.36 -50.25 -36.98
N ALA A 1073 -0.59 -49.99 -38.02
CA ALA A 1073 -0.99 -50.30 -39.39
C ALA A 1073 -0.82 -51.78 -39.69
N LYS A 1074 0.29 -52.36 -39.27
CA LYS A 1074 0.48 -53.79 -39.43
C LYS A 1074 -0.63 -54.60 -38.73
N TYR A 1075 -0.78 -54.43 -37.41
CA TYR A 1075 -1.66 -55.29 -36.64
C TYR A 1075 -3.10 -54.77 -36.43
N GLY A 1076 -3.38 -53.53 -36.83
CA GLY A 1076 -4.71 -52.95 -36.63
C GLY A 1076 -5.82 -53.80 -37.22
N GLY A 1077 -6.86 -54.07 -36.44
CA GLY A 1077 -8.04 -54.82 -36.91
C GLY A 1077 -7.88 -56.26 -37.43
N GLU A 1078 -6.65 -56.79 -37.43
CA GLU A 1078 -6.34 -58.06 -38.13
C GLU A 1078 -7.09 -59.25 -37.56
N PHE A 1079 -7.19 -59.25 -36.24
CA PHE A 1079 -7.64 -60.43 -35.51
C PHE A 1079 -9.15 -60.43 -35.30
N LEU A 1080 -9.84 -59.39 -35.76
CA LEU A 1080 -11.29 -59.27 -35.55
C LEU A 1080 -12.07 -60.29 -36.37
N ASP A 1081 -11.62 -60.53 -37.60
CA ASP A 1081 -12.34 -61.41 -38.48
C ASP A 1081 -12.26 -62.83 -37.95
N LYS A 1082 -11.06 -63.23 -37.55
CA LYS A 1082 -10.84 -64.50 -36.89
C LYS A 1082 -11.79 -64.65 -35.68
N LEU A 1083 -11.90 -63.60 -34.88
CA LEU A 1083 -12.70 -63.63 -33.66
C LEU A 1083 -14.19 -63.57 -33.86
N ARG A 1084 -14.65 -62.90 -34.93
CA ARG A 1084 -16.09 -62.83 -35.21
C ARG A 1084 -16.61 -64.20 -35.64
N GLU A 1085 -15.81 -64.85 -36.50
CA GLU A 1085 -16.04 -66.22 -36.91
C GLU A 1085 -16.15 -67.14 -35.68
N GLU A 1086 -15.20 -67.02 -34.77
CA GLU A 1086 -15.14 -67.93 -33.62
C GLU A 1086 -16.11 -67.66 -32.46
N TYR A 1087 -16.46 -66.41 -32.21
CA TYR A 1087 -17.33 -66.10 -31.04
C TYR A 1087 -18.38 -65.08 -31.43
N PRO A 1088 -19.32 -65.46 -32.29
CA PRO A 1088 -20.21 -64.48 -32.90
C PRO A 1088 -20.89 -63.51 -31.94
N SER A 1089 -21.28 -64.00 -30.76
CA SER A 1089 -22.05 -63.21 -29.81
C SER A 1089 -21.36 -61.91 -29.35
N LEU A 1090 -20.03 -61.94 -29.23
CA LEU A 1090 -19.28 -60.72 -28.92
C LEU A 1090 -19.58 -59.58 -29.86
N PHE A 1091 -19.77 -59.91 -31.14
CA PHE A 1091 -19.94 -58.90 -32.15
C PHE A 1091 -21.42 -58.56 -32.38
N LYS A 1092 -22.31 -59.36 -31.81
CA LYS A 1092 -23.76 -59.14 -31.87
C LYS A 1092 -24.36 -58.50 -30.62
N GLN A 1093 -23.67 -58.63 -29.50
CA GLN A 1093 -24.13 -58.07 -28.23
C GLN A 1093 -24.15 -56.55 -28.22
N ASN A 1094 -25.26 -55.95 -27.80
CA ASN A 1094 -25.33 -54.49 -27.69
C ASN A 1094 -24.63 -53.93 -26.46
N GLN A 1095 -23.96 -52.80 -26.66
CA GLN A 1095 -23.37 -52.03 -25.58
C GLN A 1095 -24.38 -51.01 -25.03
N VAL A 1096 -24.16 -50.59 -23.80
CA VAL A 1096 -25.15 -49.80 -23.09
C VAL A 1096 -25.25 -48.37 -23.59
N SER A 1097 -24.07 -47.74 -23.67
CA SER A 1097 -23.98 -46.32 -23.92
C SER A 1097 -24.43 -45.93 -25.33
N THR A 1098 -24.30 -46.88 -26.27
CA THR A 1098 -24.57 -46.64 -27.68
C THR A 1098 -25.88 -47.29 -28.16
N GLY A 1099 -26.35 -48.33 -27.48
CA GLY A 1099 -27.44 -49.17 -27.99
C GLY A 1099 -27.02 -50.05 -29.16
N GLN A 1100 -25.73 -50.03 -29.49
CA GLN A 1100 -25.19 -50.69 -30.67
C GLN A 1100 -24.20 -51.74 -30.25
N PRO A 1101 -23.98 -52.73 -31.10
CA PRO A 1101 -22.87 -53.61 -30.88
C PRO A 1101 -21.60 -53.00 -31.47
N ILE A 1102 -20.47 -53.55 -31.12
CA ILE A 1102 -19.22 -53.14 -31.74
C ILE A 1102 -19.25 -53.41 -33.25
N ASP A 1103 -18.51 -52.61 -34.01
CA ASP A 1103 -18.54 -52.63 -35.48
C ASP A 1103 -17.16 -52.95 -36.01
N ALA A 1104 -16.98 -54.21 -36.40
CA ALA A 1104 -15.73 -54.65 -36.99
C ALA A 1104 -15.72 -54.54 -38.52
N SER A 1105 -16.76 -53.94 -39.11
CA SER A 1105 -16.84 -53.78 -40.56
C SER A 1105 -15.78 -52.81 -41.09
N THR A 1106 -15.20 -52.02 -40.19
CA THR A 1106 -14.16 -51.08 -40.53
C THR A 1106 -12.96 -51.27 -39.61
N LYS A 1107 -11.78 -51.38 -40.22
CA LYS A 1107 -10.56 -51.62 -39.47
C LYS A 1107 -9.78 -50.31 -39.27
N ILE A 1108 -9.12 -50.14 -38.11
CA ILE A 1108 -8.29 -48.95 -37.90
C ILE A 1108 -6.78 -49.27 -38.00
N LYS A 1109 -6.21 -49.01 -39.17
CA LYS A 1109 -4.76 -49.13 -39.39
C LYS A 1109 -4.06 -47.77 -39.22
N GLN A 1110 -4.84 -46.70 -39.34
CA GLN A 1110 -4.33 -45.34 -39.18
C GLN A 1110 -5.35 -44.45 -38.48
N TRP A 1111 -4.93 -43.89 -37.37
CA TRP A 1111 -5.74 -42.95 -36.62
C TRP A 1111 -5.92 -41.64 -37.36
N SER A 1112 -7.04 -40.98 -37.08
CA SER A 1112 -7.31 -39.65 -37.60
C SER A 1112 -8.34 -39.01 -36.71
N ALA A 1113 -8.59 -37.73 -36.95
CA ALA A 1113 -9.43 -36.93 -36.06
C ALA A 1113 -10.85 -37.46 -35.86
N LYS A 1114 -11.41 -38.11 -36.88
CA LYS A 1114 -12.80 -38.61 -36.78
C LYS A 1114 -12.98 -39.65 -35.68
N TYR A 1115 -11.88 -40.24 -35.24
CA TYR A 1115 -11.95 -41.18 -34.15
C TYR A 1115 -11.60 -40.56 -32.80
N MET A 1116 -11.44 -39.25 -32.73
CA MET A 1116 -11.02 -38.60 -31.47
C MET A 1116 -12.09 -37.68 -30.93
N ASN A 1117 -12.17 -37.57 -29.61
CA ASN A 1117 -13.06 -36.62 -28.95
C ASN A 1117 -12.44 -35.23 -28.93
N GLY A 1118 -11.11 -35.17 -28.77
CA GLY A 1118 -10.38 -33.92 -28.86
C GLY A 1118 -8.89 -34.01 -28.61
N THR A 1119 -8.35 -32.93 -28.07
CA THR A 1119 -6.93 -32.80 -27.79
C THR A 1119 -6.74 -31.76 -26.69
N ASN A 1120 -5.59 -31.81 -26.05
CA ASN A 1120 -5.15 -30.66 -25.30
C ASN A 1120 -4.87 -29.50 -26.25
N ILE A 1121 -5.00 -28.28 -25.78
CA ILE A 1121 -4.70 -27.13 -26.59
C ILE A 1121 -3.25 -27.18 -27.10
N LEU A 1122 -3.06 -26.86 -28.39
CA LEU A 1122 -1.76 -26.96 -29.07
C LEU A 1122 -1.03 -25.65 -29.33
N HIS A 1123 -1.52 -24.57 -28.73
CA HIS A 1123 -0.84 -23.29 -28.77
C HIS A 1123 -0.68 -22.71 -30.16
N ARG A 1124 -1.65 -22.98 -31.03
CA ARG A 1124 -1.55 -22.53 -32.40
C ARG A 1124 -2.35 -21.27 -32.69
N GLY A 1125 -3.43 -21.09 -31.91
CA GLY A 1125 -4.31 -19.94 -32.01
C GLY A 1125 -5.70 -20.30 -32.51
N ALA A 1126 -6.67 -19.48 -32.14
CA ALA A 1126 -8.05 -19.61 -32.60
C ALA A 1126 -8.23 -19.42 -34.13
N TYR A 1127 -7.37 -18.58 -34.70
CA TYR A 1127 -7.47 -18.23 -36.12
C TYR A 1127 -6.13 -18.38 -36.83
N TYR A 1128 -5.45 -19.48 -36.54
CA TYR A 1128 -4.29 -19.93 -37.30
C TYR A 1128 -4.78 -20.39 -38.68
N VAL A 1129 -5.99 -20.91 -38.72
CA VAL A 1129 -6.67 -21.25 -39.95
C VAL A 1129 -7.32 -19.98 -40.45
N LEU A 1130 -6.96 -19.57 -41.67
CA LEU A 1130 -7.23 -18.21 -42.13
C LEU A 1130 -8.63 -18.02 -42.65
N LYS A 1131 -9.13 -16.83 -42.36
CA LYS A 1131 -10.52 -16.48 -42.46
C LYS A 1131 -10.68 -15.01 -42.91
N ASP A 1132 -11.74 -14.70 -43.66
CA ASP A 1132 -12.06 -13.33 -44.05
C ASP A 1132 -13.01 -12.71 -43.03
N TRP A 1133 -12.69 -11.57 -42.45
CA TRP A 1133 -13.52 -11.06 -41.34
C TRP A 1133 -14.89 -10.59 -41.80
N ALA A 1134 -14.97 -10.16 -43.06
CA ALA A 1134 -16.19 -9.60 -43.62
C ALA A 1134 -17.33 -10.59 -43.81
N THR A 1135 -17.04 -11.75 -44.42
CA THR A 1135 -18.04 -12.82 -44.63
C THR A 1135 -17.98 -13.92 -43.57
N ASN A 1136 -16.86 -13.93 -42.84
CA ASN A 1136 -16.51 -14.99 -41.89
C ASN A 1136 -16.30 -16.35 -42.54
N GLN A 1137 -16.06 -16.36 -43.84
CA GLN A 1137 -15.78 -17.59 -44.55
C GLN A 1137 -14.28 -17.81 -44.54
N TYR A 1138 -13.90 -19.07 -44.41
CA TYR A 1138 -12.51 -19.43 -44.34
C TYR A 1138 -11.99 -19.66 -45.77
N PHE A 1139 -10.73 -19.35 -46.00
CA PHE A 1139 -10.17 -19.53 -47.32
C PHE A 1139 -9.91 -21.01 -47.55
N ASN A 1140 -10.12 -21.43 -48.80
CA ASN A 1140 -9.92 -22.81 -49.22
C ASN A 1140 -9.58 -22.96 -50.72
N ILE A 1141 -8.82 -24.01 -51.05
CA ILE A 1141 -8.37 -24.28 -52.43
C ILE A 1141 -8.38 -25.77 -52.82
N ALA A 1142 -9.09 -26.59 -52.05
CA ALA A 1142 -9.11 -28.05 -52.28
C ALA A 1142 -9.70 -28.41 -53.64
N LYS A 1143 -10.90 -27.88 -53.86
CA LYS A 1143 -11.65 -28.18 -55.04
C LYS A 1143 -11.90 -26.90 -55.78
N THR A 1144 -11.46 -26.88 -57.04
CA THR A 1144 -11.54 -25.71 -57.90
C THR A 1144 -12.98 -25.17 -58.14
N ASN A 1145 -13.98 -26.01 -57.87
CA ASN A 1145 -15.40 -25.59 -57.94
C ASN A 1145 -15.90 -24.70 -56.78
N GLU A 1146 -15.14 -24.64 -55.69
CA GLU A 1146 -15.59 -23.93 -54.50
C GLU A 1146 -14.42 -23.20 -53.84
N VAL A 1147 -13.59 -22.56 -54.66
CA VAL A 1147 -12.38 -21.84 -54.19
C VAL A 1147 -12.78 -20.55 -53.53
N PHE A 1148 -12.08 -20.18 -52.46
CA PHE A 1148 -12.29 -18.89 -51.84
C PHE A 1148 -10.91 -18.38 -51.44
N LEU A 1149 -10.48 -17.30 -52.09
CA LEU A 1149 -9.23 -16.64 -51.78
C LEU A 1149 -9.42 -15.13 -51.72
N PRO A 1150 -8.45 -14.43 -51.13
CA PRO A 1150 -8.45 -12.99 -51.26
C PRO A 1150 -8.31 -12.64 -52.72
N LEU A 1151 -8.90 -11.53 -53.10
CA LEU A 1151 -8.91 -11.17 -54.49
C LEU A 1151 -7.53 -10.75 -55.01
N GLN A 1152 -6.65 -10.26 -54.15
CA GLN A 1152 -5.26 -9.90 -54.53
C GLN A 1152 -4.50 -11.08 -55.14
N LEU A 1153 -4.76 -12.26 -54.59
CA LEU A 1153 -4.04 -13.45 -54.98
C LEU A 1153 -4.59 -14.00 -56.29
N GLN A 1154 -5.81 -13.62 -56.61
CA GLN A 1154 -6.38 -13.98 -57.90
C GLN A 1154 -6.25 -12.89 -58.96
N ASN A 1155 -5.37 -11.92 -58.72
CA ASN A 1155 -5.23 -10.74 -59.58
C ASN A 1155 -6.56 -10.11 -59.94
N LYS A 1156 -7.39 -9.88 -58.93
CA LYS A 1156 -8.56 -9.04 -59.06
C LYS A 1156 -8.35 -7.88 -58.13
N ASP A 1157 -9.25 -6.91 -58.22
CA ASP A 1157 -9.10 -5.70 -57.45
C ASP A 1157 -9.76 -5.85 -56.11
N ALA A 1158 -8.98 -5.73 -55.06
CA ALA A 1158 -9.51 -5.84 -53.72
C ALA A 1158 -9.65 -4.45 -53.16
N GLN A 1159 -10.88 -4.04 -52.90
CA GLN A 1159 -11.09 -2.73 -52.35
C GLN A 1159 -11.35 -2.90 -50.91
N THR A 1160 -10.78 -2.01 -50.09
CA THR A 1160 -10.92 -2.15 -48.66
C THR A 1160 -11.17 -0.82 -47.99
N GLY A 1161 -12.05 -0.81 -47.01
CA GLY A 1161 -12.32 0.39 -46.23
C GLY A 1161 -13.79 0.62 -46.01
N PHE A 1162 -14.10 1.73 -45.37
CA PHE A 1162 -15.45 2.13 -45.09
C PHE A 1162 -15.92 3.08 -46.18
N ILE A 1163 -17.13 2.90 -46.65
CA ILE A 1163 -17.68 3.81 -47.62
C ILE A 1163 -19.13 4.12 -47.28
N SER A 1164 -19.49 5.41 -47.30
CA SER A 1164 -20.86 5.80 -47.06
C SER A 1164 -21.65 5.84 -48.37
N ASP A 1165 -22.95 5.57 -48.25
CA ASP A 1165 -23.91 5.81 -49.32
C ASP A 1165 -25.23 6.31 -48.72
N ALA A 1166 -26.25 6.54 -49.54
CA ALA A 1166 -27.46 7.18 -49.04
C ALA A 1166 -28.11 6.38 -47.95
N SER A 1167 -27.99 5.06 -48.00
CA SER A 1167 -28.55 4.18 -46.97
C SER A 1167 -27.76 4.16 -45.65
N GLY A 1168 -26.43 4.08 -45.74
CA GLY A 1168 -25.59 3.98 -44.56
C GLY A 1168 -24.15 3.69 -44.93
N VAL A 1169 -23.42 3.11 -44.00
CA VAL A 1169 -22.00 2.87 -44.18
C VAL A 1169 -21.78 1.38 -44.45
N LYS A 1170 -20.87 1.09 -45.37
CA LYS A 1170 -20.50 -0.28 -45.70
C LYS A 1170 -19.03 -0.43 -45.45
N TYR A 1171 -18.57 -1.67 -45.37
CA TYR A 1171 -17.15 -1.90 -45.16
C TYR A 1171 -16.65 -3.05 -45.99
N TYR A 1172 -15.44 -2.90 -46.53
CA TYR A 1172 -14.79 -3.96 -47.27
C TYR A 1172 -13.49 -4.39 -46.62
N SER A 1173 -13.29 -5.71 -46.48
CA SER A 1173 -12.10 -6.24 -45.83
C SER A 1173 -10.88 -6.18 -46.73
N ILE A 1174 -9.70 -6.47 -46.18
CA ILE A 1174 -8.47 -6.40 -46.97
C ILE A 1174 -8.52 -7.32 -48.15
N SER A 1175 -9.31 -8.37 -48.01
CA SER A 1175 -9.41 -9.33 -49.08
C SER A 1175 -10.44 -8.93 -50.16
N GLY A 1176 -11.13 -7.83 -49.92
CA GLY A 1176 -11.99 -7.20 -50.92
C GLY A 1176 -13.46 -7.57 -50.85
N TYR A 1177 -13.90 -8.14 -49.75
CA TYR A 1177 -15.29 -8.56 -49.68
C TYR A 1177 -16.08 -7.68 -48.76
N GLN A 1178 -17.39 -7.61 -48.99
CA GLN A 1178 -18.24 -6.77 -48.17
C GLN A 1178 -18.60 -7.42 -46.86
N ALA A 1179 -18.58 -6.61 -45.80
CA ALA A 1179 -18.94 -7.03 -44.46
C ALA A 1179 -20.43 -7.17 -44.38
N LYS A 1180 -20.88 -8.39 -44.08
CA LYS A 1180 -22.29 -8.69 -43.77
C LYS A 1180 -22.36 -9.59 -42.58
N ASP A 1181 -23.22 -9.24 -41.64
CA ASP A 1181 -23.53 -10.10 -40.52
C ASP A 1181 -22.24 -10.45 -39.81
N THR A 1182 -21.54 -9.40 -39.38
CA THR A 1182 -20.24 -9.51 -38.75
C THR A 1182 -19.88 -8.23 -38.03
N PHE A 1183 -18.99 -8.35 -37.06
CA PHE A 1183 -18.53 -7.20 -36.28
C PHE A 1183 -17.20 -6.85 -36.87
N ILE A 1184 -16.89 -5.56 -36.95
CA ILE A 1184 -15.62 -5.15 -37.52
C ILE A 1184 -14.97 -4.08 -36.67
N GLU A 1185 -13.65 -4.17 -36.57
CA GLU A 1185 -12.87 -3.27 -35.72
C GLU A 1185 -12.04 -2.39 -36.60
N ASP A 1186 -12.08 -1.09 -36.35
CA ASP A 1186 -11.36 -0.17 -37.21
C ASP A 1186 -9.95 0.00 -36.69
N GLY A 1187 -9.19 0.84 -37.38
CA GLY A 1187 -7.80 1.07 -37.06
C GLY A 1187 -7.56 1.80 -35.77
N ASN A 1188 -8.56 2.54 -35.28
CA ASN A 1188 -8.45 3.25 -34.00
C ASN A 1188 -9.03 2.48 -32.81
N GLY A 1189 -9.40 1.22 -33.02
CA GLY A 1189 -9.81 0.36 -31.93
C GLY A 1189 -11.31 0.31 -31.68
N ASN A 1190 -12.10 1.06 -32.44
CA ASN A 1190 -13.55 1.03 -32.29
C ASN A 1190 -14.17 -0.18 -32.98
N TRP A 1191 -15.26 -0.69 -32.42
CA TRP A 1191 -15.98 -1.82 -32.97
C TRP A 1191 -17.32 -1.38 -33.57
N TYR A 1192 -17.74 -2.09 -34.62
CA TYR A 1192 -18.99 -1.82 -35.33
C TYR A 1192 -19.70 -3.13 -35.69
N TYR A 1193 -21.02 -3.08 -35.88
CA TYR A 1193 -21.74 -4.26 -36.40
C TYR A 1193 -22.44 -3.95 -37.71
N PHE A 1194 -22.21 -4.84 -38.69
CA PHE A 1194 -22.81 -4.73 -40.01
C PHE A 1194 -23.89 -5.82 -40.12
N ASP A 1195 -25.11 -5.39 -40.38
CA ASP A 1195 -26.27 -6.27 -40.42
C ASP A 1195 -26.26 -7.17 -41.65
N LYS A 1196 -27.28 -7.99 -41.79
CA LYS A 1196 -27.34 -8.92 -42.90
C LYS A 1196 -27.29 -8.19 -44.24
N ASP A 1197 -27.91 -7.01 -44.31
CA ASP A 1197 -27.94 -6.18 -45.54
C ASP A 1197 -26.59 -5.59 -45.94
N GLY A 1198 -25.64 -5.54 -45.01
CA GLY A 1198 -24.30 -5.03 -45.32
C GLY A 1198 -24.04 -3.62 -44.82
N TYR A 1199 -24.96 -3.14 -43.97
CA TYR A 1199 -24.93 -1.79 -43.45
C TYR A 1199 -24.66 -1.72 -41.95
N MET A 1200 -23.71 -0.88 -41.59
CA MET A 1200 -23.37 -0.60 -40.20
C MET A 1200 -24.62 -0.20 -39.44
N VAL A 1201 -24.75 -0.69 -38.22
CA VAL A 1201 -25.88 -0.32 -37.39
C VAL A 1201 -25.52 0.98 -36.69
N ARG A 1202 -26.44 1.94 -36.72
CA ARG A 1202 -26.23 3.23 -36.07
C ARG A 1202 -27.53 3.74 -35.47
N SER A 1203 -27.44 4.47 -34.36
CA SER A 1203 -28.64 4.93 -33.66
C SER A 1203 -29.22 6.18 -34.32
N GLN A 1204 -30.55 6.26 -34.33
CA GLN A 1204 -31.27 7.42 -34.89
C GLN A 1204 -31.63 8.38 -33.74
N GLN A 1205 -31.93 9.64 -34.06
CA GLN A 1205 -32.50 10.58 -33.07
C GLN A 1205 -33.88 10.10 -32.63
N GLY A 1206 -34.15 10.16 -31.32
CA GLY A 1206 -35.45 9.76 -30.77
C GLY A 1206 -35.74 8.27 -30.71
N GLU A 1207 -34.77 7.44 -31.12
CA GLU A 1207 -34.92 5.97 -31.14
C GLU A 1207 -33.95 5.27 -30.17
N ASN A 1208 -34.24 4.01 -29.83
CA ASN A 1208 -33.40 3.24 -28.92
C ASN A 1208 -32.07 2.80 -29.58
N PRO A 1209 -30.94 3.20 -29.00
CA PRO A 1209 -29.63 2.79 -29.53
C PRO A 1209 -29.29 1.35 -29.27
N ILE A 1210 -29.96 0.72 -28.31
CA ILE A 1210 -29.72 -0.67 -27.93
C ILE A 1210 -30.26 -1.59 -29.01
N ARG A 1211 -29.40 -2.45 -29.55
CA ARG A 1211 -29.85 -3.36 -30.58
C ARG A 1211 -29.40 -4.78 -30.29
N THR A 1212 -30.33 -5.70 -30.52
CA THR A 1212 -30.14 -7.12 -30.32
C THR A 1212 -29.52 -7.67 -31.58
N VAL A 1213 -28.46 -8.46 -31.40
CA VAL A 1213 -27.72 -9.04 -32.51
C VAL A 1213 -27.78 -10.58 -32.51
N GLU A 1214 -28.09 -11.17 -33.66
CA GLU A 1214 -27.95 -12.62 -33.91
C GLU A 1214 -27.09 -12.82 -35.14
N THR A 1215 -25.87 -13.28 -34.95
CA THR A 1215 -24.88 -13.37 -36.02
C THR A 1215 -24.54 -14.80 -36.34
N SER A 1216 -23.95 -15.00 -37.53
CA SER A 1216 -23.28 -16.24 -37.88
C SER A 1216 -22.37 -16.69 -36.74
N VAL A 1217 -21.59 -15.75 -36.21
CA VAL A 1217 -20.78 -15.96 -35.00
C VAL A 1217 -21.68 -15.94 -33.76
N ASN A 1218 -22.10 -17.12 -33.30
CA ASN A 1218 -23.04 -17.27 -32.16
C ASN A 1218 -22.60 -16.72 -30.86
N THR A 1219 -21.31 -16.82 -30.57
CA THR A 1219 -20.80 -16.37 -29.29
C THR A 1219 -21.04 -14.87 -29.10
N ARG A 1220 -21.10 -14.14 -30.20
CA ARG A 1220 -21.27 -12.72 -30.12
C ARG A 1220 -22.72 -12.26 -29.95
N ASN A 1221 -23.68 -13.17 -30.10
CA ASN A 1221 -25.08 -12.82 -29.92
C ASN A 1221 -25.29 -12.11 -28.59
N GLY A 1222 -26.17 -11.12 -28.55
CA GLY A 1222 -26.39 -10.34 -27.34
C GLY A 1222 -26.94 -8.96 -27.67
N ASN A 1223 -27.06 -8.11 -26.65
CA ASN A 1223 -27.55 -6.75 -26.84
C ASN A 1223 -26.42 -5.75 -26.77
N TYR A 1224 -26.29 -4.95 -27.82
CA TYR A 1224 -25.26 -3.96 -27.91
C TYR A 1224 -25.84 -2.56 -27.98
N TYR A 1225 -24.97 -1.58 -27.74
CA TYR A 1225 -25.36 -0.19 -27.74
C TYR A 1225 -24.55 0.53 -28.81
N PHE A 1226 -25.19 0.82 -29.96
CA PHE A 1226 -24.50 1.46 -31.08
C PHE A 1226 -24.83 2.93 -31.15
N MET A 1227 -23.79 3.74 -31.26
CA MET A 1227 -23.95 5.18 -31.23
C MET A 1227 -24.26 5.70 -32.62
N PRO A 1228 -24.46 7.03 -32.76
CA PRO A 1228 -24.87 7.49 -34.06
C PRO A 1228 -23.84 7.26 -35.13
N ASN A 1229 -22.57 7.25 -34.76
CA ASN A 1229 -21.51 6.97 -35.75
C ASN A 1229 -21.09 5.51 -35.80
N GLY A 1230 -21.93 4.66 -35.23
CA GLY A 1230 -21.79 3.22 -35.37
C GLY A 1230 -20.94 2.54 -34.31
N VAL A 1231 -20.31 3.34 -33.45
CA VAL A 1231 -19.36 2.83 -32.45
C VAL A 1231 -20.10 2.08 -31.37
N GLU A 1232 -19.55 0.92 -31.03
CA GLU A 1232 -20.13 0.03 -30.05
C GLU A 1232 -19.61 0.52 -28.71
N LEU A 1233 -20.50 0.68 -27.72
CA LEU A 1233 -20.12 1.09 -26.38
C LEU A 1233 -19.62 -0.13 -25.64
N ARG A 1234 -18.51 0.05 -24.94
CA ARG A 1234 -17.80 -1.02 -24.26
C ARG A 1234 -17.33 -0.61 -22.86
N LYS A 1235 -17.66 -1.42 -21.85
CA LYS A 1235 -17.19 -1.19 -20.50
C LYS A 1235 -17.75 0.13 -19.97
N GLY A 1236 -19.06 0.30 -20.07
CA GLY A 1236 -19.64 1.56 -19.66
C GLY A 1236 -21.16 1.56 -19.67
N PHE A 1237 -21.71 2.62 -19.11
CA PHE A 1237 -23.15 2.77 -18.99
C PHE A 1237 -23.76 3.49 -20.20
N GLY A 1238 -24.94 3.07 -20.61
CA GLY A 1238 -25.62 3.65 -21.76
C GLY A 1238 -27.09 3.89 -21.49
N THR A 1239 -27.56 5.11 -21.78
CA THR A 1239 -28.95 5.45 -21.55
C THR A 1239 -29.76 5.17 -22.83
N ASP A 1240 -30.97 4.66 -22.67
CA ASP A 1240 -31.87 4.47 -23.80
C ASP A 1240 -32.72 5.73 -24.01
N ASN A 1241 -33.63 5.68 -24.97
CA ASN A 1241 -34.55 6.81 -25.26
C ASN A 1241 -35.47 7.22 -24.10
N SER A 1242 -35.76 6.28 -23.21
CA SER A 1242 -36.66 6.53 -22.09
C SER A 1242 -35.97 7.01 -20.81
N GLY A 1243 -34.64 7.07 -20.79
CA GLY A 1243 -33.91 7.48 -19.59
C GLY A 1243 -33.46 6.35 -18.68
N ASN A 1244 -33.77 5.10 -19.03
CA ASN A 1244 -33.23 3.94 -18.31
C ASN A 1244 -31.75 3.73 -18.58
N VAL A 1245 -30.98 3.38 -17.56
CA VAL A 1245 -29.56 3.10 -17.74
C VAL A 1245 -29.27 1.60 -17.76
N TYR A 1246 -28.40 1.17 -18.69
CA TYR A 1246 -27.91 -0.20 -18.75
C TYR A 1246 -26.38 -0.17 -18.73
N TYR A 1247 -25.75 -1.32 -18.53
CA TYR A 1247 -24.29 -1.40 -18.60
C TYR A 1247 -23.91 -2.42 -19.65
N PHE A 1248 -22.77 -2.16 -20.30
CA PHE A 1248 -22.27 -3.00 -21.38
C PHE A 1248 -20.79 -3.33 -21.14
N ASP A 1249 -20.44 -4.60 -21.31
CA ASP A 1249 -19.16 -5.13 -20.80
C ASP A 1249 -17.95 -4.90 -21.73
N ASP A 1250 -16.82 -5.47 -21.33
CA ASP A 1250 -15.58 -5.41 -22.10
C ASP A 1250 -15.77 -5.60 -23.59
N GLN A 1251 -16.65 -6.54 -23.96
CA GLN A 1251 -16.90 -6.88 -25.37
C GLN A 1251 -18.15 -6.24 -26.00
N GLY A 1252 -18.76 -5.28 -25.29
CA GLY A 1252 -19.95 -4.56 -25.82
C GLY A 1252 -21.32 -5.11 -25.41
N LYS A 1253 -21.33 -6.31 -24.82
CA LYS A 1253 -22.56 -7.00 -24.45
C LYS A 1253 -23.25 -6.40 -23.22
N MET A 1254 -24.58 -6.43 -23.21
CA MET A 1254 -25.35 -5.96 -22.08
C MET A 1254 -25.17 -6.93 -20.94
N VAL A 1255 -25.18 -6.40 -19.72
CA VAL A 1255 -25.07 -7.22 -18.53
C VAL A 1255 -26.37 -7.20 -17.73
N ARG A 1256 -26.71 -8.38 -17.19
CA ARG A 1256 -28.00 -8.65 -16.55
C ARG A 1256 -27.85 -9.36 -15.20
N ASP A 1257 -28.72 -9.01 -14.26
CA ASP A 1257 -28.89 -9.69 -12.98
C ASP A 1257 -27.59 -9.93 -12.23
N LYS A 1258 -26.85 -8.86 -11.98
CA LYS A 1258 -25.72 -8.97 -11.06
C LYS A 1258 -25.27 -7.60 -10.57
N TYR A 1259 -24.51 -7.64 -9.48
CA TYR A 1259 -23.90 -6.42 -8.97
C TYR A 1259 -22.62 -6.20 -9.77
N ILE A 1260 -22.25 -4.93 -9.88
CA ILE A 1260 -21.12 -4.55 -10.68
C ILE A 1260 -20.30 -3.51 -9.91
N ASN A 1261 -18.99 -3.70 -9.91
CA ASN A 1261 -18.09 -2.86 -9.13
C ASN A 1261 -17.29 -1.89 -9.98
N ASP A 1262 -16.75 -0.89 -9.30
CA ASP A 1262 -16.10 0.23 -9.94
C ASP A 1262 -14.70 0.33 -9.35
N ASP A 1263 -13.73 0.82 -10.12
CA ASP A 1263 -12.38 1.07 -9.60
C ASP A 1263 -12.37 2.03 -8.38
N ALA A 1264 -13.31 2.99 -8.34
CA ALA A 1264 -13.48 3.93 -7.22
C ALA A 1264 -14.38 3.43 -6.07
N ASN A 1265 -14.78 2.17 -6.15
CA ASN A 1265 -15.58 1.49 -5.12
C ASN A 1265 -17.07 1.88 -5.08
N ASN A 1266 -17.56 2.42 -6.19
CA ASN A 1266 -18.99 2.54 -6.44
C ASN A 1266 -19.56 1.17 -6.83
N PHE A 1267 -20.68 0.81 -6.23
CA PHE A 1267 -21.34 -0.42 -6.60
C PHE A 1267 -22.68 -0.12 -7.25
N TYR A 1268 -23.02 -0.89 -8.29
CA TYR A 1268 -24.31 -0.80 -8.97
C TYR A 1268 -24.94 -2.19 -9.16
N HIS A 1269 -26.27 -2.24 -9.25
CA HIS A 1269 -26.99 -3.49 -9.51
C HIS A 1269 -27.73 -3.42 -10.82
N LEU A 1270 -27.70 -4.50 -11.58
CA LEU A 1270 -28.48 -4.59 -12.81
C LEU A 1270 -29.53 -5.68 -12.65
N ASN A 1271 -30.78 -5.29 -12.85
CA ASN A 1271 -31.91 -6.23 -12.74
C ASN A 1271 -31.84 -7.29 -13.83
N VAL A 1272 -32.81 -8.20 -13.82
CA VAL A 1272 -32.83 -9.27 -14.81
C VAL A 1272 -33.12 -8.71 -16.20
N ASP A 1273 -34.08 -7.79 -16.28
CA ASP A 1273 -34.39 -7.11 -17.52
C ASP A 1273 -33.28 -6.15 -18.01
N GLY A 1274 -32.18 -6.03 -17.28
CA GLY A 1274 -31.03 -5.22 -17.74
C GLY A 1274 -30.90 -3.85 -17.09
N THR A 1275 -32.00 -3.31 -16.58
CA THR A 1275 -32.02 -1.98 -16.01
C THR A 1275 -31.19 -1.91 -14.74
N MET A 1276 -30.71 -0.69 -14.41
CA MET A 1276 -29.86 -0.45 -13.23
C MET A 1276 -30.64 0.07 -12.01
N SER A 1277 -30.77 -0.77 -10.99
CA SER A 1277 -31.34 -0.36 -9.69
C SER A 1277 -30.37 0.60 -8.96
N ARG A 1278 -29.08 0.23 -8.94
CA ARG A 1278 -28.02 0.97 -8.24
C ARG A 1278 -28.34 1.13 -6.76
N LYS B 93 14.32 -4.86 -16.97
CA LYS B 93 14.45 -5.29 -15.54
C LYS B 93 14.04 -4.18 -14.58
N SER B 94 12.83 -3.67 -14.77
CA SER B 94 12.29 -2.61 -13.94
C SER B 94 10.76 -2.66 -13.90
N TYR B 95 10.21 -2.13 -12.83
CA TYR B 95 8.78 -1.91 -12.70
C TYR B 95 8.38 -0.62 -13.42
N VAL B 96 7.16 -0.59 -13.96
CA VAL B 96 6.54 0.68 -14.38
C VAL B 96 5.07 0.74 -13.97
N ALA B 97 4.65 1.91 -13.50
CA ALA B 97 3.25 2.21 -13.22
C ALA B 97 2.70 2.95 -14.42
N ASP B 98 1.55 2.52 -14.93
CA ASP B 98 0.89 3.21 -16.05
C ASP B 98 -0.04 4.33 -15.54
N SER B 99 -0.84 4.91 -16.43
CA SER B 99 -1.78 6.02 -16.08
C SER B 99 -2.70 5.68 -14.91
N SER B 100 -3.28 4.47 -14.92
CA SER B 100 -4.25 4.06 -13.88
C SER B 100 -3.60 3.66 -12.54
N GLY B 101 -2.28 3.78 -12.43
CA GLY B 101 -1.55 3.26 -11.27
C GLY B 101 -1.44 1.74 -11.23
N GLN B 102 -1.61 1.07 -12.38
CA GLN B 102 -1.34 -0.37 -12.51
C GLN B 102 0.14 -0.62 -12.78
N THR B 103 0.61 -1.79 -12.38
CA THR B 103 2.03 -2.11 -12.36
C THR B 103 2.43 -3.34 -13.16
N TYR B 104 3.46 -3.17 -13.99
CA TYR B 104 4.05 -4.26 -14.78
C TYR B 104 5.49 -4.42 -14.37
N TYR B 105 6.05 -5.61 -14.58
CA TYR B 105 7.51 -5.78 -14.54
C TYR B 105 8.03 -6.32 -15.87
N PHE B 106 8.93 -5.56 -16.49
CA PHE B 106 9.56 -5.93 -17.75
C PHE B 106 10.94 -6.53 -17.47
N ASP B 107 11.23 -7.65 -18.11
CA ASP B 107 12.44 -8.44 -17.87
C ASP B 107 13.67 -7.90 -18.64
N GLY B 108 14.68 -8.75 -18.84
CA GLY B 108 15.87 -8.42 -19.62
C GLY B 108 15.62 -7.97 -21.05
N ASN B 109 14.60 -8.51 -21.69
CA ASN B 109 14.23 -8.19 -23.09
C ASN B 109 13.24 -7.02 -23.29
N GLY B 110 12.74 -6.46 -22.17
CA GLY B 110 11.73 -5.39 -22.19
C GLY B 110 10.30 -5.93 -22.24
N GLN B 111 10.18 -7.26 -22.16
CA GLN B 111 8.91 -7.95 -22.30
C GLN B 111 8.33 -8.31 -20.92
N PRO B 112 7.02 -8.06 -20.73
CA PRO B 112 6.44 -8.16 -19.39
C PRO B 112 6.37 -9.60 -18.89
N LEU B 113 6.62 -9.77 -17.59
CA LEU B 113 6.54 -11.09 -16.96
C LEU B 113 5.08 -11.44 -16.72
N ILE B 114 4.77 -12.73 -16.87
CA ILE B 114 3.42 -13.27 -16.67
C ILE B 114 3.53 -14.46 -15.73
N GLY B 115 2.55 -14.60 -14.85
CA GLY B 115 2.58 -15.66 -13.86
C GLY B 115 3.44 -15.36 -12.64
N LEU B 116 3.68 -16.41 -11.86
CA LEU B 116 4.39 -16.30 -10.61
C LEU B 116 5.85 -15.92 -10.85
N GLN B 117 6.35 -14.96 -10.11
CA GLN B 117 7.70 -14.51 -10.34
C GLN B 117 8.31 -14.13 -9.00
N THR B 118 9.61 -14.38 -8.83
CA THR B 118 10.28 -14.03 -7.58
C THR B 118 11.26 -12.89 -7.82
N ILE B 119 10.93 -11.70 -7.32
CA ILE B 119 11.83 -10.58 -7.43
C ILE B 119 12.62 -10.57 -6.12
N ASP B 120 13.91 -10.93 -6.19
CA ASP B 120 14.73 -11.11 -5.00
C ASP B 120 14.01 -12.17 -4.13
N GLY B 121 13.86 -11.85 -2.86
CA GLY B 121 13.06 -12.68 -1.97
C GLY B 121 11.59 -12.58 -2.31
N ASN B 122 11.16 -11.41 -2.77
CA ASN B 122 9.76 -11.10 -2.97
C ASN B 122 9.10 -12.01 -4.01
N LEU B 123 7.89 -12.47 -3.66
CA LEU B 123 7.08 -13.30 -4.53
C LEU B 123 5.89 -12.50 -5.03
N GLN B 124 5.67 -12.50 -6.34
CA GLN B 124 4.58 -11.74 -6.93
C GLN B 124 3.91 -12.53 -8.04
N TYR B 125 2.67 -12.15 -8.35
CA TYR B 125 1.93 -12.76 -9.44
C TYR B 125 1.59 -11.74 -10.52
N PHE B 126 1.54 -12.22 -11.77
CA PHE B 126 1.16 -11.38 -12.92
C PHE B 126 0.10 -12.06 -13.77
N ASN B 127 -0.95 -11.33 -14.13
CA ASN B 127 -2.03 -11.91 -14.92
C ASN B 127 -1.60 -12.13 -16.38
N GLN B 128 -2.46 -12.78 -17.16
CA GLN B 128 -2.13 -13.10 -18.56
C GLN B 128 -1.79 -11.87 -19.43
N GLN B 129 -2.21 -10.68 -18.99
CA GLN B 129 -1.89 -9.42 -19.67
C GLN B 129 -0.63 -8.73 -19.14
N GLY B 130 0.02 -9.34 -18.14
CA GLY B 130 1.26 -8.79 -17.55
C GLY B 130 1.09 -7.82 -16.40
N VAL B 131 -0.14 -7.65 -15.92
CA VAL B 131 -0.46 -6.69 -14.85
C VAL B 131 -0.19 -7.36 -13.50
N GLN B 132 0.29 -6.57 -12.53
CA GLN B 132 0.62 -7.10 -11.20
C GLN B 132 -0.60 -7.14 -10.30
N ILE B 133 -0.82 -8.31 -9.68
CA ILE B 133 -1.93 -8.46 -8.76
C ILE B 133 -1.56 -7.85 -7.41
N LYS B 134 -2.44 -6.96 -6.94
CA LYS B 134 -2.27 -6.19 -5.69
C LYS B 134 -3.57 -6.24 -4.91
N GLY B 135 -3.50 -6.58 -3.62
CA GLY B 135 -4.67 -6.55 -2.75
C GLY B 135 -5.75 -7.55 -3.14
N GLY B 136 -5.36 -8.80 -3.32
CA GLY B 136 -6.33 -9.86 -3.58
C GLY B 136 -5.72 -11.25 -3.59
N PHE B 137 -6.59 -12.25 -3.49
CA PHE B 137 -6.18 -13.65 -3.60
C PHE B 137 -6.01 -14.09 -5.06
N GLN B 138 -5.44 -15.28 -5.26
CA GLN B 138 -5.04 -15.75 -6.60
C GLN B 138 -4.63 -17.22 -6.56
N ASP B 139 -5.31 -18.08 -7.32
CA ASP B 139 -5.03 -19.53 -7.29
C ASP B 139 -3.91 -19.91 -8.26
N VAL B 140 -2.68 -19.71 -7.81
CA VAL B 140 -1.50 -20.09 -8.58
C VAL B 140 -1.22 -21.53 -8.25
N ASN B 141 -1.09 -22.34 -9.27
CA ASN B 141 -0.81 -23.74 -9.09
C ASN B 141 -1.85 -24.40 -8.22
N ASN B 142 -1.39 -25.30 -7.36
CA ASN B 142 -2.23 -26.04 -6.45
C ASN B 142 -2.78 -25.16 -5.32
N LYS B 143 -2.00 -24.17 -4.91
CA LYS B 143 -2.30 -23.40 -3.70
C LYS B 143 -3.06 -22.09 -4.01
N ARG B 144 -3.26 -21.26 -2.97
CA ARG B 144 -4.02 -20.00 -3.03
C ARG B 144 -3.35 -18.89 -2.23
N ILE B 145 -2.90 -17.81 -2.88
CA ILE B 145 -2.02 -16.83 -2.24
C ILE B 145 -2.59 -15.42 -2.27
N TYR B 146 -2.51 -14.72 -1.14
CA TYR B 146 -2.84 -13.30 -1.10
C TYR B 146 -1.61 -12.45 -1.38
N PHE B 147 -1.82 -11.36 -2.13
CA PHE B 147 -0.76 -10.42 -2.48
C PHE B 147 -1.10 -9.03 -1.96
N ALA B 148 -0.10 -8.35 -1.40
CA ALA B 148 -0.32 -7.12 -0.64
C ALA B 148 -0.78 -5.94 -1.49
N PRO B 149 -1.54 -5.00 -0.89
CA PRO B 149 -2.11 -3.82 -1.55
C PRO B 149 -1.19 -2.89 -2.40
N ASN B 150 -0.01 -2.52 -1.89
CA ASN B 150 0.93 -1.66 -2.64
C ASN B 150 2.24 -2.30 -3.07
N THR B 151 2.81 -3.15 -2.24
CA THR B 151 4.00 -3.86 -2.65
C THR B 151 3.66 -4.98 -3.62
N GLY B 152 2.53 -5.64 -3.37
CA GLY B 152 2.11 -6.77 -4.20
C GLY B 152 2.78 -8.07 -3.80
N ASN B 153 3.40 -8.09 -2.62
CA ASN B 153 4.17 -9.25 -2.18
C ASN B 153 3.30 -10.29 -1.50
N ALA B 154 3.67 -11.57 -1.62
CA ALA B 154 2.94 -12.69 -1.02
C ALA B 154 3.02 -12.65 0.51
N VAL B 155 1.86 -12.75 1.17
CA VAL B 155 1.77 -12.62 2.64
C VAL B 155 0.58 -13.43 3.18
N ALA B 156 0.61 -13.70 4.48
CA ALA B 156 -0.48 -14.39 5.13
C ALA B 156 -1.73 -13.51 5.18
N ASN B 157 -2.88 -14.15 5.00
CA ASN B 157 -4.17 -13.46 5.09
C ASN B 157 -5.28 -14.42 5.44
N THR B 158 -6.40 -13.87 5.90
CA THR B 158 -7.57 -14.66 6.23
C THR B 158 -8.73 -14.25 5.39
N GLU B 159 -9.54 -15.23 5.03
CA GLU B 159 -10.79 -14.98 4.34
C GLU B 159 -11.87 -15.83 4.98
N ILE B 160 -13.12 -15.43 4.78
CA ILE B 160 -14.25 -16.18 5.34
C ILE B 160 -14.78 -17.18 4.30
N ILE B 161 -14.52 -18.47 4.54
CA ILE B 161 -15.01 -19.55 3.69
C ILE B 161 -16.26 -20.15 4.35
N ASN B 162 -17.34 -20.31 3.57
CA ASN B 162 -18.65 -20.62 4.14
C ASN B 162 -18.99 -19.54 5.16
N GLY B 163 -19.27 -19.91 6.42
CA GLY B 163 -19.45 -18.93 7.49
C GLY B 163 -18.32 -18.85 8.51
N LYS B 164 -17.21 -19.55 8.25
CA LYS B 164 -16.11 -19.64 9.21
C LYS B 164 -14.83 -18.97 8.67
N LEU B 165 -14.15 -18.19 9.50
CA LEU B 165 -12.87 -17.58 9.08
C LEU B 165 -11.86 -18.71 8.82
N GLN B 166 -11.05 -18.55 7.77
CA GLN B 166 -9.94 -19.46 7.48
C GLN B 166 -8.68 -18.65 7.33
N GLY B 167 -7.55 -19.31 7.53
CA GLY B 167 -6.27 -18.63 7.45
C GLY B 167 -5.45 -19.13 6.28
N ARG B 168 -4.76 -18.20 5.63
CA ARG B 168 -3.90 -18.50 4.49
C ARG B 168 -2.52 -17.96 4.75
N ASP B 169 -1.50 -18.81 4.60
CA ASP B 169 -0.13 -18.37 4.83
C ASP B 169 0.50 -17.71 3.57
N ALA B 170 1.78 -17.38 3.64
CA ALA B 170 2.48 -16.72 2.54
C ALA B 170 2.70 -17.63 1.32
N ASN B 171 2.79 -18.95 1.55
CA ASN B 171 2.94 -19.95 0.47
C ASN B 171 1.63 -20.37 -0.20
N GLY B 172 0.51 -19.89 0.31
CA GLY B 172 -0.80 -20.23 -0.25
C GLY B 172 -1.44 -21.46 0.36
N ASN B 173 -0.76 -22.08 1.32
CA ASN B 173 -1.29 -23.18 2.11
C ASN B 173 -2.21 -22.66 3.20
N GLN B 174 -3.34 -23.34 3.39
CA GLN B 174 -4.21 -23.07 4.53
C GLN B 174 -3.47 -23.44 5.81
N VAL B 175 -3.78 -22.73 6.89
CA VAL B 175 -3.09 -22.93 8.16
C VAL B 175 -3.89 -23.82 9.12
N LYS B 176 -3.19 -24.83 9.64
CA LYS B 176 -3.69 -25.72 10.68
C LYS B 176 -2.66 -25.73 11.83
N ASN B 177 -3.14 -25.73 13.07
CA ASN B 177 -2.30 -25.76 14.28
C ASN B 177 -1.21 -24.73 14.25
N ALA B 178 -1.62 -23.48 14.17
CA ALA B 178 -0.65 -22.40 14.17
C ALA B 178 -1.34 -21.05 14.22
N PHE B 179 -0.51 -20.07 14.50
CA PHE B 179 -0.92 -18.70 14.43
C PHE B 179 -0.75 -18.23 13.00
N SER B 180 -1.64 -17.34 12.56
CA SER B 180 -1.48 -16.66 11.26
C SER B 180 -2.08 -15.27 11.30
N LYS B 181 -1.44 -14.31 10.64
CA LYS B 181 -1.96 -12.95 10.60
C LYS B 181 -2.94 -12.70 9.45
N ASP B 182 -3.60 -11.55 9.50
CA ASP B 182 -4.26 -10.99 8.32
C ASP B 182 -3.58 -9.65 7.97
N VAL B 183 -3.86 -9.13 6.78
CA VAL B 183 -3.20 -7.94 6.30
C VAL B 183 -3.38 -6.76 7.25
N ALA B 184 -4.57 -6.64 7.87
CA ALA B 184 -4.84 -5.57 8.83
C ALA B 184 -3.83 -5.52 9.98
N GLY B 185 -3.37 -6.69 10.42
CA GLY B 185 -2.38 -6.81 11.50
C GLY B 185 -2.77 -7.71 12.66
N ASN B 186 -4.00 -8.23 12.64
CA ASN B 186 -4.49 -9.09 13.71
C ASN B 186 -3.92 -10.47 13.60
N THR B 187 -3.61 -11.09 14.73
CA THR B 187 -3.18 -12.48 14.71
C THR B 187 -4.34 -13.38 15.17
N PHE B 188 -4.46 -14.55 14.57
CA PHE B 188 -5.47 -15.54 14.97
C PHE B 188 -4.77 -16.85 15.22
N TYR B 189 -5.46 -17.81 15.84
CA TYR B 189 -4.89 -19.16 15.98
C TYR B 189 -5.89 -20.13 15.39
N PHE B 190 -5.40 -21.08 14.61
CA PHE B 190 -6.26 -22.05 13.93
C PHE B 190 -5.87 -23.45 14.38
N ASP B 191 -6.86 -24.22 14.81
CA ASP B 191 -6.64 -25.56 15.38
C ASP B 191 -6.35 -26.62 14.30
N ALA B 192 -6.21 -27.87 14.72
CA ALA B 192 -5.97 -28.99 13.82
C ALA B 192 -6.94 -29.09 12.66
N ASN B 193 -8.20 -28.74 12.93
CA ASN B 193 -9.22 -28.77 11.90
C ASN B 193 -9.34 -27.46 11.11
N GLY B 194 -8.36 -26.56 11.25
CA GLY B 194 -8.34 -25.32 10.47
C GLY B 194 -9.24 -24.19 10.96
N VAL B 195 -10.01 -24.45 12.03
CA VAL B 195 -11.01 -23.51 12.54
C VAL B 195 -10.37 -22.54 13.51
N MET B 196 -10.72 -21.26 13.37
CA MET B 196 -10.13 -20.26 14.24
C MET B 196 -10.60 -20.47 15.66
N LEU B 197 -9.70 -20.23 16.62
CA LEU B 197 -10.02 -20.38 18.02
C LEU B 197 -10.45 -19.06 18.65
N THR B 198 -11.21 -19.20 19.73
CA THR B 198 -11.79 -18.10 20.47
C THR B 198 -11.56 -18.27 21.95
N GLY B 199 -11.54 -17.14 22.66
CA GLY B 199 -11.41 -17.16 24.12
C GLY B 199 -10.01 -17.50 24.62
N LEU B 200 -9.93 -17.89 25.88
CA LEU B 200 -8.64 -18.17 26.49
C LEU B 200 -8.18 -19.54 26.02
N GLN B 201 -6.97 -19.62 25.49
CA GLN B 201 -6.45 -20.88 24.95
C GLN B 201 -5.03 -21.21 25.39
N THR B 202 -4.84 -22.42 25.87
CA THR B 202 -3.55 -22.90 26.34
C THR B 202 -2.91 -23.76 25.28
N ILE B 203 -1.83 -23.28 24.70
CA ILE B 203 -1.20 -24.06 23.66
C ILE B 203 0.28 -24.18 23.91
N SER B 204 0.80 -25.40 23.69
CA SER B 204 2.18 -25.74 23.99
C SER B 204 2.57 -25.23 25.38
N GLY B 205 1.72 -25.51 26.39
CA GLY B 205 2.00 -25.16 27.78
C GLY B 205 2.08 -23.67 28.14
N LYS B 206 1.58 -22.81 27.26
CA LYS B 206 1.42 -21.38 27.56
C LYS B 206 0.01 -20.94 27.22
N THR B 207 -0.44 -19.86 27.84
CA THR B 207 -1.82 -19.41 27.70
C THR B 207 -1.93 -18.02 27.05
N TYR B 208 -2.76 -17.93 25.99
CA TYR B 208 -2.96 -16.71 25.21
C TYR B 208 -4.44 -16.35 25.26
N TYR B 209 -4.78 -15.07 25.14
CA TYR B 209 -6.20 -14.67 25.20
C TYR B 209 -6.68 -14.18 23.86
N LEU B 210 -7.68 -14.85 23.31
CA LEU B 210 -8.27 -14.47 22.02
C LEU B 210 -9.66 -13.88 22.28
N ASP B 211 -9.94 -12.70 21.75
CA ASP B 211 -11.24 -12.07 22.02
C ASP B 211 -12.37 -12.74 21.23
N GLU B 212 -13.58 -12.20 21.33
CA GLU B 212 -14.75 -12.72 20.58
C GLU B 212 -14.47 -12.90 19.08
N GLN B 213 -13.77 -11.93 18.50
CA GLN B 213 -13.44 -11.97 17.08
C GLN B 213 -12.26 -12.88 16.72
N GLY B 214 -11.64 -13.50 17.73
CA GLY B 214 -10.48 -14.37 17.51
C GLY B 214 -9.12 -13.69 17.45
N HIS B 215 -9.09 -12.36 17.74
CA HIS B 215 -7.84 -11.58 17.76
C HIS B 215 -7.01 -11.91 18.98
N LEU B 216 -5.74 -12.19 18.75
CA LEU B 216 -4.78 -12.42 19.82
C LEU B 216 -4.53 -11.10 20.47
N ARG B 217 -4.67 -11.04 21.78
CA ARG B 217 -4.56 -9.79 22.49
C ARG B 217 -3.21 -9.73 23.19
N LYS B 218 -2.47 -8.67 22.89
CA LYS B 218 -1.17 -8.43 23.50
C LYS B 218 -1.27 -7.19 24.33
N ASN B 219 -0.38 -7.09 25.33
CA ASN B 219 -0.37 -5.99 26.29
C ASN B 219 -1.75 -5.81 26.89
N TYR B 220 -2.32 -6.92 27.33
CA TYR B 220 -3.68 -7.00 27.82
C TYR B 220 -3.64 -7.59 29.20
N ALA B 221 -4.09 -6.82 30.18
CA ALA B 221 -4.12 -7.27 31.56
C ALA B 221 -5.55 -7.68 31.87
N GLY B 222 -5.71 -8.76 32.61
CA GLY B 222 -7.04 -9.15 33.04
C GLY B 222 -7.04 -10.33 33.96
N THR B 223 -8.09 -10.46 34.74
CA THR B 223 -8.29 -11.66 35.56
C THR B 223 -8.87 -12.77 34.66
N PHE B 224 -7.99 -13.62 34.16
CA PHE B 224 -8.33 -14.60 33.14
C PHE B 224 -8.63 -15.99 33.71
N ASN B 225 -7.75 -16.55 34.54
CA ASN B 225 -8.07 -17.81 35.22
C ASN B 225 -8.76 -17.61 36.58
N ASN B 226 -9.54 -16.53 36.66
CA ASN B 226 -10.00 -16.03 37.93
C ASN B 226 -8.82 -15.55 38.77
N GLN B 227 -7.66 -15.48 38.14
CA GLN B 227 -6.45 -15.02 38.78
C GLN B 227 -5.83 -14.04 37.84
N PHE B 228 -5.24 -12.97 38.37
CA PHE B 228 -4.64 -11.96 37.51
C PHE B 228 -3.71 -12.61 36.48
N MET B 229 -3.64 -12.02 35.28
CA MET B 229 -2.75 -12.50 34.22
C MET B 229 -2.51 -11.39 33.23
N TYR B 230 -1.25 -11.02 33.01
CA TYR B 230 -0.90 -10.00 32.01
C TYR B 230 -0.40 -10.69 30.75
N PHE B 231 -0.99 -10.37 29.60
CA PHE B 231 -0.56 -10.98 28.34
C PHE B 231 0.48 -10.13 27.63
N ASP B 232 1.60 -10.77 27.38
CA ASP B 232 2.83 -10.17 26.88
C ASP B 232 2.61 -9.20 25.74
N ALA B 233 3.35 -8.09 25.72
CA ALA B 233 3.32 -7.22 24.55
C ALA B 233 4.02 -7.87 23.35
N ASP B 234 5.02 -8.71 23.62
CA ASP B 234 5.76 -9.46 22.58
C ASP B 234 4.93 -10.49 21.83
N THR B 235 4.53 -11.54 22.55
CA THR B 235 3.88 -12.71 21.96
C THR B 235 2.47 -12.98 22.45
N GLY B 236 1.98 -12.15 23.37
CA GLY B 236 0.65 -12.32 23.95
C GLY B 236 0.53 -13.42 24.98
N ALA B 237 1.66 -13.97 25.41
CA ALA B 237 1.65 -15.08 26.35
C ALA B 237 1.48 -14.56 27.75
N GLY B 238 0.62 -15.24 28.52
CA GLY B 238 0.28 -14.84 29.88
C GLY B 238 1.45 -14.94 30.84
N LYS B 239 1.74 -13.84 31.52
CA LYS B 239 2.65 -13.87 32.65
C LYS B 239 1.79 -13.71 33.88
N THR B 240 2.32 -14.16 35.00
CA THR B 240 1.67 -13.93 36.27
C THR B 240 1.86 -12.48 36.79
N ALA B 241 2.87 -11.76 36.26
CA ALA B 241 3.19 -10.38 36.62
C ALA B 241 3.53 -10.23 38.09
N ILE B 242 4.16 -11.27 38.62
CA ILE B 242 4.55 -11.34 40.01
C ILE B 242 6.02 -11.00 40.15
N GLU B 243 6.83 -11.42 39.18
CA GLU B 243 8.27 -11.14 39.19
C GLU B 243 8.55 -9.66 39.05
N TYR B 244 9.32 -9.09 39.96
CA TYR B 244 9.69 -7.70 39.83
C TYR B 244 10.57 -7.56 38.59
N GLN B 245 10.31 -6.54 37.77
CA GLN B 245 11.04 -6.37 36.52
C GLN B 245 12.26 -5.45 36.61
N PHE B 246 12.40 -4.74 37.72
CA PHE B 246 13.51 -3.80 37.88
C PHE B 246 14.75 -4.59 38.21
N ASP B 247 15.88 -4.16 37.65
CA ASP B 247 17.12 -4.94 37.69
C ASP B 247 18.21 -4.22 38.51
N GLN B 248 17.81 -3.21 39.30
CA GLN B 248 18.78 -2.47 40.13
C GLN B 248 18.39 -2.46 41.61
N GLY B 249 19.09 -3.31 42.38
CA GLY B 249 18.93 -3.40 43.84
C GLY B 249 19.57 -2.20 44.51
N LEU B 250 19.27 -1.99 45.78
CA LEU B 250 19.75 -0.79 46.45
C LEU B 250 21.25 -0.92 46.60
N VAL B 251 21.99 0.05 46.09
CA VAL B 251 23.46 0.05 46.22
C VAL B 251 23.98 1.40 46.66
N SER B 252 25.06 1.34 47.43
CA SER B 252 25.70 2.52 47.93
C SER B 252 26.66 2.97 46.87
N GLN B 253 26.77 4.27 46.69
CA GLN B 253 27.59 4.79 45.64
C GLN B 253 28.92 5.28 46.17
N SER B 254 28.98 5.58 47.47
CA SER B 254 30.14 6.21 48.03
C SER B 254 31.34 5.26 47.99
N ASN B 255 32.51 5.86 47.82
CA ASN B 255 33.77 5.15 47.75
C ASN B 255 34.94 6.13 47.94
N GLU B 256 36.15 5.77 47.50
CA GLU B 256 37.34 6.60 47.74
C GLU B 256 37.34 7.91 46.95
N ASN B 257 36.58 8.00 45.88
CA ASN B 257 36.57 9.21 45.09
C ASN B 257 35.54 10.22 45.54
N THR B 258 34.56 9.76 46.32
CA THR B 258 33.46 10.62 46.75
C THR B 258 33.96 11.91 47.42
N PRO B 259 34.81 11.78 48.45
CA PRO B 259 35.25 13.00 49.13
C PRO B 259 36.04 13.93 48.25
N HIS B 260 36.69 13.38 47.23
CA HIS B 260 37.49 14.19 46.32
C HIS B 260 36.59 15.00 45.38
N ASN B 261 35.60 14.33 44.79
CA ASN B 261 34.74 15.00 43.82
C ASN B 261 33.60 15.81 44.45
N ALA B 262 33.41 15.68 45.75
CA ALA B 262 32.41 16.48 46.44
C ALA B 262 32.70 17.98 46.30
N ALA B 263 31.65 18.77 46.48
CA ALA B 263 31.73 20.20 46.28
C ALA B 263 32.59 20.81 47.36
N LYS B 264 33.45 21.75 46.96
CA LYS B 264 34.23 22.57 47.88
C LYS B 264 33.33 23.38 48.82
N SER B 265 32.19 23.81 48.31
CA SER B 265 31.29 24.70 49.05
C SER B 265 29.87 24.51 48.56
N TYR B 266 28.89 24.74 49.44
CA TYR B 266 27.46 24.70 49.02
C TYR B 266 26.86 26.12 48.89
N ASP B 267 27.33 26.81 47.86
CA ASP B 267 26.93 28.18 47.58
C ASP B 267 27.41 28.61 46.21
N LYS B 268 27.13 29.86 45.87
CA LYS B 268 27.37 30.34 44.52
C LYS B 268 28.85 30.37 44.09
N SER B 269 29.76 30.31 45.06
CA SER B 269 31.20 30.28 44.76
C SER B 269 31.55 29.08 43.93
N SER B 270 31.09 27.94 44.43
CA SER B 270 31.50 26.64 43.95
C SER B 270 30.55 26.04 42.94
N PHE B 271 29.44 26.71 42.67
CA PHE B 271 28.46 26.24 41.70
C PHE B 271 28.01 27.30 40.69
N GLU B 272 28.17 27.01 39.42
CA GLU B 272 27.58 27.85 38.41
C GLU B 272 26.07 27.65 38.52
N ASN B 273 25.31 28.73 38.54
CA ASN B 273 23.86 28.69 38.82
C ASN B 273 23.10 29.85 38.21
N VAL B 274 21.78 29.81 38.32
CA VAL B 274 20.92 30.92 37.95
C VAL B 274 19.93 31.07 39.08
N ASP B 275 19.84 32.26 39.66
CA ASP B 275 18.93 32.54 40.79
C ASP B 275 19.03 31.42 41.88
N GLY B 276 20.22 30.84 42.03
CA GLY B 276 20.41 29.76 42.98
C GLY B 276 20.25 28.35 42.42
N TYR B 277 19.49 28.17 41.34
CA TYR B 277 19.26 26.84 40.79
C TYR B 277 20.41 26.35 39.92
N LEU B 278 20.44 25.06 39.63
CA LEU B 278 21.51 24.47 38.82
C LEU B 278 20.99 24.04 37.47
N THR B 279 21.87 23.93 36.48
CA THR B 279 21.47 23.56 35.12
C THR B 279 22.28 22.40 34.63
N ALA B 280 21.84 21.78 33.54
CA ALA B 280 22.51 20.60 33.00
C ALA B 280 23.99 20.85 32.70
N ASP B 281 24.30 22.05 32.22
CA ASP B 281 25.67 22.41 31.85
C ASP B 281 26.38 23.21 32.95
N THR B 282 25.85 23.13 34.17
CA THR B 282 26.54 23.64 35.36
C THR B 282 27.90 23.00 35.49
N TRP B 283 28.88 23.83 35.79
CA TRP B 283 30.15 23.36 36.28
C TRP B 283 30.24 23.76 37.75
N TYR B 284 31.02 23.00 38.52
CA TYR B 284 31.20 23.27 39.94
C TYR B 284 32.68 23.14 40.30
N ARG B 285 33.01 23.49 41.54
CA ARG B 285 34.37 23.36 42.04
C ARG B 285 34.50 22.13 42.95
N PRO B 286 35.16 21.06 42.47
CA PRO B 286 35.31 19.90 43.36
C PRO B 286 36.35 20.15 44.43
N THR B 287 36.24 19.46 45.56
CA THR B 287 37.19 19.62 46.64
C THR B 287 38.61 19.42 46.14
N ASP B 288 38.83 18.29 45.46
CA ASP B 288 40.08 17.99 44.82
C ASP B 288 39.88 17.69 43.33
N ILE B 289 40.99 17.75 42.63
CA ILE B 289 41.05 17.48 41.21
C ILE B 289 42.07 16.40 40.97
N LEU B 290 41.68 15.36 40.23
CA LEU B 290 42.62 14.32 39.82
C LEU B 290 43.49 14.87 38.71
N LYS B 291 44.40 15.79 39.02
CA LYS B 291 45.17 16.45 37.96
C LYS B 291 45.87 15.38 37.14
N ASN B 292 45.80 15.55 35.83
CA ASN B 292 46.48 14.67 34.89
C ASN B 292 46.10 13.18 35.00
N GLY B 293 45.10 12.88 35.81
CA GLY B 293 44.74 11.49 36.10
C GLY B 293 45.72 10.79 37.01
N ASP B 294 46.52 11.54 37.79
CA ASP B 294 47.60 10.95 38.59
C ASP B 294 47.38 11.17 40.08
N THR B 295 47.31 12.44 40.45
CA THR B 295 47.37 12.83 41.84
C THR B 295 46.26 13.82 42.16
N TRP B 296 45.54 13.52 43.24
CA TRP B 296 44.46 14.37 43.73
C TRP B 296 45.05 15.59 44.38
N THR B 297 44.67 16.76 43.91
CA THR B 297 45.18 18.00 44.47
C THR B 297 44.04 18.96 44.73
N ALA B 298 44.13 19.69 45.84
CA ALA B 298 43.08 20.61 46.24
C ALA B 298 42.85 21.56 45.10
N SER B 299 41.60 22.00 44.99
CA SER B 299 41.17 22.85 43.89
C SER B 299 41.40 24.32 44.20
N THR B 300 41.74 25.10 43.17
CA THR B 300 41.81 26.56 43.28
C THR B 300 40.59 27.12 42.58
N GLU B 301 40.13 28.29 43.04
CA GLU B 301 38.87 28.89 42.58
C GLU B 301 38.57 28.75 41.08
N THR B 302 39.62 28.82 40.25
CA THR B 302 39.48 28.73 38.79
C THR B 302 39.25 27.31 38.27
N ASP B 303 39.57 26.31 39.10
CA ASP B 303 39.42 24.90 38.73
C ASP B 303 37.95 24.48 38.80
N MET B 304 37.19 24.82 37.77
CA MET B 304 35.79 24.45 37.67
C MET B 304 35.68 23.16 36.87
N ARG B 305 34.72 22.29 37.19
CA ARG B 305 34.50 21.07 36.42
C ARG B 305 33.01 20.85 36.17
N PRO B 306 32.65 20.17 35.06
CA PRO B 306 31.23 19.95 34.76
C PRO B 306 30.56 18.96 35.69
N LEU B 307 29.37 19.33 36.11
CA LEU B 307 28.56 18.51 37.00
C LEU B 307 28.39 17.10 36.47
N LEU B 308 28.23 16.97 35.15
CA LEU B 308 27.95 15.67 34.53
C LEU B 308 29.16 14.74 34.45
N MET B 309 30.33 15.20 34.91
CA MET B 309 31.52 14.33 35.06
C MET B 309 31.36 13.39 36.24
N THR B 310 30.54 13.85 37.18
CA THR B 310 30.40 13.28 38.48
C THR B 310 28.97 12.88 38.83
N TRP B 311 27.96 13.52 38.25
CA TRP B 311 26.58 13.30 38.70
C TRP B 311 25.67 13.27 37.50
N TRP B 312 24.56 12.56 37.65
CA TRP B 312 23.56 12.43 36.59
C TRP B 312 22.19 12.40 37.23
N PRO B 313 21.17 12.90 36.54
CA PRO B 313 19.79 12.88 37.06
C PRO B 313 19.15 11.48 37.08
N ASP B 314 19.61 10.61 36.19
CA ASP B 314 19.07 9.27 36.07
C ASP B 314 20.06 8.39 35.33
N LYS B 315 19.79 7.09 35.33
CA LYS B 315 20.76 6.16 34.76
C LYS B 315 20.77 6.29 33.25
N GLN B 316 19.61 6.54 32.65
CA GLN B 316 19.53 6.73 31.21
C GLN B 316 20.50 7.83 30.73
N THR B 317 20.45 8.98 31.41
CA THR B 317 21.33 10.11 31.09
C THR B 317 22.77 9.75 31.32
N GLN B 318 23.04 9.06 32.43
CA GLN B 318 24.40 8.65 32.73
C GLN B 318 24.95 7.80 31.60
N ALA B 319 24.15 6.85 31.11
CA ALA B 319 24.61 5.93 30.08
C ALA B 319 24.85 6.66 28.79
N ASN B 320 24.03 7.66 28.52
CA ASN B 320 24.20 8.43 27.30
C ASN B 320 25.45 9.30 27.36
N TYR B 321 25.71 9.90 28.52
CA TYR B 321 26.94 10.66 28.70
C TYR B 321 28.14 9.79 28.43
N LEU B 322 28.15 8.58 28.99
CA LEU B 322 29.29 7.68 28.84
C LEU B 322 29.50 7.28 27.39
N ASN B 323 28.41 6.96 26.71
CA ASN B 323 28.47 6.65 25.30
C ASN B 323 28.97 7.81 24.46
N PHE B 324 28.52 9.02 24.77
CA PHE B 324 28.87 10.20 23.97
C PHE B 324 30.35 10.56 24.08
N MET B 325 30.86 10.57 25.31
CA MET B 325 32.26 10.91 25.59
C MET B 325 33.19 9.82 25.05
N SER B 326 32.77 8.57 25.20
CA SER B 326 33.42 7.42 24.55
C SER B 326 33.65 7.62 23.06
N SER B 327 32.64 8.15 22.37
CA SER B 327 32.70 8.33 20.94
C SER B 327 33.69 9.37 20.52
N LYS B 328 34.15 10.19 21.45
CA LYS B 328 35.14 11.20 21.14
C LYS B 328 36.58 10.74 21.35
N GLY B 329 36.78 9.43 21.54
CA GLY B 329 38.10 8.84 21.76
C GLY B 329 38.52 8.76 23.21
N LEU B 330 37.63 9.13 24.15
CA LEU B 330 37.95 9.27 25.58
C LEU B 330 37.84 7.95 26.36
N GLY B 331 37.23 6.95 25.75
CA GLY B 331 37.11 5.64 26.36
C GLY B 331 36.82 4.59 25.30
N ILE B 332 36.75 3.35 25.72
CA ILE B 332 36.27 2.26 24.88
C ILE B 332 34.90 2.72 24.40
N THR B 333 34.61 2.72 23.10
CA THR B 333 33.26 3.14 22.65
C THR B 333 32.28 2.12 23.14
N THR B 334 31.20 2.61 23.75
CA THR B 334 30.28 1.74 24.46
C THR B 334 28.84 1.98 24.04
N THR B 335 28.12 0.86 24.05
CA THR B 335 26.70 0.82 24.25
C THR B 335 26.50 0.61 25.73
N TYR B 336 26.15 1.67 26.44
CA TYR B 336 25.61 1.50 27.77
C TYR B 336 24.10 1.80 27.75
N THR B 337 23.34 1.10 28.58
CA THR B 337 21.89 1.29 28.68
C THR B 337 21.54 1.69 30.08
N ALA B 338 20.33 2.20 30.29
CA ALA B 338 19.80 2.40 31.63
C ALA B 338 19.74 1.10 32.41
N ALA B 339 19.66 -0.02 31.69
CA ALA B 339 19.70 -1.33 32.30
C ALA B 339 21.05 -1.73 32.89
N THR B 340 22.15 -1.16 32.38
CA THR B 340 23.51 -1.46 32.86
C THR B 340 23.57 -1.16 34.35
N SER B 341 24.35 -1.96 35.08
CA SER B 341 24.38 -1.86 36.54
C SER B 341 24.95 -0.53 36.94
N GLN B 342 24.49 0.00 38.06
CA GLN B 342 24.88 1.34 38.51
C GLN B 342 26.39 1.33 38.77
N LYS B 343 26.88 0.21 39.30
CA LYS B 343 28.30 0.00 39.62
C LYS B 343 29.14 0.19 38.39
N THR B 344 28.76 -0.50 37.32
CA THR B 344 29.52 -0.47 36.07
C THR B 344 29.54 0.94 35.51
N LEU B 345 28.40 1.63 35.55
CA LEU B 345 28.31 2.98 34.99
C LEU B 345 29.19 3.95 35.77
N ASN B 346 29.15 3.86 37.10
CA ASN B 346 29.96 4.72 37.95
C ASN B 346 31.45 4.50 37.77
N ASP B 347 31.87 3.23 37.67
CA ASP B 347 33.29 2.89 37.36
C ASP B 347 33.70 3.51 36.05
N ALA B 348 32.80 3.41 35.08
CA ALA B 348 33.07 3.91 33.74
C ALA B 348 33.07 5.42 33.72
N ALA B 349 32.30 6.07 34.57
CA ALA B 349 32.33 7.53 34.60
C ALA B 349 33.68 8.04 35.12
N PHE B 350 34.29 7.27 36.02
CA PHE B 350 35.59 7.62 36.59
C PHE B 350 36.71 7.42 35.58
N VAL B 351 36.66 6.34 34.78
CA VAL B 351 37.70 6.11 33.77
C VAL B 351 37.60 7.20 32.73
N ILE B 352 36.37 7.69 32.50
CA ILE B 352 36.17 8.88 31.65
C ILE B 352 36.67 10.15 32.33
N GLN B 353 36.42 10.31 33.62
CA GLN B 353 36.96 11.47 34.35
C GLN B 353 38.48 11.48 34.22
N THR B 354 39.13 10.32 34.40
CA THR B 354 40.58 10.20 34.28
C THR B 354 41.01 10.67 32.90
N ALA B 355 40.43 10.07 31.86
CA ALA B 355 40.72 10.47 30.48
C ALA B 355 40.53 11.99 30.28
N ILE B 356 39.51 12.56 30.92
CA ILE B 356 39.24 14.00 30.84
C ILE B 356 40.39 14.82 31.43
N GLU B 357 40.86 14.44 32.61
CA GLU B 357 41.89 15.22 33.28
C GLU B 357 43.20 15.13 32.51
N GLN B 358 43.39 14.03 31.78
CA GLN B 358 44.57 13.89 30.92
C GLN B 358 44.56 14.85 29.74
N GLN B 359 43.42 14.97 29.08
CA GLN B 359 43.30 15.90 27.96
C GLN B 359 43.25 17.35 28.43
N ILE B 360 42.93 17.59 29.70
CA ILE B 360 43.02 18.94 30.24
C ILE B 360 44.47 19.31 30.46
N SER B 361 45.26 18.39 30.99
CA SER B 361 46.67 18.64 31.14
C SER B 361 47.37 18.72 29.79
N LEU B 362 47.00 17.83 28.88
CA LEU B 362 47.61 17.77 27.55
C LEU B 362 47.34 19.03 26.74
N LYS B 363 46.10 19.53 26.78
CA LYS B 363 45.73 20.77 26.08
C LYS B 363 45.95 22.04 26.92
N LYS B 364 46.11 21.90 28.24
CA LYS B 364 46.18 23.04 29.18
C LYS B 364 44.97 23.98 29.06
N SER B 365 43.79 23.41 28.81
CA SER B 365 42.58 24.20 28.56
C SER B 365 41.34 23.39 28.99
N THR B 366 40.22 24.10 29.21
CA THR B 366 38.91 23.49 29.50
C THR B 366 37.83 23.87 28.46
N GLU B 367 38.20 24.64 27.44
CA GLU B 367 37.21 25.12 26.48
C GLU B 367 36.69 24.01 25.62
N TRP B 368 37.58 23.11 25.28
CA TRP B 368 37.25 21.92 24.51
C TRP B 368 36.13 21.14 25.18
N LEU B 369 36.17 21.09 26.51
CA LEU B 369 35.18 20.36 27.28
C LEU B 369 33.86 21.13 27.33
N ARG B 370 33.94 22.46 27.51
CA ARG B 370 32.75 23.30 27.48
C ARG B 370 31.90 23.01 26.23
N ASP B 371 32.59 22.90 25.10
CA ASP B 371 31.93 22.66 23.81
C ASP B 371 31.41 21.22 23.71
N ALA B 372 32.13 20.27 24.32
CA ALA B 372 31.69 18.89 24.36
C ALA B 372 30.46 18.71 25.25
N ILE B 373 30.45 19.39 26.40
CA ILE B 373 29.31 19.31 27.32
C ILE B 373 28.09 19.95 26.66
N ASP B 374 28.23 21.17 26.11
CA ASP B 374 27.13 21.85 25.40
C ASP B 374 26.45 20.93 24.42
N SER B 375 27.28 20.28 23.60
CA SER B 375 26.81 19.40 22.55
C SER B 375 26.06 18.23 23.14
N PHE B 376 26.64 17.58 24.15
CA PHE B 376 25.99 16.44 24.76
C PHE B 376 24.68 16.83 25.40
N VAL B 377 24.63 17.97 26.07
CA VAL B 377 23.44 18.36 26.79
C VAL B 377 22.26 18.50 25.86
N LYS B 378 22.49 19.04 24.67
CA LYS B 378 21.38 19.23 23.77
C LYS B 378 20.94 17.94 23.12
N THR B 379 21.79 16.91 23.16
CA THR B 379 21.42 15.52 22.80
C THR B 379 20.19 15.03 23.56
N GLN B 380 20.04 15.44 24.81
CA GLN B 380 19.03 14.88 25.67
C GLN B 380 17.70 15.59 25.54
N ALA B 381 16.65 14.80 25.39
CA ALA B 381 15.29 15.28 25.18
C ALA B 381 14.80 16.26 26.27
N ASN B 382 15.09 15.95 27.52
CA ASN B 382 14.78 16.87 28.61
C ASN B 382 15.52 18.21 28.58
N TRP B 383 16.61 18.26 27.82
CA TRP B 383 17.43 19.44 27.72
C TRP B 383 17.46 20.02 26.31
N ASN B 384 16.44 19.70 25.54
CA ASN B 384 16.23 20.35 24.24
C ASN B 384 14.74 20.50 23.96
N LYS B 385 14.42 20.92 22.74
CA LYS B 385 13.07 21.40 22.46
C LYS B 385 11.99 20.32 22.51
N GLN B 386 12.40 19.06 22.53
CA GLN B 386 11.45 17.97 22.38
C GLN B 386 10.48 17.90 23.54
N THR B 387 10.92 18.36 24.68
CA THR B 387 10.07 18.43 25.84
C THR B 387 9.37 19.76 25.95
N GLU B 388 9.45 20.58 24.89
CA GLU B 388 8.84 21.91 24.83
C GLU B 388 7.59 21.96 23.93
N ASP B 389 7.29 20.87 23.25
CA ASP B 389 6.09 20.79 22.41
C ASP B 389 6.06 21.88 21.32
N GLU B 390 7.12 21.92 20.51
CA GLU B 390 7.17 22.84 19.36
C GLU B 390 5.89 22.72 18.57
N ALA B 391 5.31 23.86 18.19
CA ALA B 391 4.12 23.90 17.35
C ALA B 391 4.19 25.13 16.44
N PHE B 392 3.50 25.08 15.30
CA PHE B 392 3.51 26.22 14.37
C PHE B 392 2.13 26.69 13.93
N ASP B 393 1.09 26.35 14.66
CA ASP B 393 -0.23 26.79 14.26
C ASP B 393 -0.49 28.15 14.91
N GLY B 394 -1.21 29.01 14.20
CA GLY B 394 -1.39 30.39 14.64
C GLY B 394 -0.07 31.14 14.62
N LEU B 395 0.05 32.16 15.46
CA LEU B 395 1.26 33.00 15.50
C LEU B 395 2.49 32.23 15.97
N GLN B 396 2.25 31.04 16.49
CA GLN B 396 3.31 30.13 16.83
C GLN B 396 4.12 29.79 15.57
N TRP B 397 3.52 29.96 14.39
CA TRP B 397 4.23 29.85 13.10
C TRP B 397 5.53 30.64 13.02
N LEU B 398 5.61 31.74 13.75
CA LEU B 398 6.77 32.62 13.71
C LEU B 398 7.97 32.03 14.40
N GLN B 399 7.78 31.53 15.62
CA GLN B 399 8.92 31.09 16.43
C GLN B 399 8.86 29.72 17.13
N GLY B 400 7.77 29.01 16.94
CA GLY B 400 7.71 27.64 17.35
C GLY B 400 6.94 27.41 18.62
N GLY B 401 6.44 28.49 19.25
CA GLY B 401 5.58 28.33 20.43
C GLY B 401 5.96 29.18 21.62
N PHE B 402 5.03 29.34 22.55
CA PHE B 402 5.19 30.32 23.60
C PHE B 402 5.08 29.72 25.00
N LEU B 403 5.81 30.33 25.94
CA LEU B 403 5.73 30.02 27.37
C LEU B 403 5.17 31.23 28.09
N ALA B 404 4.17 31.04 28.95
CA ALA B 404 3.68 32.14 29.80
C ALA B 404 4.37 32.08 31.16
N TYR B 405 4.93 33.20 31.62
CA TYR B 405 5.55 33.22 32.94
C TYR B 405 4.47 33.32 34.01
N GLN B 406 4.74 32.76 35.18
CA GLN B 406 3.74 32.68 36.24
C GLN B 406 4.22 33.38 37.50
N ASP B 407 3.24 33.82 38.28
CA ASP B 407 3.50 34.45 39.58
C ASP B 407 3.64 33.35 40.62
N ASP B 408 4.87 33.07 41.05
CA ASP B 408 5.13 31.91 41.92
C ASP B 408 6.09 32.36 42.99
N SER B 409 5.53 32.92 44.03
CA SER B 409 6.30 33.54 45.10
C SER B 409 7.18 32.55 45.84
N HIS B 410 6.78 31.29 45.91
CA HIS B 410 7.56 30.33 46.66
C HIS B 410 8.88 29.97 45.99
N ARG B 411 8.86 29.70 44.69
CA ARG B 411 10.07 29.22 43.99
C ARG B 411 10.78 30.24 43.11
N THR B 412 10.08 31.27 42.70
CA THR B 412 10.61 32.17 41.68
C THR B 412 10.11 33.60 41.95
N PRO B 413 10.45 34.14 43.14
CA PRO B 413 9.86 35.39 43.65
C PRO B 413 10.27 36.65 42.90
N ASN B 414 11.49 36.67 42.38
CA ASN B 414 11.95 37.78 41.55
C ASN B 414 11.12 37.95 40.29
N THR B 415 10.54 36.85 39.85
CA THR B 415 9.80 36.74 38.62
C THR B 415 8.33 37.04 38.83
N ASP B 416 7.90 37.14 40.08
CA ASP B 416 6.51 37.47 40.41
C ASP B 416 6.17 38.85 39.84
N SER B 417 4.99 38.95 39.23
CA SER B 417 4.50 40.18 38.57
C SER B 417 3.45 40.94 39.39
N GLY B 418 3.36 40.65 40.68
CA GLY B 418 2.40 41.35 41.54
C GLY B 418 0.98 41.20 41.02
N ASN B 419 0.68 39.98 40.58
CA ASN B 419 -0.62 39.61 40.03
C ASN B 419 -1.11 40.49 38.91
N ASN B 420 -0.21 40.79 37.99
CA ASN B 420 -0.54 41.52 36.77
C ASN B 420 -0.67 40.52 35.62
N ARG B 421 0.08 40.69 34.54
CA ARG B 421 0.09 39.73 33.43
C ARG B 421 -1.30 39.40 32.86
N LYS B 422 -2.10 40.44 32.65
CA LYS B 422 -3.37 40.28 32.00
C LYS B 422 -3.09 40.14 30.52
N LEU B 423 -3.48 39.01 29.96
CA LEU B 423 -3.09 38.67 28.60
C LEU B 423 -4.21 38.96 27.60
N GLY B 424 -3.83 39.51 26.45
CA GLY B 424 -4.69 39.59 25.27
C GLY B 424 -5.77 40.61 25.47
N ARG B 425 -5.43 41.72 26.11
CA ARG B 425 -6.42 42.74 26.35
C ARG B 425 -6.48 43.66 25.14
N GLN B 426 -6.70 43.07 23.97
CA GLN B 426 -6.84 43.83 22.72
C GLN B 426 -8.09 44.69 22.81
N PRO B 427 -8.30 45.57 21.83
CA PRO B 427 -9.41 46.50 21.96
C PRO B 427 -10.75 45.83 22.27
N ILE B 428 -11.09 44.82 21.48
CA ILE B 428 -12.37 44.15 21.65
C ILE B 428 -12.45 43.36 22.96
N ASN B 429 -11.31 43.12 23.62
CA ASN B 429 -11.25 42.38 24.90
C ASN B 429 -10.51 43.16 25.97
N ILE B 430 -10.61 44.49 25.91
CA ILE B 430 -9.86 45.33 26.82
C ILE B 430 -10.19 45.00 28.27
N ASP B 431 -11.43 44.60 28.54
CA ASP B 431 -11.87 44.30 29.90
C ASP B 431 -11.85 42.81 30.28
N GLY B 432 -11.25 41.97 29.44
CA GLY B 432 -11.24 40.52 29.70
C GLY B 432 -12.56 39.77 29.50
N SER B 433 -13.60 40.45 29.03
CA SER B 433 -14.92 39.84 28.93
C SER B 433 -15.01 38.80 27.84
N LYS B 434 -13.99 38.71 27.00
CA LYS B 434 -13.94 37.65 26.00
C LYS B 434 -12.79 36.67 26.25
N ASP B 435 -12.35 36.54 27.50
CA ASP B 435 -11.18 35.70 27.79
C ASP B 435 -11.36 34.22 27.44
N THR B 436 -12.61 33.73 27.50
CA THR B 436 -12.90 32.31 27.27
C THR B 436 -13.20 31.97 25.80
N THR B 437 -13.19 32.99 24.95
CA THR B 437 -13.51 32.86 23.54
C THR B 437 -12.28 33.17 22.68
N ASP B 438 -12.45 33.06 21.38
CA ASP B 438 -11.40 33.48 20.43
C ASP B 438 -11.20 34.99 20.39
N GLY B 439 -12.11 35.74 21.00
CA GLY B 439 -12.02 37.19 21.10
C GLY B 439 -10.94 37.66 22.05
N LYS B 440 -10.40 36.74 22.85
CA LYS B 440 -9.19 37.04 23.60
C LYS B 440 -8.04 37.31 22.62
N GLY B 441 -7.32 38.40 22.85
CA GLY B 441 -6.25 38.79 21.96
C GLY B 441 -5.06 37.85 21.99
N SER B 442 -4.36 37.76 20.88
CA SER B 442 -3.15 36.97 20.80
C SER B 442 -2.02 37.77 21.41
N GLU B 443 -1.82 37.69 22.74
CA GLU B 443 -0.86 38.55 23.45
C GLU B 443 0.56 38.25 23.00
N PHE B 444 0.80 37.05 22.50
CA PHE B 444 2.15 36.68 22.13
C PHE B 444 2.35 36.78 20.63
N LEU B 445 3.31 37.61 20.18
CA LEU B 445 3.64 37.72 18.72
C LEU B 445 5.07 37.26 18.52
N LEU B 446 6.02 37.92 19.16
CA LEU B 446 7.38 37.50 19.00
C LEU B 446 8.21 37.75 20.28
N ALA B 447 9.35 37.06 20.33
CA ALA B 447 10.41 37.25 21.33
C ALA B 447 9.88 37.29 22.76
N ASN B 448 10.40 38.21 23.56
CA ASN B 448 9.95 38.37 24.92
C ASN B 448 8.80 39.34 24.89
N ASP B 449 7.62 38.89 25.28
CA ASP B 449 6.45 39.75 25.25
C ASP B 449 6.38 40.55 26.56
N ILE B 450 6.38 41.87 26.39
CA ILE B 450 6.33 42.82 27.50
C ILE B 450 4.92 42.86 28.10
N ASP B 451 4.88 42.86 29.44
CA ASP B 451 3.62 42.91 30.20
C ASP B 451 3.09 44.32 30.24
N ASN B 452 2.30 44.69 29.23
CA ASN B 452 1.75 46.05 29.15
C ASN B 452 0.50 46.24 29.99
N SER B 453 0.14 45.22 30.77
CA SER B 453 -0.97 45.32 31.71
C SER B 453 -0.53 45.71 33.10
N ASN B 454 0.78 45.86 33.27
CA ASN B 454 1.37 46.31 34.52
C ASN B 454 1.55 47.84 34.51
N PRO B 455 0.86 48.56 35.42
CA PRO B 455 0.97 50.01 35.43
C PRO B 455 2.39 50.56 35.45
N ILE B 456 3.33 49.89 36.10
CA ILE B 456 4.71 50.36 36.12
C ILE B 456 5.29 50.33 34.70
N VAL B 457 4.97 49.25 33.97
CA VAL B 457 5.38 49.11 32.57
C VAL B 457 4.65 50.11 31.68
N GLN B 458 3.37 50.36 31.95
CA GLN B 458 2.59 51.34 31.18
C GLN B 458 3.25 52.73 31.27
N ALA B 459 3.73 53.09 32.47
CA ALA B 459 4.43 54.34 32.68
C ALA B 459 5.70 54.39 31.84
N GLU B 460 6.45 53.29 31.85
CA GLU B 460 7.70 53.22 31.10
C GLU B 460 7.48 53.32 29.59
N GLN B 461 6.39 52.77 29.09
CA GLN B 461 6.05 52.93 27.67
C GLN B 461 5.79 54.39 27.31
N LEU B 462 5.19 55.13 28.24
CA LEU B 462 4.93 56.56 28.06
C LEU B 462 6.22 57.37 28.08
N ASN B 463 7.16 56.98 28.95
CA ASN B 463 8.48 57.59 29.00
C ASN B 463 9.15 57.46 27.63
N TRP B 464 9.12 56.25 27.08
CA TRP B 464 9.66 56.01 25.77
C TRP B 464 8.96 56.85 24.71
N LEU B 465 7.64 56.95 24.82
CA LEU B 465 6.85 57.75 23.88
C LEU B 465 7.26 59.20 23.91
N HIS B 466 7.43 59.73 25.12
CA HIS B 466 7.89 61.08 25.29
C HIS B 466 9.27 61.26 24.65
N TYR B 467 10.15 60.30 24.91
CA TYR B 467 11.52 60.34 24.39
C TYR B 467 11.56 60.43 22.90
N LEU B 468 10.66 59.70 22.23
CA LEU B 468 10.59 59.73 20.78
C LEU B 468 10.03 61.06 20.24
N MET B 469 8.97 61.56 20.87
CA MET B 469 8.33 62.80 20.45
C MET B 469 9.21 64.02 20.73
N ASN B 470 10.21 63.86 21.58
CA ASN B 470 11.16 64.90 21.85
C ASN B 470 12.57 64.40 21.60
N PHE B 471 12.73 63.48 20.67
CA PHE B 471 14.05 62.87 20.43
C PHE B 471 15.11 63.90 20.12
N GLY B 472 14.80 64.80 19.20
CA GLY B 472 15.73 65.86 18.80
C GLY B 472 16.13 66.78 19.95
N SER B 473 15.16 67.21 20.75
CA SER B 473 15.43 68.11 21.88
C SER B 473 16.37 67.45 22.88
N ILE B 474 16.13 66.17 23.14
CA ILE B 474 16.85 65.46 24.18
C ILE B 474 18.26 65.08 23.74
N THR B 475 18.40 64.56 22.53
CA THR B 475 19.66 63.96 22.08
C THR B 475 20.62 64.88 21.33
N GLY B 476 20.09 65.93 20.70
CA GLY B 476 20.93 66.90 19.97
C GLY B 476 20.53 68.34 20.20
N ASN B 477 19.76 68.55 21.25
CA ASN B 477 19.29 69.85 21.64
C ASN B 477 18.76 70.64 20.43
N ASN B 478 18.06 69.93 19.52
CA ASN B 478 17.56 70.44 18.22
C ASN B 478 16.02 70.29 18.14
N ASP B 479 15.29 71.35 18.50
CA ASP B 479 13.80 71.34 18.49
C ASP B 479 13.14 71.11 17.14
N ASN B 480 13.93 71.04 16.08
CA ASN B 480 13.45 70.77 14.73
C ASN B 480 13.68 69.33 14.30
N ALA B 481 14.21 68.51 15.20
CA ALA B 481 14.53 67.14 14.85
C ALA B 481 13.71 66.19 15.68
N ASN B 482 12.46 66.55 15.94
CA ASN B 482 11.58 65.73 16.75
C ASN B 482 10.49 65.08 15.92
N PHE B 483 10.14 63.85 16.24
CA PHE B 483 9.04 63.15 15.56
C PHE B 483 7.73 63.83 15.90
N ASP B 484 6.79 63.80 14.97
CA ASP B 484 5.53 64.52 15.15
C ASP B 484 4.38 63.60 15.50
N GLY B 485 4.41 62.36 15.02
CA GLY B 485 3.35 61.39 15.27
C GLY B 485 3.89 60.00 15.41
N ILE B 486 3.00 59.03 15.61
CA ILE B 486 3.40 57.64 15.89
C ILE B 486 2.58 56.63 15.11
N ARG B 487 3.22 55.48 14.87
CA ARG B 487 2.54 54.29 14.37
C ARG B 487 2.59 53.29 15.49
N VAL B 488 1.44 52.74 15.86
CA VAL B 488 1.39 51.79 16.96
C VAL B 488 1.51 50.36 16.40
N ASP B 489 2.67 49.72 16.60
CA ASP B 489 2.93 48.34 16.13
C ASP B 489 2.16 47.32 16.96
N ALA B 490 1.43 46.46 16.26
CA ALA B 490 0.88 45.26 16.86
C ALA B 490 -0.16 45.58 17.93
N VAL B 491 -1.16 46.36 17.55
CA VAL B 491 -2.21 46.79 18.46
C VAL B 491 -2.97 45.65 19.15
N ASP B 492 -3.27 44.60 18.40
CA ASP B 492 -4.09 43.52 18.93
C ASP B 492 -3.28 42.54 19.78
N ASN B 493 -1.96 42.73 19.83
CA ASN B 493 -1.06 41.85 20.60
C ASN B 493 -0.61 42.45 21.96
N VAL B 494 -1.25 43.54 22.36
CA VAL B 494 -0.86 44.27 23.57
C VAL B 494 -2.11 44.71 24.28
N ASP B 495 -1.93 45.25 25.48
CA ASP B 495 -3.01 45.81 26.26
C ASP B 495 -3.48 47.11 25.61
N ALA B 496 -4.76 47.18 25.27
CA ALA B 496 -5.30 48.32 24.54
C ALA B 496 -5.29 49.64 25.34
N ASP B 497 -5.01 49.56 26.62
CA ASP B 497 -4.78 50.77 27.39
C ASP B 497 -3.72 51.66 26.78
N LEU B 498 -2.71 51.08 26.12
CA LEU B 498 -1.63 51.88 25.53
C LEU B 498 -2.13 52.91 24.55
N LEU B 499 -3.27 52.63 23.91
CA LEU B 499 -3.90 53.57 22.98
C LEU B 499 -4.39 54.82 23.72
N LYS B 500 -5.01 54.59 24.88
CA LYS B 500 -5.54 55.67 25.69
C LYS B 500 -4.42 56.48 26.30
N ILE B 501 -3.40 55.79 26.76
CA ILE B 501 -2.21 56.45 27.31
C ILE B 501 -1.59 57.39 26.26
N ALA B 502 -1.38 56.86 25.05
CA ALA B 502 -0.84 57.65 23.95
C ALA B 502 -1.76 58.78 23.53
N GLY B 503 -3.05 58.47 23.39
CA GLY B 503 -4.04 59.48 22.99
C GLY B 503 -4.10 60.66 23.94
N ASP B 504 -4.22 60.35 25.22
CA ASP B 504 -4.29 61.36 26.26
C ASP B 504 -3.01 62.20 26.35
N TYR B 505 -1.87 61.58 26.06
CA TYR B 505 -0.58 62.29 26.06
C TYR B 505 -0.58 63.35 25.00
N PHE B 506 -0.98 62.96 23.79
CA PHE B 506 -1.08 63.91 22.69
C PHE B 506 -2.08 65.01 22.95
N LYS B 507 -3.17 64.69 23.64
CA LYS B 507 -4.15 65.70 24.03
C LYS B 507 -3.53 66.72 24.96
N ALA B 508 -2.85 66.22 26.00
CA ALA B 508 -2.27 67.08 27.02
C ALA B 508 -1.15 67.96 26.45
N LEU B 509 -0.28 67.37 25.63
CA LEU B 509 0.89 68.07 25.12
C LEU B 509 0.65 68.88 23.88
N TYR B 510 -0.26 68.46 23.03
CA TYR B 510 -0.42 69.16 21.74
C TYR B 510 -1.85 69.69 21.46
N GLY B 511 -2.76 69.52 22.42
CA GLY B 511 -4.15 69.95 22.27
C GLY B 511 -4.77 69.42 21.00
N THR B 512 -4.58 68.13 20.74
CA THR B 512 -5.09 67.48 19.54
C THR B 512 -6.62 67.47 19.48
N ASP B 513 -7.26 67.50 20.65
CA ASP B 513 -8.73 67.53 20.75
C ASP B 513 -9.35 68.92 20.52
N LYS B 514 -8.50 69.94 20.32
CA LYS B 514 -8.97 71.33 20.24
C LYS B 514 -9.38 71.71 18.85
N SER B 515 -8.58 71.31 17.87
CA SER B 515 -8.83 71.67 16.51
C SER B 515 -8.30 70.62 15.57
N ASP B 516 -8.73 70.69 14.33
CA ASP B 516 -8.23 69.82 13.28
C ASP B 516 -6.77 70.17 12.93
N ALA B 517 -6.37 71.43 13.06
CA ALA B 517 -4.97 71.84 12.76
C ALA B 517 -3.99 71.24 13.74
N ASN B 518 -4.37 71.21 15.02
CA ASN B 518 -3.56 70.59 16.07
C ASN B 518 -3.49 69.08 15.90
N ALA B 519 -4.65 68.48 15.69
CA ALA B 519 -4.75 67.06 15.52
C ALA B 519 -3.90 66.63 14.35
N ASN B 520 -4.11 67.30 13.21
CA ASN B 520 -3.44 66.91 11.97
C ASN B 520 -1.95 67.28 11.95
N LYS B 521 -1.49 68.12 12.87
CA LYS B 521 -0.05 68.42 13.00
C LYS B 521 0.73 67.24 13.58
N HIS B 522 0.01 66.29 14.16
CA HIS B 522 0.61 65.12 14.77
C HIS B 522 -0.14 63.86 14.28
N LEU B 523 -0.07 63.63 12.97
CA LEU B 523 -0.72 62.49 12.34
C LEU B 523 -0.20 61.21 12.92
N SER B 524 -1.13 60.35 13.34
CA SER B 524 -0.81 59.06 14.00
C SER B 524 -1.72 57.89 13.53
N ILE B 525 -1.10 56.73 13.30
CA ILE B 525 -1.82 55.59 12.73
C ILE B 525 -1.66 54.34 13.59
N LEU B 526 -2.56 53.39 13.39
CA LEU B 526 -2.59 52.13 14.10
C LEU B 526 -2.45 50.98 13.13
N GLU B 527 -1.62 49.99 13.48
CA GLU B 527 -1.64 48.68 12.86
C GLU B 527 -2.66 47.84 13.67
N ASP B 528 -3.95 47.99 13.34
CA ASP B 528 -5.07 47.37 14.11
C ASP B 528 -5.89 46.46 13.21
N TRP B 529 -5.46 45.22 13.07
CA TRP B 529 -5.98 44.37 12.01
C TRP B 529 -7.38 43.83 12.29
N ASN B 530 -7.80 43.73 13.54
CA ASN B 530 -9.07 43.08 13.80
C ASN B 530 -10.22 43.85 13.15
N GLY B 531 -11.15 43.11 12.57
CA GLY B 531 -12.27 43.70 11.86
C GLY B 531 -13.24 44.51 12.73
N LYS B 532 -13.17 44.38 14.04
CA LYS B 532 -14.05 45.19 14.89
C LYS B 532 -13.29 46.36 15.54
N ASP B 533 -12.01 46.54 15.19
CA ASP B 533 -11.18 47.62 15.76
C ASP B 533 -11.64 49.00 15.30
N PRO B 534 -11.97 49.18 14.00
CA PRO B 534 -12.43 50.48 13.55
C PRO B 534 -13.53 51.07 14.37
N GLN B 535 -14.52 50.27 14.77
CA GLN B 535 -15.67 50.78 15.51
C GLN B 535 -15.31 51.09 16.94
N TYR B 536 -14.46 50.27 17.54
CA TYR B 536 -13.89 50.58 18.85
C TYR B 536 -13.13 51.89 18.77
N VAL B 537 -12.21 51.99 17.82
CA VAL B 537 -11.36 53.19 17.65
C VAL B 537 -12.24 54.46 17.58
N ASN B 538 -13.33 54.37 16.85
CA ASN B 538 -14.26 55.46 16.68
C ASN B 538 -15.02 55.80 17.94
N GLN B 539 -15.45 54.79 18.70
CA GLN B 539 -16.05 55.00 20.02
C GLN B 539 -15.07 55.70 20.96
N GLN B 540 -13.78 55.41 20.83
CA GLN B 540 -12.75 56.01 21.70
C GLN B 540 -12.20 57.34 21.17
N GLY B 541 -12.88 57.94 20.19
CA GLY B 541 -12.59 59.30 19.75
C GLY B 541 -11.49 59.46 18.71
N ASN B 542 -11.15 58.39 18.02
CA ASN B 542 -10.11 58.42 16.99
C ASN B 542 -8.86 59.19 17.35
N ALA B 543 -8.22 58.82 18.45
CA ALA B 543 -6.97 59.44 18.84
C ALA B 543 -5.85 59.08 17.84
N GLN B 544 -5.94 57.90 17.25
CA GLN B 544 -5.06 57.54 16.14
C GLN B 544 -5.96 56.96 15.05
N LEU B 545 -5.49 57.05 13.82
CA LEU B 545 -6.31 56.62 12.70
C LEU B 545 -6.32 55.10 12.62
N THR B 546 -7.51 54.49 12.60
CA THR B 546 -7.61 53.09 12.21
C THR B 546 -7.22 52.84 10.76
N MET B 547 -6.75 51.64 10.47
CA MET B 547 -6.59 51.22 9.08
C MET B 547 -7.96 50.92 8.51
N ASP B 548 -8.06 50.87 7.18
CA ASP B 548 -9.26 50.45 6.49
C ASP B 548 -8.91 49.24 5.64
N TYR B 549 -8.96 48.07 6.27
CA TYR B 549 -8.68 46.84 5.56
C TYR B 549 -9.75 46.49 4.54
N THR B 550 -10.99 46.98 4.70
CA THR B 550 -12.07 46.56 3.81
C THR B 550 -11.74 46.94 2.37
N VAL B 551 -11.12 48.09 2.20
CA VAL B 551 -10.67 48.50 0.87
C VAL B 551 -9.39 47.77 0.43
N THR B 552 -8.43 47.61 1.33
CA THR B 552 -7.19 46.87 1.03
C THR B 552 -7.51 45.42 0.61
N SER B 553 -8.50 44.87 1.30
CA SER B 553 -9.05 43.54 1.05
C SER B 553 -9.65 43.43 -0.33
N GLN B 554 -10.50 44.39 -0.65
CA GLN B 554 -11.19 44.37 -1.92
C GLN B 554 -10.23 44.53 -3.07
N PHE B 555 -9.12 45.25 -2.87
CA PHE B 555 -8.10 45.35 -3.90
C PHE B 555 -7.49 43.98 -4.14
N GLY B 556 -7.23 43.27 -3.05
CA GLY B 556 -6.77 41.90 -3.14
C GLY B 556 -7.66 41.02 -4.01
N ASN B 557 -8.95 41.07 -3.77
CA ASN B 557 -9.90 40.21 -4.44
C ASN B 557 -10.22 40.61 -5.86
N SER B 558 -10.31 41.90 -6.13
CA SER B 558 -10.76 42.41 -7.44
C SER B 558 -9.65 42.81 -8.45
N LEU B 559 -8.43 43.07 -7.98
CA LEU B 559 -7.37 43.60 -8.84
C LEU B 559 -6.01 43.01 -8.57
N THR B 560 -5.60 43.08 -7.30
CA THR B 560 -4.23 42.89 -6.88
C THR B 560 -3.82 41.43 -6.87
N HIS B 561 -4.71 40.53 -6.46
CA HIS B 561 -4.38 39.09 -6.41
C HIS B 561 -5.04 38.25 -7.50
N GLY B 562 -4.19 37.45 -8.13
CA GLY B 562 -4.65 36.34 -8.95
C GLY B 562 -4.69 36.71 -10.42
N ALA B 563 -4.23 35.78 -11.24
CA ALA B 563 -4.17 36.00 -12.67
C ALA B 563 -5.55 35.93 -13.36
N ASN B 564 -6.42 35.01 -12.94
CA ASN B 564 -7.65 34.76 -13.70
C ASN B 564 -8.98 35.06 -13.00
N ASN B 565 -9.18 34.60 -11.77
CA ASN B 565 -10.47 34.81 -11.09
C ASN B 565 -10.37 35.82 -10.02
N ARG B 566 -11.15 36.87 -10.13
CA ARG B 566 -11.11 37.99 -9.20
C ARG B 566 -12.55 38.42 -8.95
N SER B 567 -12.87 38.89 -7.74
CA SER B 567 -14.18 39.48 -7.52
C SER B 567 -14.41 40.58 -8.54
N ASN B 568 -15.64 40.73 -9.00
CA ASN B 568 -16.00 41.85 -9.83
C ASN B 568 -15.73 43.21 -9.16
N MET B 569 -15.51 44.21 -9.99
CA MET B 569 -15.37 45.58 -9.52
C MET B 569 -16.64 46.02 -8.80
N TRP B 570 -17.78 45.44 -9.17
CA TRP B 570 -19.05 45.69 -8.46
C TRP B 570 -18.91 45.68 -6.95
N TYR B 571 -18.06 44.78 -6.44
CA TYR B 571 -17.94 44.62 -5.00
C TYR B 571 -17.38 45.84 -4.30
N PHE B 572 -16.64 46.69 -5.01
CA PHE B 572 -16.20 47.97 -4.45
C PHE B 572 -17.34 48.90 -4.04
N LEU B 573 -18.51 48.76 -4.65
CA LEU B 573 -19.62 49.65 -4.34
C LEU B 573 -20.28 49.35 -3.00
N ASP B 574 -20.48 48.08 -2.67
CA ASP B 574 -21.19 47.70 -1.44
C ASP B 574 -22.60 48.29 -1.50
N THR B 575 -23.36 47.90 -2.52
CA THR B 575 -24.69 48.46 -2.74
C THR B 575 -25.62 48.18 -1.55
N GLY B 576 -25.38 47.07 -0.86
CA GLY B 576 -26.13 46.74 0.35
C GLY B 576 -26.17 47.88 1.36
N TYR B 577 -25.26 48.83 1.24
CA TYR B 577 -25.34 50.05 2.02
C TYR B 577 -26.73 50.67 1.93
N TYR B 578 -27.27 50.71 0.71
CA TYR B 578 -28.62 51.20 0.46
C TYR B 578 -29.64 50.07 0.55
N LEU B 579 -30.89 50.39 0.91
CA LEU B 579 -31.94 49.38 1.06
C LEU B 579 -32.27 48.84 -0.30
N ASN B 580 -32.30 47.50 -0.41
CA ASN B 580 -32.55 46.78 -1.68
C ASN B 580 -31.53 47.14 -2.78
N GLY B 581 -30.31 47.50 -2.40
CA GLY B 581 -29.36 48.07 -3.34
C GLY B 581 -30.00 48.99 -4.38
N ASP B 582 -30.98 49.81 -3.97
CA ASP B 582 -31.73 50.70 -4.90
C ASP B 582 -30.86 51.91 -5.27
N LEU B 583 -30.11 51.77 -6.36
CA LEU B 583 -29.25 52.83 -6.82
C LEU B 583 -30.07 53.97 -7.38
N ASN B 584 -31.29 53.72 -7.85
CA ASN B 584 -32.17 54.83 -8.16
C ASN B 584 -32.65 55.59 -6.92
N LYS B 585 -33.05 54.86 -5.88
CA LYS B 585 -33.77 55.46 -4.74
C LYS B 585 -32.84 55.91 -3.62
N LYS B 586 -31.78 55.14 -3.40
CA LYS B 586 -30.71 55.49 -2.46
C LYS B 586 -31.16 55.79 -1.03
N ILE B 587 -31.95 54.89 -0.47
CA ILE B 587 -32.37 54.98 0.92
C ILE B 587 -31.38 54.14 1.71
N VAL B 588 -30.73 54.78 2.68
CA VAL B 588 -29.70 54.11 3.46
C VAL B 588 -30.33 53.08 4.39
N ASP B 589 -29.66 51.94 4.54
CA ASP B 589 -30.11 50.91 5.44
C ASP B 589 -29.66 51.28 6.85
N LYS B 590 -30.64 51.69 7.65
CA LYS B 590 -30.44 52.23 8.98
C LYS B 590 -29.80 51.24 9.96
N ASN B 591 -29.98 49.94 9.73
CA ASN B 591 -29.50 48.90 10.64
C ASN B 591 -29.02 47.63 9.90
N ARG B 592 -27.79 47.68 9.39
CA ARG B 592 -27.17 46.49 8.80
C ARG B 592 -26.28 45.81 9.83
N PRO B 593 -26.03 44.49 9.64
CA PRO B 593 -25.21 43.67 10.56
C PRO B 593 -23.70 44.05 10.75
N ASN B 594 -23.40 45.31 11.11
CA ASN B 594 -22.02 45.77 11.35
C ASN B 594 -21.03 45.42 10.21
N SER B 595 -21.43 45.70 8.95
CA SER B 595 -20.76 45.13 7.76
C SER B 595 -20.46 46.13 6.66
N GLY B 596 -19.90 45.60 5.57
CA GLY B 596 -19.70 46.31 4.33
C GLY B 596 -18.35 46.99 4.34
N THR B 597 -18.06 47.71 3.25
CA THR B 597 -16.87 48.55 3.19
C THR B 597 -17.05 49.77 4.11
N LEU B 598 -15.96 50.26 4.69
CA LEU B 598 -16.03 51.24 5.78
C LEU B 598 -16.69 52.55 5.40
N VAL B 599 -16.40 53.00 4.19
CA VAL B 599 -16.90 54.30 3.71
C VAL B 599 -17.54 54.06 2.37
N ASN B 600 -18.84 54.31 2.29
CA ASN B 600 -19.50 54.15 1.02
C ASN B 600 -19.17 55.32 0.11
N ARG B 601 -18.85 54.99 -1.14
CA ARG B 601 -18.43 55.99 -2.12
C ARG B 601 -19.29 55.98 -3.38
N ILE B 602 -20.48 55.40 -3.30
CA ILE B 602 -21.38 55.35 -4.44
C ILE B 602 -21.78 56.77 -4.79
N ALA B 603 -22.17 57.53 -3.76
CA ALA B 603 -22.53 58.93 -3.94
C ALA B 603 -22.24 59.67 -2.64
N ASN B 604 -20.96 59.93 -2.42
CA ASN B 604 -20.49 60.51 -1.17
C ASN B 604 -20.40 62.02 -1.30
N SER B 605 -21.37 62.71 -0.71
CA SER B 605 -21.43 64.18 -0.71
C SER B 605 -20.90 64.79 0.60
N GLY B 606 -20.32 63.97 1.47
CA GLY B 606 -19.76 64.43 2.75
C GLY B 606 -20.78 64.85 3.79
N ASP B 607 -22.04 64.51 3.56
CA ASP B 607 -23.12 64.94 4.45
C ASP B 607 -23.32 64.03 5.66
N THR B 608 -22.96 62.76 5.52
CA THR B 608 -23.06 61.79 6.63
C THR B 608 -21.67 61.42 7.14
N LYS B 609 -21.53 61.49 8.46
CA LYS B 609 -20.26 61.34 9.17
C LYS B 609 -19.72 59.93 8.96
N VAL B 610 -18.40 59.82 8.82
CA VAL B 610 -17.76 58.53 8.65
C VAL B 610 -16.48 58.39 9.51
N ILE B 611 -15.98 57.17 9.69
CA ILE B 611 -14.81 56.92 10.54
C ILE B 611 -13.49 57.30 9.85
N PRO B 612 -12.72 58.21 10.45
CA PRO B 612 -11.48 58.64 9.82
C PRO B 612 -10.47 57.52 9.76
N ASN B 613 -9.75 57.46 8.66
CA ASN B 613 -8.92 56.30 8.43
C ASN B 613 -7.80 56.55 7.45
N TYR B 614 -6.81 55.67 7.51
CA TYR B 614 -5.80 55.56 6.48
C TYR B 614 -6.02 54.28 5.73
N SER B 615 -5.60 54.23 4.47
CA SER B 615 -5.79 53.05 3.65
C SER B 615 -4.58 52.83 2.77
N PHE B 616 -4.37 51.60 2.32
CA PHE B 616 -3.18 51.30 1.50
C PHE B 616 -3.37 50.09 0.61
N VAL B 617 -2.49 49.96 -0.38
CA VAL B 617 -2.50 48.81 -1.28
C VAL B 617 -1.50 47.77 -0.79
N ARG B 618 -0.30 48.23 -0.42
CA ARG B 618 0.73 47.37 0.17
C ARG B 618 1.43 48.02 1.35
N ALA B 619 2.19 47.20 2.06
CA ALA B 619 2.95 47.67 3.21
C ALA B 619 4.22 46.84 3.38
N HIS B 620 5.11 47.32 4.25
CA HIS B 620 6.37 46.63 4.52
C HIS B 620 6.11 45.20 4.98
N ASP B 621 4.95 45.01 5.62
CA ASP B 621 4.49 43.73 6.16
C ASP B 621 3.18 43.25 5.52
N TYR B 622 2.84 43.73 4.31
CA TYR B 622 1.66 43.21 3.60
C TYR B 622 1.95 43.10 2.11
N ASP B 623 1.73 41.90 1.57
CA ASP B 623 2.07 41.55 0.19
C ASP B 623 3.57 41.76 -0.12
N ALA B 624 4.40 41.54 0.90
CA ALA B 624 5.82 41.70 0.71
C ALA B 624 6.54 40.49 1.28
N GLN B 625 6.47 40.36 2.60
CA GLN B 625 7.25 39.34 3.32
C GLN B 625 7.01 37.92 2.80
N ASP B 626 5.77 37.58 2.49
CA ASP B 626 5.42 36.22 2.05
C ASP B 626 5.87 35.98 0.61
N PRO B 627 5.40 36.81 -0.34
CA PRO B 627 5.93 36.68 -1.70
C PRO B 627 7.45 36.59 -1.82
N ILE B 628 8.16 37.51 -1.16
CA ILE B 628 9.62 37.57 -1.27
C ILE B 628 10.24 36.24 -0.83
N ARG B 629 9.66 35.61 0.18
CA ARG B 629 10.15 34.31 0.66
C ARG B 629 9.69 33.17 -0.26
N LYS B 630 8.43 33.18 -0.66
CA LYS B 630 7.92 32.19 -1.61
C LYS B 630 8.80 32.15 -2.85
N ALA B 631 9.27 33.30 -3.30
CA ALA B 631 10.20 33.38 -4.42
C ALA B 631 11.52 32.66 -4.13
N MET B 632 12.08 32.86 -2.94
CA MET B 632 13.35 32.21 -2.59
C MET B 632 13.18 30.71 -2.46
N ILE B 633 12.02 30.31 -1.93
CA ILE B 633 11.68 28.89 -1.75
C ILE B 633 11.51 28.24 -3.11
N ASP B 634 10.79 28.92 -3.99
CA ASP B 634 10.50 28.40 -5.31
C ASP B 634 11.79 28.21 -6.13
N HIS B 635 12.81 29.03 -5.87
CA HIS B 635 14.12 28.90 -6.53
C HIS B 635 15.16 28.15 -5.67
N GLY B 636 14.70 27.41 -4.67
CA GLY B 636 15.58 26.54 -3.87
C GLY B 636 16.63 27.25 -3.01
N ILE B 637 16.45 28.54 -2.78
CA ILE B 637 17.43 29.32 -2.01
C ILE B 637 17.30 29.05 -0.52
N ILE B 638 16.07 28.76 -0.08
CA ILE B 638 15.79 28.27 1.27
C ILE B 638 14.72 27.19 1.15
N LYS B 639 14.50 26.48 2.25
CA LYS B 639 13.49 25.42 2.29
C LYS B 639 12.20 25.87 2.97
N ASN B 640 12.31 26.54 4.12
CA ASN B 640 11.13 27.02 4.83
C ASN B 640 11.00 28.53 4.93
N MET B 641 9.77 28.99 5.14
CA MET B 641 9.49 30.41 5.39
C MET B 641 10.20 30.94 6.64
N GLN B 642 10.38 30.09 7.65
CA GLN B 642 11.02 30.52 8.89
C GLN B 642 12.51 30.31 8.84
N ASP B 643 13.01 29.73 7.76
CA ASP B 643 14.43 29.51 7.60
C ASP B 643 15.25 30.79 7.83
N THR B 644 16.45 30.66 8.36
CA THR B 644 17.39 31.78 8.43
C THR B 644 18.10 31.90 7.10
N PHE B 645 18.11 33.10 6.55
CA PHE B 645 18.83 33.36 5.31
C PHE B 645 19.78 34.53 5.44
N THR B 646 20.87 34.47 4.68
CA THR B 646 21.85 35.52 4.68
C THR B 646 21.45 36.60 3.67
N PHE B 647 22.13 37.73 3.74
CA PHE B 647 21.87 38.85 2.85
C PHE B 647 22.19 38.51 1.39
N ASP B 648 23.24 37.73 1.14
CA ASP B 648 23.54 37.19 -0.22
C ASP B 648 22.41 36.37 -0.77
N GLN B 649 21.87 35.52 0.08
CA GLN B 649 20.75 34.65 -0.25
C GLN B 649 19.55 35.50 -0.62
N LEU B 650 19.31 36.56 0.16
CA LEU B 650 18.21 37.48 -0.12
C LEU B 650 18.40 38.21 -1.46
N ALA B 651 19.62 38.67 -1.73
CA ALA B 651 19.92 39.44 -2.96
C ALA B 651 19.65 38.63 -4.21
N GLN B 652 20.03 37.35 -4.17
CA GLN B 652 19.77 36.40 -5.27
C GLN B 652 18.28 36.18 -5.50
N GLY B 653 17.56 35.98 -4.41
CA GLY B 653 16.11 35.80 -4.47
C GLY B 653 15.43 37.05 -4.98
N MET B 654 15.93 38.19 -4.56
CA MET B 654 15.40 39.45 -5.02
C MET B 654 15.52 39.65 -6.52
N GLU B 655 16.60 39.15 -7.12
CA GLU B 655 16.75 39.22 -8.58
C GLU B 655 15.61 38.50 -9.30
N PHE B 656 15.14 37.39 -8.73
CA PHE B 656 14.02 36.64 -9.31
C PHE B 656 12.69 37.35 -9.03
N TYR B 657 12.56 37.93 -7.84
CA TYR B 657 11.40 38.72 -7.46
C TYR B 657 11.23 39.93 -8.38
N TYR B 658 12.33 40.64 -8.64
CA TYR B 658 12.28 41.77 -9.58
C TYR B 658 11.92 41.28 -10.99
N LYS B 659 12.56 40.20 -11.42
CA LYS B 659 12.34 39.61 -12.74
C LYS B 659 10.88 39.23 -12.98
N ASP B 660 10.26 38.65 -11.95
CA ASP B 660 8.82 38.32 -11.95
C ASP B 660 7.91 39.54 -11.94
N GLN B 661 8.28 40.55 -11.14
CA GLN B 661 7.49 41.79 -11.03
C GLN B 661 7.36 42.54 -12.36
N GLU B 662 8.49 42.65 -13.06
CA GLU B 662 8.58 43.41 -14.29
C GLU B 662 8.43 42.52 -15.54
N ASN B 663 7.87 41.32 -15.37
CA ASN B 663 7.73 40.35 -16.46
C ASN B 663 6.86 40.91 -17.59
N PRO B 664 7.42 41.00 -18.81
CA PRO B 664 6.66 41.54 -19.95
C PRO B 664 5.47 40.68 -20.33
N SER B 665 5.54 39.38 -20.08
CA SER B 665 4.39 38.51 -20.30
C SER B 665 3.13 39.11 -19.66
N GLY B 666 3.31 39.70 -18.48
CA GLY B 666 2.21 40.31 -17.72
C GLY B 666 1.73 39.43 -16.59
N PHE B 667 2.17 38.18 -16.60
CA PHE B 667 1.87 37.23 -15.56
C PHE B 667 2.83 37.44 -14.38
N LYS B 668 2.31 37.27 -13.16
CA LYS B 668 3.07 37.48 -11.93
C LYS B 668 2.81 36.34 -10.96
N LYS B 669 3.88 35.67 -10.51
CA LYS B 669 3.74 34.53 -9.62
C LYS B 669 3.78 34.94 -8.16
N TYR B 670 4.72 35.82 -7.83
CA TYR B 670 4.88 36.31 -6.45
C TYR B 670 4.32 37.73 -6.27
N ASN B 671 4.48 38.57 -7.29
CA ASN B 671 4.09 39.98 -7.23
C ASN B 671 2.62 40.23 -7.47
N ASP B 672 2.21 41.46 -7.16
CA ASP B 672 0.81 41.90 -7.28
C ASP B 672 0.47 42.45 -8.66
N TYR B 673 -0.73 42.14 -9.10
CA TYR B 673 -1.23 42.61 -10.39
C TYR B 673 -1.87 43.96 -10.21
N ASN B 674 -1.91 44.74 -11.29
CA ASN B 674 -2.74 45.95 -11.38
C ASN B 674 -2.45 47.02 -10.32
N LEU B 675 -1.17 47.15 -9.93
CA LEU B 675 -0.80 48.13 -8.90
C LEU B 675 -1.09 49.58 -9.30
N PRO B 676 -0.80 49.96 -10.56
CA PRO B 676 -1.18 51.30 -10.97
C PRO B 676 -2.67 51.55 -10.81
N SER B 677 -3.47 50.58 -11.22
CA SER B 677 -4.93 50.68 -11.17
C SER B 677 -5.42 50.78 -9.71
N ALA B 678 -4.78 50.01 -8.84
CA ALA B 678 -5.05 50.09 -7.42
C ALA B 678 -4.77 51.48 -6.87
N TYR B 679 -3.60 52.01 -7.20
CA TYR B 679 -3.19 53.33 -6.72
C TYR B 679 -4.11 54.41 -7.25
N ALA B 680 -4.57 54.23 -8.48
CA ALA B 680 -5.45 55.20 -9.07
C ALA B 680 -6.68 55.39 -8.18
N MET B 681 -7.20 54.28 -7.66
CA MET B 681 -8.40 54.36 -6.83
C MET B 681 -8.05 54.86 -5.45
N LEU B 682 -6.97 54.33 -4.89
CA LEU B 682 -6.55 54.71 -3.56
C LEU B 682 -6.40 56.23 -3.46
N LEU B 683 -5.76 56.81 -4.47
CA LEU B 683 -5.35 58.21 -4.41
C LEU B 683 -6.44 59.20 -4.82
N THR B 684 -7.58 58.70 -5.28
CA THR B 684 -8.72 59.56 -5.61
C THR B 684 -9.89 59.44 -4.63
N ASN B 685 -9.81 58.49 -3.70
CA ASN B 685 -10.92 58.26 -2.79
C ASN B 685 -11.08 59.34 -1.74
N LYS B 686 -12.33 59.74 -1.56
CA LYS B 686 -12.73 60.70 -0.53
C LYS B 686 -12.75 60.04 0.85
N ASP B 687 -12.61 60.84 1.89
CA ASP B 687 -12.64 60.38 3.28
C ASP B 687 -11.64 59.25 3.55
N THR B 688 -10.37 59.51 3.27
CA THR B 688 -9.28 58.59 3.65
C THR B 688 -7.98 59.33 3.57
N VAL B 689 -7.03 58.95 4.41
CA VAL B 689 -5.65 59.35 4.23
C VAL B 689 -4.91 58.21 3.57
N PRO B 690 -4.58 58.35 2.28
CA PRO B 690 -3.87 57.25 1.64
C PRO B 690 -2.44 57.09 2.11
N ARG B 691 -1.96 55.85 2.13
CA ARG B 691 -0.56 55.58 2.38
C ARG B 691 0.11 54.79 1.26
N VAL B 692 1.30 55.29 0.89
CA VAL B 692 2.07 54.77 -0.22
C VAL B 692 3.30 54.00 0.24
N TYR B 693 3.48 52.81 -0.32
CA TYR B 693 4.57 51.93 0.06
C TYR B 693 5.82 52.15 -0.80
N TYR B 694 6.92 52.47 -0.12
CA TYR B 694 8.24 52.59 -0.76
C TYR B 694 8.48 51.53 -1.85
N GLY B 695 8.09 50.30 -1.57
CA GLY B 695 8.33 49.16 -2.47
C GLY B 695 7.52 49.09 -3.75
N ASP B 696 6.50 49.95 -3.85
CA ASP B 696 5.76 50.15 -5.09
C ASP B 696 6.42 51.26 -5.93
N MET B 697 7.28 52.03 -5.28
CA MET B 697 7.97 53.15 -5.93
C MET B 697 9.41 52.77 -6.28
N TYR B 698 10.07 52.05 -5.37
CA TYR B 698 11.44 51.59 -5.59
C TYR B 698 11.49 50.11 -5.30
N LEU B 699 12.54 49.46 -5.77
CA LEU B 699 12.69 48.03 -5.59
C LEU B 699 12.94 47.72 -4.13
N GLU B 700 12.31 46.66 -3.63
CA GLU B 700 12.31 46.38 -2.20
C GLU B 700 13.65 45.94 -1.62
N GLY B 701 14.56 45.48 -2.47
CA GLY B 701 15.89 45.06 -2.03
C GLY B 701 17.02 45.98 -2.45
N GLY B 702 18.23 45.54 -2.16
CA GLY B 702 19.42 46.32 -2.49
C GLY B 702 19.44 47.59 -1.68
N GLN B 703 19.97 48.65 -2.27
CA GLN B 703 20.19 49.93 -1.58
C GLN B 703 18.95 50.79 -1.60
N TYR B 704 18.85 51.72 -0.65
CA TYR B 704 17.63 52.54 -0.50
C TYR B 704 17.52 53.49 -1.67
N MET B 705 16.38 53.48 -2.35
CA MET B 705 16.21 54.31 -3.52
C MET B 705 17.23 54.04 -4.65
N GLU B 706 17.74 52.82 -4.75
CA GLU B 706 18.75 52.46 -5.76
C GLU B 706 18.18 52.47 -7.16
N LYS B 707 16.93 52.03 -7.31
CA LYS B 707 16.30 51.95 -8.62
C LYS B 707 14.78 51.97 -8.49
N GLY B 708 14.14 52.82 -9.29
CA GLY B 708 12.69 52.91 -9.34
C GLY B 708 12.10 51.66 -9.93
N THR B 709 10.83 51.41 -9.59
CA THR B 709 10.05 50.30 -10.12
C THR B 709 9.40 50.74 -11.39
N ILE B 710 8.82 49.79 -12.12
CA ILE B 710 8.12 50.14 -13.35
C ILE B 710 6.87 50.98 -13.09
N TYR B 711 6.30 50.85 -11.89
CA TYR B 711 5.09 51.56 -11.55
C TYR B 711 5.36 53.04 -11.20
N ASN B 712 6.61 53.37 -10.90
CA ASN B 712 7.00 54.70 -10.38
C ASN B 712 6.40 55.91 -11.11
N PRO B 713 6.55 55.97 -12.45
CA PRO B 713 6.08 57.17 -13.13
C PRO B 713 4.57 57.33 -13.00
N VAL B 714 3.82 56.23 -13.12
CA VAL B 714 2.35 56.27 -13.07
C VAL B 714 1.85 56.71 -11.70
N ILE B 715 2.43 56.10 -10.68
CA ILE B 715 2.05 56.42 -9.32
C ILE B 715 2.45 57.87 -8.99
N SER B 716 3.62 58.28 -9.45
CA SER B 716 4.12 59.64 -9.21
C SER B 716 3.17 60.67 -9.83
N ALA B 717 2.67 60.35 -11.01
CA ALA B 717 1.76 61.21 -11.71
C ALA B 717 0.45 61.34 -10.96
N LEU B 718 -0.08 60.19 -10.53
CA LEU B 718 -1.33 60.14 -9.77
C LEU B 718 -1.22 61.02 -8.52
N LEU B 719 -0.04 60.97 -7.90
CA LEU B 719 0.20 61.71 -6.66
C LEU B 719 0.21 63.21 -6.88
N LYS B 720 0.82 63.66 -7.98
CA LYS B 720 0.89 65.08 -8.28
C LYS B 720 -0.45 65.61 -8.74
N ALA B 721 -1.16 64.78 -9.47
CA ALA B 721 -2.52 65.08 -9.88
C ALA B 721 -3.47 65.18 -8.67
N ARG B 722 -3.22 64.39 -7.63
CA ARG B 722 -4.02 64.44 -6.41
C ARG B 722 -4.01 65.81 -5.76
N ILE B 723 -2.83 66.43 -5.77
CA ILE B 723 -2.66 67.76 -5.24
C ILE B 723 -3.52 68.76 -6.01
N LYS B 724 -3.42 68.69 -7.33
CA LYS B 724 -4.02 69.64 -8.27
C LYS B 724 -5.53 69.55 -8.42
N TYR B 725 -6.05 68.33 -8.55
CA TYR B 725 -7.44 68.14 -8.96
C TYR B 725 -8.36 67.47 -7.93
N VAL B 726 -7.81 66.72 -6.97
CA VAL B 726 -8.66 65.89 -6.14
C VAL B 726 -9.31 66.68 -5.03
N SER B 727 -10.59 66.95 -5.18
CA SER B 727 -11.38 67.50 -4.09
C SER B 727 -12.88 67.36 -4.34
N GLY B 728 -13.67 67.70 -3.33
CA GLY B 728 -15.12 67.65 -3.40
C GLY B 728 -15.71 66.27 -3.27
N GLY B 729 -17.00 66.16 -3.63
CA GLY B 729 -17.74 64.93 -3.49
C GLY B 729 -17.23 63.86 -4.42
N GLN B 730 -17.71 62.65 -4.21
CA GLN B 730 -17.31 61.52 -4.99
C GLN B 730 -18.53 60.76 -5.44
N THR B 731 -18.42 60.12 -6.61
CA THR B 731 -19.33 59.05 -7.01
C THR B 731 -18.56 57.86 -7.55
N MET B 732 -19.20 56.70 -7.49
CA MET B 732 -18.59 55.48 -7.94
C MET B 732 -19.70 54.56 -8.42
N ALA B 733 -19.47 53.93 -9.57
CA ALA B 733 -20.41 52.96 -10.12
C ALA B 733 -19.65 51.92 -10.93
N THR B 734 -20.34 50.85 -11.31
CA THR B 734 -19.76 49.84 -12.18
C THR B 734 -20.77 49.41 -13.23
N ASP B 735 -20.24 48.98 -14.36
CA ASP B 735 -21.04 48.47 -15.45
C ASP B 735 -21.35 47.02 -15.08
N SER B 736 -22.13 46.87 -14.03
CA SER B 736 -22.30 45.61 -13.41
C SER B 736 -23.39 45.68 -12.35
N SER B 737 -24.08 44.57 -12.15
CA SER B 737 -25.18 44.49 -11.19
C SER B 737 -24.99 43.42 -10.08
N GLY B 738 -23.92 42.64 -10.13
CA GLY B 738 -23.69 41.57 -9.15
C GLY B 738 -22.54 40.65 -9.52
N LYS B 739 -22.64 39.37 -9.18
CA LYS B 739 -21.58 38.42 -9.50
C LYS B 739 -21.45 38.19 -11.01
N ASP B 740 -22.58 38.10 -11.71
CA ASP B 740 -22.63 37.58 -13.08
C ASP B 740 -23.06 38.68 -14.05
N LEU B 741 -22.47 38.70 -15.24
CA LEU B 741 -22.58 39.84 -16.17
C LEU B 741 -23.55 39.62 -17.34
N LYS B 742 -24.48 40.55 -17.53
CA LYS B 742 -25.36 40.58 -18.71
C LYS B 742 -24.59 40.84 -20.00
N ASP B 743 -25.32 40.76 -21.10
CA ASP B 743 -24.79 40.87 -22.46
C ASP B 743 -23.78 42.03 -22.70
N GLY B 744 -24.22 43.27 -22.47
CA GLY B 744 -23.39 44.42 -22.78
C GLY B 744 -22.33 44.68 -21.73
N GLU B 745 -22.53 44.10 -20.54
CA GLU B 745 -21.82 44.50 -19.32
C GLU B 745 -20.33 44.17 -19.30
N THR B 746 -19.53 45.16 -18.93
CA THR B 746 -18.09 45.10 -18.96
C THR B 746 -17.49 44.87 -17.58
N ASP B 747 -18.21 45.27 -16.54
CA ASP B 747 -17.71 45.30 -15.16
C ASP B 747 -16.50 46.23 -15.05
N LEU B 748 -16.68 47.40 -15.64
CA LEU B 748 -15.71 48.47 -15.63
C LEU B 748 -16.18 49.47 -14.58
N LEU B 749 -15.27 49.87 -13.69
CA LEU B 749 -15.64 50.76 -12.60
C LEU B 749 -15.34 52.20 -12.99
N THR B 750 -16.25 53.09 -12.62
CA THR B 750 -16.05 54.51 -12.84
C THR B 750 -16.10 55.29 -11.52
N SER B 751 -14.98 55.95 -11.19
CA SER B 751 -14.87 56.81 -10.00
C SER B 751 -14.63 58.24 -10.44
N VAL B 752 -15.33 59.18 -9.81
CA VAL B 752 -15.30 60.60 -10.13
C VAL B 752 -15.13 61.44 -8.87
N ARG B 753 -14.33 62.51 -8.96
CA ARG B 753 -14.38 63.62 -8.00
C ARG B 753 -14.75 64.91 -8.75
N PHE B 754 -15.49 65.78 -8.08
CA PHE B 754 -16.10 66.94 -8.72
C PHE B 754 -15.32 68.28 -8.67
N GLY B 755 -14.57 68.55 -7.60
CA GLY B 755 -13.94 69.86 -7.41
C GLY B 755 -14.22 70.37 -6.02
N LYS B 756 -13.70 71.54 -5.66
CA LYS B 756 -13.59 71.91 -4.23
C LYS B 756 -14.91 71.96 -3.45
N GLY B 757 -15.87 72.73 -3.95
CA GLY B 757 -17.15 72.86 -3.24
C GLY B 757 -18.27 72.02 -3.84
N ILE B 758 -17.96 71.16 -4.80
CA ILE B 758 -18.98 70.41 -5.52
C ILE B 758 -19.11 69.02 -4.90
N MET B 759 -20.26 68.74 -4.31
CA MET B 759 -20.45 67.50 -3.56
C MET B 759 -21.38 66.51 -4.26
N THR B 760 -22.01 66.90 -5.37
CA THR B 760 -22.97 66.04 -6.06
C THR B 760 -22.85 66.11 -7.58
N SER B 761 -23.38 65.08 -8.24
CA SER B 761 -23.54 65.05 -9.69
C SER B 761 -24.25 66.29 -10.20
N ASP B 762 -25.33 66.66 -9.52
CA ASP B 762 -26.27 67.67 -10.00
C ASP B 762 -25.95 69.05 -9.53
N GLN B 763 -25.05 69.18 -8.56
CA GLN B 763 -24.66 70.49 -8.10
C GLN B 763 -23.85 71.18 -9.19
N THR B 764 -24.26 72.41 -9.52
CA THR B 764 -23.68 73.17 -10.64
C THR B 764 -22.69 74.24 -10.16
N THR B 765 -22.83 74.69 -8.91
CA THR B 765 -21.92 75.72 -8.38
C THR B 765 -21.83 75.69 -6.85
N THR B 766 -20.73 76.27 -6.36
CA THR B 766 -20.42 76.28 -4.93
C THR B 766 -21.37 77.21 -4.18
N GLN B 767 -21.56 76.96 -2.88
CA GLN B 767 -22.38 77.86 -2.06
C GLN B 767 -21.63 79.13 -1.71
N ASP B 768 -20.32 79.03 -1.50
CA ASP B 768 -19.45 80.19 -1.23
C ASP B 768 -19.03 80.96 -2.48
N ASN B 769 -19.59 80.59 -3.64
CA ASN B 769 -19.26 81.24 -4.93
C ASN B 769 -17.75 81.32 -5.28
N SER B 770 -16.96 80.40 -4.75
CA SER B 770 -15.55 80.27 -5.11
C SER B 770 -15.49 79.56 -6.46
N GLN B 771 -14.51 79.92 -7.28
CA GLN B 771 -14.38 79.35 -8.63
C GLN B 771 -13.37 78.19 -8.74
N ASP B 772 -12.72 77.85 -7.64
CA ASP B 772 -11.66 76.82 -7.64
C ASP B 772 -12.08 75.55 -8.38
N TYR B 773 -13.33 75.15 -8.15
CA TYR B 773 -13.89 73.89 -8.63
C TYR B 773 -13.83 73.65 -10.14
N LYS B 774 -13.95 74.72 -10.93
CA LYS B 774 -14.08 74.57 -12.38
C LYS B 774 -12.89 73.79 -13.01
N ASN B 775 -11.67 73.98 -12.52
CA ASN B 775 -10.51 73.26 -13.05
C ASN B 775 -10.03 72.11 -12.21
N GLN B 776 -10.89 71.70 -11.30
CA GLN B 776 -10.58 70.59 -10.44
C GLN B 776 -11.46 69.39 -10.81
N GLY B 777 -11.38 68.32 -10.03
CA GLY B 777 -12.15 67.10 -10.27
C GLY B 777 -11.34 66.16 -11.15
N ILE B 778 -11.73 64.89 -11.18
CA ILE B 778 -10.96 63.87 -11.87
C ILE B 778 -11.83 62.65 -12.17
N GLY B 779 -11.48 61.93 -13.23
CA GLY B 779 -12.19 60.71 -13.64
C GLY B 779 -11.29 59.49 -13.68
N VAL B 780 -11.77 58.40 -13.10
CA VAL B 780 -11.04 57.14 -13.11
C VAL B 780 -11.90 55.99 -13.61
N ILE B 781 -11.33 55.25 -14.56
CA ILE B 781 -11.97 54.08 -15.13
C ILE B 781 -11.01 52.93 -15.00
N VAL B 782 -11.48 51.82 -14.45
CA VAL B 782 -10.60 50.68 -14.18
C VAL B 782 -11.32 49.34 -14.37
N GLY B 783 -10.58 48.40 -14.96
CA GLY B 783 -11.10 47.08 -15.24
C GLY B 783 -10.11 46.06 -14.76
N ASN B 784 -10.64 44.86 -14.50
CA ASN B 784 -9.84 43.75 -14.02
C ASN B 784 -9.81 42.62 -15.03
N ASN B 785 -10.08 42.94 -16.28
CA ASN B 785 -10.21 41.94 -17.30
C ASN B 785 -9.31 42.27 -18.47
N PRO B 786 -8.18 41.56 -18.59
CA PRO B 786 -7.22 41.86 -19.66
C PRO B 786 -7.69 41.42 -21.04
N ASP B 787 -8.71 40.56 -21.08
CA ASP B 787 -9.30 40.15 -22.34
C ASP B 787 -10.61 40.90 -22.57
N LEU B 788 -10.76 42.10 -22.02
CA LEU B 788 -12.02 42.86 -22.16
C LEU B 788 -12.16 43.46 -23.55
N LYS B 789 -13.26 43.11 -24.22
CA LYS B 789 -13.58 43.61 -25.56
C LYS B 789 -15.02 44.12 -25.54
N LEU B 790 -15.25 45.35 -25.97
CA LEU B 790 -16.61 45.91 -25.94
C LEU B 790 -17.43 45.47 -27.15
N ASN B 791 -18.76 45.50 -27.01
CA ASN B 791 -19.65 45.44 -28.20
C ASN B 791 -19.42 46.70 -29.02
N ASN B 792 -19.56 46.62 -30.33
CA ASN B 792 -19.31 47.80 -31.18
C ASN B 792 -20.21 48.97 -30.83
N ASP B 793 -21.47 48.67 -30.55
CA ASP B 793 -22.44 49.71 -30.21
C ASP B 793 -22.35 50.17 -28.76
N LYS B 794 -21.56 49.52 -27.91
CA LYS B 794 -21.51 49.86 -26.48
C LYS B 794 -20.87 51.22 -26.19
N THR B 795 -21.41 51.93 -25.21
CA THR B 795 -20.83 53.18 -24.74
C THR B 795 -20.62 53.19 -23.23
N ILE B 796 -19.50 53.76 -22.78
CA ILE B 796 -19.11 53.83 -21.36
C ILE B 796 -18.96 55.29 -20.91
N THR B 797 -19.53 55.64 -19.75
CA THR B 797 -19.66 57.03 -19.34
C THR B 797 -19.09 57.38 -17.97
N LEU B 798 -18.40 58.52 -17.91
CA LEU B 798 -17.98 59.13 -16.67
C LEU B 798 -18.85 60.35 -16.41
N HIS B 799 -19.75 60.30 -15.42
CA HIS B 799 -20.57 61.47 -15.09
C HIS B 799 -19.74 62.47 -14.26
N MET B 800 -19.02 63.33 -14.99
CA MET B 800 -18.13 64.34 -14.41
C MET B 800 -18.86 65.40 -13.61
N GLY B 801 -20.17 65.52 -13.86
CA GLY B 801 -21.05 66.33 -13.01
C GLY B 801 -21.55 67.55 -13.74
N LYS B 802 -22.69 68.07 -13.29
CA LYS B 802 -23.30 69.26 -13.89
C LYS B 802 -22.54 70.55 -13.57
N ALA B 803 -21.51 70.47 -12.74
CA ALA B 803 -20.57 71.59 -12.56
C ALA B 803 -19.52 71.64 -13.68
N HIS B 804 -19.51 70.65 -14.57
CA HIS B 804 -18.58 70.61 -15.71
C HIS B 804 -19.27 70.34 -17.04
N LYS B 805 -20.31 71.13 -17.32
CA LYS B 805 -21.00 71.05 -18.60
C LYS B 805 -20.08 71.54 -19.70
N ASN B 806 -20.05 70.82 -20.82
CA ASN B 806 -19.39 71.29 -22.06
C ASN B 806 -17.88 71.54 -21.92
N GLN B 807 -17.29 71.04 -20.84
CA GLN B 807 -15.89 71.27 -20.53
C GLN B 807 -14.96 70.28 -21.24
N LEU B 808 -13.75 70.74 -21.58
CA LEU B 808 -12.73 69.92 -22.21
C LEU B 808 -11.90 69.26 -21.13
N TYR B 809 -11.73 67.94 -21.28
CA TYR B 809 -10.95 67.12 -20.37
C TYR B 809 -9.82 66.46 -21.18
N ARG B 810 -8.69 66.20 -20.52
CA ARG B 810 -7.55 65.51 -21.16
C ARG B 810 -7.06 64.34 -20.32
N ALA B 811 -6.54 63.32 -20.98
CA ALA B 811 -6.05 62.12 -20.29
C ALA B 811 -4.77 62.39 -19.49
N LEU B 812 -4.71 61.86 -18.28
CA LEU B 812 -3.49 61.84 -17.49
C LEU B 812 -2.76 60.50 -17.69
N VAL B 813 -3.55 59.44 -17.80
CA VAL B 813 -3.03 58.08 -17.86
C VAL B 813 -3.97 57.18 -18.66
N LEU B 814 -3.41 56.46 -19.64
CA LEU B 814 -4.18 55.51 -20.49
C LEU B 814 -3.42 54.20 -20.76
N SER B 815 -4.08 53.08 -20.55
CA SER B 815 -3.46 51.76 -20.72
C SER B 815 -3.48 51.33 -22.16
N ASN B 816 -2.56 50.45 -22.51
CA ASN B 816 -2.52 49.88 -23.84
C ASN B 816 -1.80 48.55 -23.78
N ASP B 817 -1.56 47.93 -24.93
CA ASP B 817 -1.12 46.54 -24.97
C ASP B 817 0.35 46.31 -24.62
N SER B 818 1.15 47.38 -24.58
CA SER B 818 2.57 47.31 -24.21
C SER B 818 2.90 48.00 -22.87
N GLY B 819 2.01 48.88 -22.41
CA GLY B 819 2.19 49.55 -21.11
C GLY B 819 1.05 50.50 -20.76
N ILE B 820 1.38 51.53 -19.99
CA ILE B 820 0.44 52.59 -19.64
C ILE B 820 1.12 53.91 -19.93
N ASP B 821 0.52 54.69 -20.82
CA ASP B 821 1.02 56.01 -21.16
C ASP B 821 0.72 56.98 -20.05
N VAL B 822 1.67 57.88 -19.81
CA VAL B 822 1.56 58.92 -18.80
C VAL B 822 1.72 60.28 -19.44
N TYR B 823 0.77 61.19 -19.20
CA TYR B 823 0.80 62.50 -19.82
C TYR B 823 1.07 63.64 -18.81
N ASP B 824 2.17 64.35 -19.01
CA ASP B 824 2.68 65.32 -18.02
C ASP B 824 1.98 66.68 -18.05
N SER B 825 1.41 67.05 -19.18
CA SER B 825 0.79 68.36 -19.36
C SER B 825 -0.30 68.32 -20.41
N ASP B 826 -1.13 69.34 -20.45
CA ASP B 826 -2.30 69.33 -21.33
C ASP B 826 -1.95 69.16 -22.81
N ASP B 827 -0.82 69.71 -23.26
CA ASP B 827 -0.49 69.73 -24.70
C ASP B 827 -0.19 68.36 -25.30
N LYS B 828 0.50 67.51 -24.54
CA LYS B 828 0.96 66.23 -25.04
C LYS B 828 -0.09 65.13 -24.95
N ALA B 829 -1.26 65.46 -24.40
CA ALA B 829 -2.32 64.48 -24.19
C ALA B 829 -3.53 64.68 -25.10
N PRO B 830 -4.22 63.59 -25.43
CA PRO B 830 -5.49 63.66 -26.11
C PRO B 830 -6.57 64.31 -25.24
N THR B 831 -7.36 65.19 -25.85
CA THR B 831 -8.49 65.84 -25.17
C THR B 831 -9.80 65.17 -25.56
N LEU B 832 -10.83 65.45 -24.76
CA LEU B 832 -12.19 65.03 -25.06
C LEU B 832 -13.08 65.95 -24.26
N ARG B 833 -14.21 66.35 -24.84
CA ARG B 833 -15.08 67.31 -24.22
C ARG B 833 -16.35 66.64 -23.68
N THR B 834 -16.84 67.16 -22.55
CA THR B 834 -18.07 66.66 -21.96
C THR B 834 -19.27 67.25 -22.69
N ASN B 835 -20.41 66.60 -22.56
CA ASN B 835 -21.64 67.08 -23.18
C ASN B 835 -22.35 68.12 -22.31
N ASP B 836 -23.60 68.43 -22.66
CA ASP B 836 -24.45 69.38 -21.94
C ASP B 836 -24.65 69.01 -20.45
N ASN B 837 -24.91 67.74 -20.18
CA ASN B 837 -25.12 67.26 -18.82
C ASN B 837 -23.83 66.96 -18.08
N GLY B 838 -22.69 67.04 -18.77
CA GLY B 838 -21.38 66.91 -18.13
C GLY B 838 -20.80 65.51 -18.15
N ASP B 839 -21.20 64.70 -19.12
CA ASP B 839 -20.71 63.33 -19.21
C ASP B 839 -19.67 63.20 -20.31
N LEU B 840 -18.58 62.48 -20.02
CA LEU B 840 -17.61 62.05 -21.03
C LEU B 840 -18.03 60.69 -21.57
N ILE B 841 -18.35 60.61 -22.88
CA ILE B 841 -18.80 59.35 -23.49
C ILE B 841 -17.66 58.66 -24.23
N PHE B 842 -17.55 57.35 -24.02
CA PHE B 842 -16.54 56.49 -24.65
C PHE B 842 -17.22 55.34 -25.41
N HIS B 843 -16.62 54.93 -26.54
CA HIS B 843 -17.11 53.78 -27.31
C HIS B 843 -16.02 52.72 -27.41
N LYS B 844 -16.36 51.60 -28.02
CA LYS B 844 -15.37 50.58 -28.34
C LYS B 844 -14.21 51.22 -29.08
N THR B 845 -14.54 52.02 -30.09
CA THR B 845 -13.56 52.74 -30.86
C THR B 845 -13.70 54.25 -30.59
N ASN B 846 -12.59 54.91 -30.36
CA ASN B 846 -12.57 56.34 -30.04
C ASN B 846 -11.58 57.07 -30.93
N THR B 847 -11.95 58.26 -31.40
CA THR B 847 -11.01 59.11 -32.12
C THR B 847 -10.87 60.44 -31.36
N PHE B 848 -9.80 60.57 -30.57
CA PHE B 848 -9.57 61.76 -29.74
C PHE B 848 -8.70 62.75 -30.48
N VAL B 849 -8.85 64.03 -30.16
CA VAL B 849 -8.03 65.06 -30.78
C VAL B 849 -7.18 65.73 -29.71
N LYS B 850 -5.87 65.88 -29.98
CA LYS B 850 -5.01 66.69 -29.11
C LYS B 850 -5.44 68.14 -29.26
N GLN B 851 -5.22 68.94 -28.23
CA GLN B 851 -5.58 70.35 -28.30
C GLN B 851 -4.76 71.03 -29.41
N ASP B 852 -3.51 70.63 -29.55
CA ASP B 852 -2.62 71.23 -30.52
C ASP B 852 -2.08 70.25 -31.55
N GLY B 853 -1.37 69.23 -31.07
CA GLY B 853 -0.69 68.27 -31.95
C GLY B 853 -1.44 67.70 -33.17
N THR B 854 -2.57 67.04 -32.96
CA THR B 854 -3.07 66.06 -33.94
C THR B 854 -4.37 65.31 -33.53
N ILE B 855 -4.78 64.36 -34.36
CA ILE B 855 -5.83 63.35 -34.07
C ILE B 855 -5.22 62.03 -33.54
N ILE B 856 -5.86 61.40 -32.56
CA ILE B 856 -5.42 60.12 -31.94
C ILE B 856 -6.52 59.04 -31.96
N ASN B 857 -6.14 57.79 -32.26
CA ASN B 857 -7.06 56.63 -32.23
C ASN B 857 -6.85 55.76 -30.99
N TYR B 858 -7.92 55.32 -30.34
CA TYR B 858 -7.81 54.54 -29.09
C TYR B 858 -9.00 53.59 -28.88
N GLU B 859 -8.70 52.32 -28.62
CA GLU B 859 -9.73 51.35 -28.33
C GLU B 859 -9.86 51.14 -26.82
N MET B 860 -11.09 51.14 -26.32
CA MET B 860 -11.39 50.66 -24.96
C MET B 860 -11.22 49.14 -24.98
N LYS B 861 -10.02 48.74 -24.60
CA LYS B 861 -9.52 47.39 -24.80
C LYS B 861 -8.82 47.00 -23.52
N GLY B 862 -9.18 45.85 -22.98
CA GLY B 862 -8.39 45.28 -21.91
C GLY B 862 -7.02 44.91 -22.44
N SER B 863 -5.99 45.11 -21.63
CA SER B 863 -4.62 44.85 -22.04
C SER B 863 -3.94 43.95 -21.03
N LEU B 864 -2.84 43.32 -21.44
CA LEU B 864 -2.07 42.49 -20.53
C LEU B 864 -0.61 42.75 -20.77
N ASN B 865 0.07 43.25 -19.73
CA ASN B 865 1.50 43.50 -19.75
C ASN B 865 2.00 43.68 -18.31
N ALA B 866 3.27 44.03 -18.15
CA ALA B 866 3.85 44.20 -16.82
C ALA B 866 3.07 45.18 -15.93
N LEU B 867 2.55 46.27 -16.51
CA LEU B 867 1.88 47.35 -15.77
C LEU B 867 0.36 47.20 -15.55
N ILE B 868 -0.27 46.24 -16.22
CA ILE B 868 -1.69 46.03 -16.05
C ILE B 868 -2.16 44.65 -16.51
N SER B 869 -3.20 44.16 -15.84
CA SER B 869 -4.03 43.06 -16.34
C SER B 869 -5.47 43.51 -16.22
N GLY B 870 -5.89 44.34 -17.17
CA GLY B 870 -7.23 44.95 -17.16
C GLY B 870 -7.23 46.25 -17.95
N TYR B 871 -8.08 47.19 -17.55
CA TYR B 871 -8.04 48.54 -18.12
C TYR B 871 -7.73 49.61 -17.07
N LEU B 872 -7.08 50.71 -17.52
CA LEU B 872 -6.91 51.93 -16.72
C LEU B 872 -6.94 53.21 -17.55
N GLY B 873 -7.90 54.10 -17.24
CA GLY B 873 -7.98 55.44 -17.82
C GLY B 873 -8.24 56.48 -16.75
N VAL B 874 -7.45 57.55 -16.76
CA VAL B 874 -7.68 58.68 -15.87
C VAL B 874 -7.74 59.97 -16.67
N TRP B 875 -8.75 60.80 -16.40
CA TRP B 875 -9.01 62.04 -17.15
C TRP B 875 -9.14 63.25 -16.25
N VAL B 876 -8.51 64.35 -16.65
CA VAL B 876 -8.48 65.59 -15.86
C VAL B 876 -8.93 66.79 -16.70
N PRO B 877 -9.50 67.83 -16.06
CA PRO B 877 -9.86 69.02 -16.83
C PRO B 877 -8.63 69.77 -17.31
N VAL B 878 -8.65 70.18 -18.58
CA VAL B 878 -7.55 70.92 -19.16
C VAL B 878 -7.62 72.30 -18.57
N GLY B 879 -6.52 73.04 -18.67
CA GLY B 879 -6.45 74.40 -18.18
C GLY B 879 -6.07 74.50 -16.72
N ALA B 880 -5.47 73.46 -16.18
CA ALA B 880 -5.07 73.47 -14.79
C ALA B 880 -3.82 74.33 -14.60
N SER B 881 -3.91 75.27 -13.67
CA SER B 881 -2.78 76.11 -13.26
C SER B 881 -1.54 75.27 -12.83
N ASP B 882 -0.34 75.85 -12.96
CA ASP B 882 0.91 75.17 -12.55
C ASP B 882 1.04 75.03 -11.04
N SER B 883 0.50 75.98 -10.29
CA SER B 883 0.55 75.92 -8.84
C SER B 883 -0.81 75.55 -8.25
N GLN B 884 -1.72 75.03 -9.07
CA GLN B 884 -3.06 74.71 -8.61
C GLN B 884 -3.01 73.71 -7.47
N ASP B 885 -3.72 74.04 -6.40
CA ASP B 885 -3.76 73.26 -5.17
C ASP B 885 -5.22 73.10 -4.73
N ALA B 886 -5.70 71.87 -4.76
CA ALA B 886 -7.10 71.59 -4.46
C ALA B 886 -7.32 71.18 -3.00
N ARG B 887 -6.26 71.20 -2.23
CA ARG B 887 -6.29 70.75 -0.85
C ARG B 887 -6.94 71.77 0.06
N THR B 888 -7.43 71.31 1.18
CA THR B 888 -8.02 72.19 2.17
C THR B 888 -7.08 72.24 3.37
N VAL B 889 -6.78 73.43 3.86
CA VAL B 889 -5.96 73.53 5.06
C VAL B 889 -6.86 73.25 6.28
N ALA B 890 -6.26 72.66 7.32
CA ALA B 890 -6.98 72.35 8.55
C ALA B 890 -7.20 73.60 9.37
N THR B 891 -8.40 73.73 9.92
CA THR B 891 -8.85 74.96 10.58
C THR B 891 -8.55 75.02 12.07
N GLU B 892 -8.27 76.21 12.55
CA GLU B 892 -7.86 76.43 13.94
C GLU B 892 -9.05 76.46 14.90
N SER B 893 -10.27 76.59 14.37
CA SER B 893 -11.49 76.68 15.16
C SER B 893 -11.83 75.37 15.85
N SER B 894 -12.47 75.45 17.01
CA SER B 894 -13.02 74.26 17.65
C SER B 894 -14.27 73.84 16.90
N SER B 895 -14.03 73.12 15.81
CA SER B 895 -15.05 72.46 14.97
C SER B 895 -16.03 71.61 15.78
N SER B 896 -15.49 70.85 16.71
CA SER B 896 -16.26 69.83 17.40
C SER B 896 -15.91 69.74 18.89
N ASN B 897 -16.97 69.63 19.69
CA ASN B 897 -16.87 69.24 21.09
C ASN B 897 -17.40 67.80 21.30
N ASP B 898 -17.50 67.03 20.19
CA ASP B 898 -17.81 65.56 20.26
C ASP B 898 -16.79 64.69 21.04
N GLY B 899 -15.66 65.27 21.45
CA GLY B 899 -14.65 64.57 22.24
C GLY B 899 -13.52 64.06 21.36
N SER B 900 -13.86 63.78 20.11
CA SER B 900 -12.96 63.14 19.15
C SER B 900 -11.78 64.02 18.73
N VAL B 901 -10.69 63.37 18.33
CA VAL B 901 -9.48 64.04 17.86
C VAL B 901 -9.53 64.21 16.35
N PHE B 902 -9.36 63.13 15.60
CA PHE B 902 -9.39 63.24 14.12
C PHE B 902 -10.82 63.22 13.59
N HIS B 903 -11.01 63.90 12.45
CA HIS B 903 -12.29 63.91 11.76
C HIS B 903 -12.08 63.74 10.26
N SER B 904 -12.85 62.85 9.63
CA SER B 904 -12.73 62.66 8.19
C SER B 904 -13.44 63.80 7.49
N ASN B 905 -12.65 64.64 6.82
CA ASN B 905 -13.13 65.78 6.07
C ASN B 905 -12.09 66.13 4.98
N ALA B 906 -12.34 67.18 4.22
CA ALA B 906 -11.46 67.53 3.09
C ALA B 906 -10.05 67.91 3.56
N ALA B 907 -9.97 68.46 4.76
CA ALA B 907 -8.67 68.81 5.35
C ALA B 907 -7.83 67.59 5.65
N LEU B 908 -8.40 66.64 6.38
CA LEU B 908 -7.72 65.38 6.64
C LEU B 908 -7.35 64.67 5.32
N ASP B 909 -8.28 64.65 4.36
CA ASP B 909 -8.07 64.00 3.04
C ASP B 909 -6.94 64.64 2.22
N SER B 910 -6.54 65.85 2.58
CA SER B 910 -5.43 66.53 1.89
C SER B 910 -4.05 66.00 2.27
N ASN B 911 -4.03 65.10 3.26
CA ASN B 911 -2.81 64.41 3.67
C ASN B 911 -2.52 63.13 2.92
N VAL B 912 -1.23 62.76 2.90
CA VAL B 912 -0.75 61.54 2.29
C VAL B 912 0.46 61.09 3.06
N ILE B 913 0.44 59.83 3.47
CA ILE B 913 1.54 59.27 4.23
C ILE B 913 2.38 58.43 3.31
N TYR B 914 3.69 58.51 3.48
CA TYR B 914 4.61 57.66 2.70
C TYR B 914 5.33 56.74 3.66
N GLU B 915 5.10 55.45 3.50
CA GLU B 915 5.78 54.44 4.26
C GLU B 915 7.08 54.17 3.54
N GLY B 916 8.13 54.81 4.04
CA GLY B 916 9.33 54.99 3.25
C GLY B 916 10.45 54.08 3.67
N PHE B 917 10.19 52.79 3.61
CA PHE B 917 11.20 51.79 3.89
C PHE B 917 10.67 50.44 3.52
N SER B 918 11.58 49.49 3.40
CA SER B 918 11.25 48.10 3.14
C SER B 918 12.06 47.25 4.09
N ASN B 919 11.44 46.16 4.52
CA ASN B 919 12.12 45.28 5.41
C ASN B 919 13.28 44.56 4.77
N PHE B 920 13.31 44.52 3.45
CA PHE B 920 14.29 43.67 2.78
C PHE B 920 15.36 44.47 2.05
N GLN B 921 15.49 45.74 2.44
CA GLN B 921 16.61 46.55 2.01
C GLN B 921 17.89 45.85 2.43
N ALA B 922 18.91 45.92 1.58
CA ALA B 922 20.24 45.45 1.94
C ALA B 922 20.87 46.39 2.98
N MET B 923 21.96 45.96 3.62
CA MET B 923 22.66 46.86 4.53
C MET B 923 23.46 47.88 3.72
N PRO B 924 23.54 49.13 4.19
CA PRO B 924 24.24 50.14 3.39
C PRO B 924 25.69 49.78 3.09
N THR B 925 26.06 49.84 1.82
CA THR B 925 27.45 49.59 1.39
C THR B 925 28.39 50.72 1.84
N SER B 926 27.85 51.93 2.00
CA SER B 926 28.64 53.07 2.46
C SER B 926 27.83 54.02 3.33
N PRO B 927 28.52 54.78 4.20
CA PRO B 927 27.82 55.73 5.07
C PRO B 927 26.93 56.71 4.32
N GLU B 928 27.32 57.05 3.10
CA GLU B 928 26.61 58.07 2.35
C GLU B 928 25.27 57.53 1.84
N GLN B 929 25.16 56.21 1.67
CA GLN B 929 23.95 55.63 1.08
C GLN B 929 22.95 55.16 2.09
N SER B 930 23.18 55.46 3.37
CA SER B 930 22.27 55.07 4.43
C SER B 930 20.95 55.76 4.26
N THR B 931 19.87 55.02 4.51
CA THR B 931 18.51 55.45 4.21
C THR B 931 18.26 56.92 4.61
N ASN B 932 18.56 57.25 5.87
CA ASN B 932 18.23 58.57 6.39
C ASN B 932 19.12 59.74 5.85
N VAL B 933 20.32 59.40 5.38
CA VAL B 933 21.17 60.38 4.67
C VAL B 933 20.48 60.72 3.34
N VAL B 934 20.08 59.67 2.64
CA VAL B 934 19.35 59.80 1.39
C VAL B 934 18.06 60.60 1.55
N ILE B 935 17.28 60.30 2.58
CA ILE B 935 16.02 61.03 2.79
C ILE B 935 16.27 62.54 2.96
N ALA B 936 17.34 62.93 3.66
CA ALA B 936 17.70 64.34 3.81
C ALA B 936 17.91 65.04 2.46
N THR B 937 18.74 64.47 1.60
CA THR B 937 19.03 65.09 0.31
C THR B 937 17.81 65.10 -0.63
N LYS B 938 16.91 64.13 -0.47
CA LYS B 938 15.75 63.99 -1.39
C LYS B 938 14.42 64.55 -0.85
N ALA B 939 14.43 65.23 0.30
CA ALA B 939 13.16 65.65 0.92
C ALA B 939 12.25 66.42 -0.03
N ASN B 940 12.83 67.39 -0.76
CA ASN B 940 12.18 68.10 -1.90
C ASN B 940 11.21 67.24 -2.72
N LEU B 941 11.70 66.08 -3.16
CA LEU B 941 10.97 65.15 -4.03
C LEU B 941 9.61 64.75 -3.47
N PHE B 942 9.55 64.56 -2.16
CA PHE B 942 8.31 64.09 -1.52
C PHE B 942 7.35 65.22 -1.21
N LYS B 943 7.89 66.42 -1.00
CA LYS B 943 7.08 67.62 -0.82
C LYS B 943 6.17 67.71 -2.02
N GLU B 944 6.75 67.53 -3.21
CA GLU B 944 6.04 67.78 -4.47
C GLU B 944 5.21 66.59 -4.97
N LEU B 945 5.33 65.44 -4.28
CA LEU B 945 4.39 64.32 -4.41
C LEU B 945 3.18 64.45 -3.47
N GLY B 946 3.21 65.45 -2.57
CA GLY B 946 2.07 65.75 -1.72
C GLY B 946 2.08 65.06 -0.37
N ILE B 947 3.21 64.46 -0.03
CA ILE B 947 3.34 63.74 1.25
C ILE B 947 3.30 64.78 2.35
N THR B 948 2.42 64.60 3.32
CA THR B 948 2.36 65.47 4.46
C THR B 948 2.97 64.84 5.72
N SER B 949 3.06 63.51 5.75
CA SER B 949 3.78 62.76 6.82
C SER B 949 4.58 61.55 6.29
N PHE B 950 5.83 61.47 6.73
CA PHE B 950 6.76 60.44 6.28
C PHE B 950 6.88 59.41 7.38
N GLU B 951 6.42 58.19 7.10
CA GLU B 951 6.53 57.09 8.05
C GLU B 951 7.90 56.48 7.86
N LEU B 952 8.78 56.75 8.83
CA LEU B 952 10.14 56.22 8.86
C LEU B 952 10.13 54.88 9.56
N ALA B 953 11.06 54.04 9.16
CA ALA B 953 11.23 52.76 9.79
C ALA B 953 11.46 52.91 11.31
N PRO B 954 11.33 51.80 12.01
CA PRO B 954 11.70 51.80 13.41
C PRO B 954 13.21 51.91 13.53
N GLN B 955 13.64 52.90 14.29
CA GLN B 955 15.03 53.29 14.28
C GLN B 955 15.90 52.57 15.30
N TYR B 956 15.38 51.51 15.92
CA TYR B 956 16.00 50.96 17.13
C TYR B 956 17.13 50.03 16.74
N ARG B 957 18.10 49.85 17.64
CA ARG B 957 19.27 49.04 17.30
C ARG B 957 18.89 47.61 17.23
N SER B 958 19.22 46.98 16.11
CA SER B 958 18.81 45.62 15.85
C SER B 958 19.47 44.66 16.80
N SER B 959 18.69 43.66 17.20
CA SER B 959 19.21 42.58 17.99
C SER B 959 20.04 41.66 17.12
N GLY B 960 19.88 41.76 15.80
CA GLY B 960 20.86 41.21 14.88
C GLY B 960 20.91 39.69 14.85
N ASP B 961 22.13 39.16 14.84
CA ASP B 961 22.36 37.73 14.83
C ASP B 961 22.43 37.14 16.24
N THR B 962 22.41 37.98 17.27
CA THR B 962 22.40 37.50 18.65
C THR B 962 21.17 36.60 18.89
N ASN B 963 21.40 35.43 19.49
CA ASN B 963 20.33 34.44 19.64
C ASN B 963 20.61 33.55 20.82
N TYR B 964 19.91 33.78 21.92
CA TYR B 964 20.19 33.05 23.15
C TYR B 964 19.49 31.70 23.21
N GLY B 965 18.41 31.54 22.47
CA GLY B 965 17.83 30.22 22.29
C GLY B 965 16.66 30.38 21.35
N GLY B 966 16.17 29.28 20.82
CA GLY B 966 14.91 29.32 20.08
C GLY B 966 15.08 29.90 18.70
N MET B 967 13.98 30.05 17.99
CA MET B 967 14.08 30.40 16.59
C MET B 967 14.37 31.88 16.38
N SER B 968 15.38 32.15 15.56
CA SER B 968 15.70 33.49 15.10
C SER B 968 14.58 33.96 14.16
N PHE B 969 14.30 35.26 14.11
CA PHE B 969 13.25 35.82 13.23
C PHE B 969 13.83 36.83 12.24
N LEU B 970 13.19 37.01 11.07
CA LEU B 970 13.80 37.83 10.00
C LEU B 970 14.00 39.30 10.37
N ASP B 971 13.11 39.85 11.17
CA ASP B 971 13.26 41.19 11.70
C ASP B 971 14.64 41.37 12.31
N SER B 972 15.11 40.32 12.96
CA SER B 972 16.32 40.40 13.71
C SER B 972 17.50 40.28 12.79
N PHE B 973 17.50 39.24 11.96
CA PHE B 973 18.69 39.01 11.14
C PHE B 973 18.75 39.88 9.90
N LEU B 974 17.62 40.50 9.55
CA LEU B 974 17.62 41.54 8.52
C LEU B 974 17.73 42.99 9.07
N ASN B 975 17.92 43.11 10.39
CA ASN B 975 18.22 44.39 11.03
C ASN B 975 17.23 45.50 10.71
N ASN B 976 15.96 45.14 10.53
CA ASN B 976 14.99 46.12 10.08
C ASN B 976 14.51 47.04 11.19
N GLY B 977 14.79 46.69 12.44
CA GLY B 977 14.45 47.58 13.56
C GLY B 977 13.19 47.22 14.31
N TYR B 978 12.41 46.29 13.80
CA TYR B 978 11.31 45.73 14.60
C TYR B 978 11.81 44.72 15.67
N ALA B 979 13.03 44.23 15.50
CA ALA B 979 13.65 43.40 16.51
C ALA B 979 14.84 44.13 17.09
N PHE B 980 14.77 44.44 18.38
CA PHE B 980 15.75 45.28 19.05
C PHE B 980 16.03 44.87 20.48
N THR B 981 17.23 45.18 20.93
CA THR B 981 17.67 44.93 22.30
C THR B 981 17.46 46.16 23.18
N ASP B 982 17.79 47.32 22.63
CA ASP B 982 17.76 48.59 23.38
C ASP B 982 16.78 49.53 22.73
N ARG B 983 15.74 49.91 23.47
CA ARG B 983 14.63 50.70 22.90
C ARG B 983 15.00 52.16 22.65
N TYR B 984 15.99 52.64 23.39
CA TYR B 984 16.37 54.04 23.31
C TYR B 984 17.62 54.26 22.47
N ASP B 985 18.28 53.19 22.03
CA ASP B 985 19.45 53.31 21.15
C ASP B 985 19.00 53.34 19.70
N LEU B 986 19.03 54.53 19.09
CA LEU B 986 18.58 54.69 17.71
C LEU B 986 19.72 54.94 16.72
N GLY B 987 20.92 54.51 17.09
CA GLY B 987 22.10 54.65 16.23
C GLY B 987 23.23 55.44 16.85
N PHE B 988 23.26 55.50 18.18
CA PHE B 988 24.31 56.20 18.87
C PHE B 988 25.65 55.51 18.65
N ASN B 989 26.70 56.28 18.80
CA ASN B 989 28.04 55.77 18.68
C ASN B 989 28.42 54.79 19.79
N LYS B 990 29.42 53.98 19.51
CA LYS B 990 30.00 53.11 20.51
C LYS B 990 30.56 54.00 21.60
N ALA B 991 30.77 53.46 22.78
CA ALA B 991 31.28 54.25 23.88
C ALA B 991 32.75 54.67 23.64
N ASP B 992 33.49 53.92 22.83
CA ASP B 992 34.87 54.29 22.44
C ASP B 992 34.92 55.48 21.47
N GLY B 993 33.74 55.98 21.08
CA GLY B 993 33.63 57.17 20.27
C GLY B 993 33.28 56.84 18.84
N ASN B 994 33.58 55.61 18.41
CA ASN B 994 33.39 55.22 17.01
C ASN B 994 31.93 55.16 16.57
N PRO B 995 31.68 55.42 15.28
CA PRO B 995 30.31 55.37 14.78
C PRO B 995 29.73 53.98 14.93
N ASN B 996 28.40 53.93 15.11
CA ASN B 996 27.70 52.67 15.23
C ASN B 996 26.29 52.80 14.70
N PRO B 997 26.17 53.07 13.40
CA PRO B 997 24.83 53.33 12.85
C PRO B 997 23.94 52.12 12.91
N THR B 998 22.62 52.34 12.87
CA THR B 998 21.66 51.27 12.64
C THR B 998 21.76 50.92 11.18
N LYS B 999 20.81 50.15 10.69
CA LYS B 999 20.64 49.92 9.25
C LYS B 999 20.38 51.23 8.48
N TYR B 1000 19.78 52.20 9.18
CA TYR B 1000 19.30 53.43 8.59
C TYR B 1000 20.19 54.65 8.85
N GLY B 1001 21.17 54.52 9.74
CA GLY B 1001 22.17 55.58 9.93
C GLY B 1001 22.29 55.94 11.38
N THR B 1002 23.24 56.83 11.68
CA THR B 1002 23.51 57.24 13.04
C THR B 1002 22.36 58.07 13.56
N ASP B 1003 22.43 58.44 14.83
CA ASP B 1003 21.43 59.33 15.43
C ASP B 1003 21.47 60.72 14.82
N GLN B 1004 22.66 61.20 14.46
CA GLN B 1004 22.76 62.50 13.76
C GLN B 1004 22.06 62.41 12.39
N ASP B 1005 22.28 61.30 11.68
CA ASP B 1005 21.68 61.11 10.37
C ASP B 1005 20.17 61.21 10.46
N LEU B 1006 19.62 60.65 11.56
CA LEU B 1006 18.19 60.65 11.83
C LEU B 1006 17.66 62.05 12.12
N ARG B 1007 18.33 62.78 13.01
CA ARG B 1007 17.89 64.12 13.33
C ARG B 1007 17.94 65.02 12.10
N ASN B 1008 18.94 64.81 11.24
CA ASN B 1008 19.05 65.56 10.00
C ASN B 1008 17.95 65.19 9.04
N ALA B 1009 17.62 63.90 8.98
CA ALA B 1009 16.53 63.44 8.15
C ALA B 1009 15.16 63.99 8.60
N ILE B 1010 14.95 64.06 9.91
CA ILE B 1010 13.69 64.61 10.47
C ILE B 1010 13.58 66.12 10.22
N GLU B 1011 14.69 66.83 10.45
CA GLU B 1011 14.75 68.26 10.20
C GLU B 1011 14.46 68.54 8.73
N ALA B 1012 15.12 67.80 7.84
CA ALA B 1012 14.90 67.91 6.39
C ALA B 1012 13.44 67.78 5.98
N LEU B 1013 12.70 66.93 6.67
CA LEU B 1013 11.27 66.77 6.42
C LEU B 1013 10.48 67.98 6.91
N HIS B 1014 10.88 68.56 8.03
CA HIS B 1014 10.25 69.77 8.53
C HIS B 1014 10.55 70.98 7.66
N LYS B 1015 11.81 71.11 7.23
CA LYS B 1015 12.22 72.08 6.20
C LYS B 1015 11.33 72.02 4.98
N ASN B 1016 10.86 70.82 4.63
CA ASN B 1016 9.96 70.63 3.48
C ASN B 1016 8.48 70.44 3.86
N GLY B 1017 8.10 70.93 5.04
CA GLY B 1017 6.70 70.98 5.49
C GLY B 1017 6.03 69.63 5.68
N MET B 1018 6.83 68.59 5.96
CA MET B 1018 6.32 67.22 6.19
C MET B 1018 6.61 66.76 7.61
N GLN B 1019 5.75 65.88 8.11
CA GLN B 1019 5.93 65.29 9.43
C GLN B 1019 6.78 64.04 9.40
N ALA B 1020 7.32 63.67 10.55
CA ALA B 1020 8.01 62.41 10.71
C ALA B 1020 7.28 61.53 11.72
N ILE B 1021 6.95 60.30 11.31
CA ILE B 1021 6.27 59.33 12.16
C ILE B 1021 7.26 58.33 12.78
N ALA B 1022 7.17 58.18 14.09
CA ALA B 1022 8.01 57.24 14.82
C ALA B 1022 7.25 55.94 14.96
N ASP B 1023 7.92 54.84 14.68
CA ASP B 1023 7.30 53.53 14.87
C ASP B 1023 7.39 53.13 16.36
N TRP B 1024 6.25 53.15 17.05
CA TRP B 1024 6.16 52.83 18.49
C TRP B 1024 5.87 51.31 18.67
N VAL B 1025 6.84 50.56 19.23
CA VAL B 1025 6.83 49.08 19.26
C VAL B 1025 6.86 48.57 20.70
N PRO B 1026 5.70 48.66 21.37
CA PRO B 1026 5.63 48.30 22.77
C PRO B 1026 5.48 46.80 23.05
N ASP B 1027 5.17 45.98 22.03
CA ASP B 1027 4.81 44.60 22.32
C ASP B 1027 5.96 43.74 22.81
N GLN B 1028 7.16 43.88 22.23
CA GLN B 1028 8.27 42.99 22.59
C GLN B 1028 9.68 43.58 22.47
N ILE B 1029 10.63 42.79 22.95
CA ILE B 1029 12.03 43.14 22.91
C ILE B 1029 12.86 41.85 22.80
N TYR B 1030 14.00 41.92 22.12
CA TYR B 1030 14.76 40.72 21.79
C TYR B 1030 16.10 40.65 22.52
N ALA B 1031 16.65 39.44 22.59
CA ALA B 1031 18.07 39.19 22.93
C ALA B 1031 18.56 39.94 24.16
N LEU B 1032 17.96 39.61 25.30
CA LEU B 1032 18.39 40.15 26.60
C LEU B 1032 19.46 39.24 27.19
N PRO B 1033 20.62 39.79 27.59
CA PRO B 1033 21.77 38.94 27.89
C PRO B 1033 21.76 38.24 29.24
N GLY B 1034 20.90 38.67 30.15
CA GLY B 1034 20.93 38.16 31.50
C GLY B 1034 19.85 37.13 31.75
N LYS B 1035 20.19 36.05 32.47
CA LYS B 1035 19.27 34.93 32.67
C LYS B 1035 18.57 35.02 34.00
N GLU B 1036 17.33 34.55 34.05
CA GLU B 1036 16.61 34.37 35.30
C GLU B 1036 15.90 33.02 35.22
N VAL B 1037 15.43 32.53 36.35
CA VAL B 1037 14.65 31.29 36.39
C VAL B 1037 13.19 31.66 36.53
N VAL B 1038 12.40 31.36 35.51
CA VAL B 1038 10.99 31.64 35.57
C VAL B 1038 10.22 30.35 35.78
N THR B 1039 8.97 30.53 36.23
CA THR B 1039 8.02 29.45 36.31
C THR B 1039 7.12 29.58 35.10
N ALA B 1040 7.11 28.55 34.26
CA ALA B 1040 6.58 28.70 32.92
C ALA B 1040 5.62 27.58 32.52
N THR B 1041 4.57 27.98 31.83
CA THR B 1041 3.55 27.09 31.29
C THR B 1041 3.50 27.24 29.74
N ARG B 1042 3.42 26.14 29.00
CA ARG B 1042 3.37 26.21 27.53
C ARG B 1042 1.97 26.61 27.03
N VAL B 1043 1.92 27.62 26.17
CA VAL B 1043 0.67 28.27 25.78
C VAL B 1043 0.66 28.60 24.30
N ASP B 1044 -0.54 28.86 23.76
CA ASP B 1044 -0.70 29.34 22.39
C ASP B 1044 -0.66 30.86 22.38
N GLU B 1045 -0.81 31.45 21.20
CA GLU B 1045 -0.71 32.90 21.06
C GLU B 1045 -1.59 33.71 22.03
N ARG B 1046 -2.73 33.14 22.42
CA ARG B 1046 -3.67 33.79 23.32
C ARG B 1046 -3.40 33.51 24.78
N GLY B 1047 -2.30 32.84 25.08
CA GLY B 1047 -1.93 32.55 26.46
C GLY B 1047 -2.78 31.47 27.09
N ASN B 1048 -3.39 30.63 26.27
CA ASN B 1048 -4.12 29.48 26.77
C ASN B 1048 -3.23 28.26 26.76
N GLN B 1049 -3.24 27.52 27.85
CA GLN B 1049 -2.40 26.34 27.99
C GLN B 1049 -2.71 25.36 26.87
N LEU B 1050 -1.67 24.78 26.26
CA LEU B 1050 -1.91 23.75 25.24
C LEU B 1050 -2.60 22.56 25.92
N LYS B 1051 -3.50 21.82 25.23
CA LYS B 1051 -4.35 20.88 25.98
C LYS B 1051 -3.60 19.63 26.47
N ASP B 1052 -2.75 19.11 25.60
CA ASP B 1052 -1.97 17.92 25.89
C ASP B 1052 -0.50 18.27 26.06
N THR B 1053 -0.23 19.11 27.05
CA THR B 1053 1.14 19.41 27.42
C THR B 1053 1.39 19.06 28.89
N ASP B 1054 2.57 18.49 29.12
CA ASP B 1054 3.06 18.25 30.45
C ASP B 1054 3.90 19.45 30.92
N PHE B 1055 4.18 20.40 30.04
CA PHE B 1055 4.95 21.61 30.43
C PHE B 1055 4.04 22.63 31.15
N VAL B 1056 3.84 22.44 32.45
CA VAL B 1056 3.00 23.33 33.26
C VAL B 1056 3.70 23.68 34.58
N ASN B 1057 3.75 24.97 34.91
CA ASN B 1057 4.47 25.48 36.07
C ASN B 1057 5.87 24.87 36.29
N LEU B 1058 6.63 24.65 35.21
CA LEU B 1058 8.02 24.15 35.33
C LEU B 1058 9.05 25.27 35.40
N LEU B 1059 10.18 24.97 36.05
CA LEU B 1059 11.25 25.93 36.14
C LEU B 1059 12.07 25.85 34.88
N TYR B 1060 12.41 27.05 34.42
CA TYR B 1060 13.00 27.25 33.12
C TYR B 1060 13.93 28.47 33.20
N VAL B 1061 15.06 28.38 32.50
CA VAL B 1061 15.99 29.49 32.41
C VAL B 1061 15.63 30.26 31.17
N ALA B 1062 15.20 31.51 31.36
CA ALA B 1062 14.90 32.42 30.24
C ALA B 1062 15.95 33.53 30.16
N ASN B 1063 16.07 34.18 29.01
CA ASN B 1063 16.89 35.38 28.91
C ASN B 1063 16.00 36.62 28.99
N THR B 1064 15.88 37.20 30.18
CA THR B 1064 14.90 38.26 30.45
C THR B 1064 15.46 39.56 31.01
N LYS B 1065 16.76 39.57 31.30
CA LYS B 1065 17.38 40.63 32.06
C LYS B 1065 18.24 41.47 31.13
N SER B 1066 18.01 42.78 31.14
CA SER B 1066 18.72 43.75 30.32
C SER B 1066 20.14 43.95 30.85
N SER B 1067 21.03 44.50 30.02
CA SER B 1067 22.42 44.71 30.44
C SER B 1067 22.51 45.68 31.61
N GLY B 1068 21.55 46.60 31.72
CA GLY B 1068 21.50 47.61 32.79
C GLY B 1068 22.54 48.71 32.68
N VAL B 1069 23.29 48.68 31.58
CA VAL B 1069 24.32 49.66 31.31
C VAL B 1069 24.17 50.15 29.85
N ASP B 1070 22.93 50.10 29.36
CA ASP B 1070 22.58 50.46 27.97
C ASP B 1070 21.82 51.78 27.98
N TYR B 1071 21.20 52.14 26.85
CA TYR B 1071 20.44 53.41 26.80
C TYR B 1071 19.07 53.29 27.49
N GLN B 1072 18.57 52.08 27.63
CA GLN B 1072 17.39 51.84 28.47
C GLN B 1072 17.67 52.22 29.92
N ALA B 1073 18.92 52.03 30.35
CA ALA B 1073 19.34 52.40 31.69
C ALA B 1073 19.54 53.90 31.84
N LYS B 1074 20.18 54.52 30.85
CA LYS B 1074 20.33 55.96 30.86
C LYS B 1074 18.97 56.68 30.89
N TYR B 1075 18.15 56.45 29.88
CA TYR B 1075 16.93 57.23 29.70
C TYR B 1075 15.66 56.64 30.32
N GLY B 1076 15.71 55.41 30.82
CA GLY B 1076 14.53 54.81 31.41
C GLY B 1076 13.93 55.67 32.51
N GLY B 1077 12.61 55.86 32.47
CA GLY B 1077 11.88 56.64 33.48
C GLY B 1077 12.25 58.09 33.80
N GLU B 1078 13.24 58.64 33.09
CA GLU B 1078 13.83 59.93 33.45
C GLU B 1078 12.87 61.11 33.33
N PHE B 1079 12.00 61.03 32.34
CA PHE B 1079 11.18 62.18 31.97
C PHE B 1079 9.83 62.18 32.67
N LEU B 1080 9.56 61.16 33.47
CA LEU B 1080 8.23 61.01 34.06
C LEU B 1080 7.97 62.00 35.19
N ASP B 1081 8.98 62.29 35.98
CA ASP B 1081 8.77 63.17 37.13
C ASP B 1081 8.45 64.55 36.61
N LYS B 1082 9.23 64.98 35.64
CA LYS B 1082 8.96 66.23 34.95
C LYS B 1082 7.52 66.27 34.41
N LEU B 1083 7.08 65.18 33.80
CA LEU B 1083 5.73 65.06 33.21
C LEU B 1083 4.60 65.01 34.22
N ARG B 1084 4.83 64.38 35.38
CA ARG B 1084 3.79 64.30 36.42
C ARG B 1084 3.53 65.67 37.03
N GLU B 1085 4.62 66.39 37.27
CA GLU B 1085 4.57 67.76 37.70
C GLU B 1085 3.78 68.61 36.72
N GLU B 1086 4.09 68.47 35.43
CA GLU B 1086 3.48 69.30 34.38
C GLU B 1086 2.04 68.97 34.02
N TYR B 1087 1.67 67.69 34.04
CA TYR B 1087 0.32 67.28 33.64
C TYR B 1087 -0.25 66.25 34.59
N PRO B 1088 -0.58 66.66 35.83
CA PRO B 1088 -0.94 65.70 36.88
C PRO B 1088 -1.95 64.63 36.47
N SER B 1089 -2.97 65.04 35.72
CA SER B 1089 -4.09 64.17 35.35
C SER B 1089 -3.67 62.89 34.60
N LEU B 1090 -2.63 62.96 33.76
CA LEU B 1090 -2.13 61.78 33.05
C LEU B 1090 -1.75 60.68 34.02
N PHE B 1091 -1.23 61.04 35.20
CA PHE B 1091 -0.75 60.07 36.17
C PHE B 1091 -1.77 59.69 37.24
N LYS B 1092 -2.89 60.42 37.23
CA LYS B 1092 -4.02 60.14 38.11
C LYS B 1092 -5.17 59.40 37.41
N GLN B 1093 -5.24 59.54 36.08
CA GLN B 1093 -6.26 58.94 35.24
C GLN B 1093 -6.24 57.42 35.26
N ASN B 1094 -7.38 56.79 35.57
CA ASN B 1094 -7.48 55.33 35.54
C ASN B 1094 -7.57 54.78 34.14
N GLN B 1095 -6.88 53.65 33.93
CA GLN B 1095 -6.98 52.88 32.70
C GLN B 1095 -8.06 51.82 32.82
N VAL B 1096 -8.62 51.41 31.69
CA VAL B 1096 -9.78 50.53 31.67
C VAL B 1096 -9.46 49.09 32.10
N SER B 1097 -8.42 48.54 31.50
CA SER B 1097 -8.10 47.12 31.67
C SER B 1097 -7.61 46.78 33.07
N THR B 1098 -7.03 47.76 33.78
CA THR B 1098 -6.42 47.54 35.10
C THR B 1098 -7.24 48.14 36.24
N GLY B 1099 -8.08 49.13 35.94
CA GLY B 1099 -8.76 49.91 37.00
C GLY B 1099 -7.80 50.88 37.73
N GLN B 1100 -6.55 50.93 37.26
CA GLN B 1100 -5.49 51.63 37.95
C GLN B 1100 -4.95 52.73 37.05
N PRO B 1101 -4.35 53.75 37.67
CA PRO B 1101 -3.59 54.68 36.88
C PRO B 1101 -2.20 54.10 36.63
N ILE B 1102 -1.52 54.66 35.63
CA ILE B 1102 -0.13 54.31 35.41
C ILE B 1102 0.68 54.69 36.66
N ASP B 1103 1.77 53.97 36.89
CA ASP B 1103 2.53 54.08 38.11
C ASP B 1103 3.96 54.45 37.77
N ALA B 1104 4.29 55.72 37.95
CA ALA B 1104 5.64 56.21 37.74
C ALA B 1104 6.47 56.18 39.05
N SER B 1105 5.93 55.59 40.13
CA SER B 1105 6.66 55.47 41.41
C SER B 1105 7.85 54.53 41.29
N THR B 1106 7.86 53.72 40.24
CA THR B 1106 8.97 52.85 39.97
C THR B 1106 9.43 53.04 38.52
N LYS B 1107 10.73 53.24 38.33
CA LYS B 1107 11.29 53.47 37.00
C LYS B 1107 11.86 52.17 36.43
N ILE B 1108 11.81 51.97 35.11
CA ILE B 1108 12.46 50.77 34.55
C ILE B 1108 13.79 51.11 33.83
N LYS B 1109 14.92 50.91 34.52
CA LYS B 1109 16.25 51.12 33.92
C LYS B 1109 16.83 49.81 33.38
N GLN B 1110 16.35 48.72 33.95
CA GLN B 1110 16.75 47.39 33.53
C GLN B 1110 15.52 46.49 33.44
N TRP B 1111 15.30 45.91 32.27
CA TRP B 1111 14.30 44.92 32.10
C TRP B 1111 14.60 43.63 32.88
N SER B 1112 13.56 42.92 33.30
CA SER B 1112 13.67 41.61 33.91
C SER B 1112 12.36 40.90 33.74
N ALA B 1113 12.36 39.63 34.08
CA ALA B 1113 11.22 38.78 33.81
C ALA B 1113 9.91 39.26 34.42
N LYS B 1114 9.96 39.93 35.56
CA LYS B 1114 8.73 40.37 36.24
C LYS B 1114 7.90 41.36 35.42
N TYR B 1115 8.53 41.98 34.45
CA TYR B 1115 7.81 42.86 33.57
C TYR B 1115 7.40 42.19 32.25
N MET B 1116 7.55 40.86 32.14
CA MET B 1116 7.25 40.13 30.91
C MET B 1116 6.08 39.16 31.08
N ASN B 1117 5.31 38.97 30.02
CA ASN B 1117 4.25 37.96 29.98
C ASN B 1117 4.81 36.57 29.65
N GLY B 1118 5.84 36.54 28.80
CA GLY B 1118 6.52 35.29 28.47
C GLY B 1118 7.59 35.42 27.41
N THR B 1119 7.81 34.31 26.71
CA THR B 1119 8.84 34.24 25.68
C THR B 1119 8.48 33.16 24.71
N ASN B 1120 9.06 33.25 23.52
CA ASN B 1120 9.09 32.10 22.64
C ASN B 1120 9.95 31.02 23.29
N ILE B 1121 9.62 29.78 22.99
CA ILE B 1121 10.38 28.66 23.53
C ILE B 1121 11.85 28.79 23.10
N LEU B 1122 12.75 28.56 24.06
CA LEU B 1122 14.19 28.76 23.87
C LEU B 1122 15.02 27.48 23.66
N HIS B 1123 14.32 26.36 23.47
CA HIS B 1123 14.95 25.12 23.09
C HIS B 1123 15.92 24.59 24.14
N ARG B 1124 15.61 24.87 25.40
CA ARG B 1124 16.49 24.48 26.49
C ARG B 1124 16.08 23.20 27.17
N GLY B 1125 14.78 22.94 27.17
CA GLY B 1125 14.23 21.72 27.77
C GLY B 1125 13.34 22.00 28.97
N ALA B 1126 12.41 21.08 29.25
CA ALA B 1126 11.54 21.18 30.43
C ALA B 1126 12.30 21.04 31.77
N TYR B 1127 13.41 20.29 31.73
CA TYR B 1127 14.19 20.02 32.91
C TYR B 1127 15.67 20.31 32.70
N TYR B 1128 15.94 21.45 32.08
CA TYR B 1128 17.29 22.01 32.01
C TYR B 1128 17.70 22.46 33.38
N VAL B 1129 16.70 22.93 34.14
CA VAL B 1129 16.85 23.28 35.55
C VAL B 1129 16.76 21.96 36.32
N LEU B 1130 17.81 21.64 37.07
CA LEU B 1130 17.96 20.29 37.61
C LEU B 1130 17.16 20.05 38.87
N LYS B 1131 16.71 18.80 38.95
CA LYS B 1131 15.65 18.38 39.84
C LYS B 1131 15.89 16.91 40.25
N ASP B 1132 15.51 16.55 41.48
CA ASP B 1132 15.61 15.16 41.96
C ASP B 1132 14.30 14.45 41.68
N TRP B 1133 14.34 13.31 40.98
CA TRP B 1133 13.08 12.65 40.54
C TRP B 1133 12.26 12.11 41.69
N ALA B 1134 12.95 11.71 42.74
CA ALA B 1134 12.33 11.05 43.87
C ALA B 1134 11.44 11.96 44.73
N THR B 1135 11.95 13.14 45.10
CA THR B 1135 11.18 14.09 45.93
C THR B 1135 10.51 15.16 45.07
N ASN B 1136 10.99 15.30 43.84
CA ASN B 1136 10.59 16.35 42.91
C ASN B 1136 11.01 17.75 43.32
N GLN B 1137 11.98 17.85 44.22
CA GLN B 1137 12.49 19.15 44.60
C GLN B 1137 13.64 19.54 43.68
N TYR B 1138 13.71 20.82 43.35
CA TYR B 1138 14.78 21.33 42.49
C TYR B 1138 15.98 21.64 43.37
N PHE B 1139 17.17 21.47 42.81
CA PHE B 1139 18.38 21.72 43.58
C PHE B 1139 18.56 23.21 43.69
N ASN B 1140 19.04 23.67 44.85
CA ASN B 1140 19.29 25.08 45.11
C ASN B 1140 20.43 25.34 46.10
N ILE B 1141 21.16 26.44 45.90
CA ILE B 1141 22.34 26.77 46.73
C ILE B 1141 22.44 28.25 47.11
N ALA B 1142 21.32 28.97 47.02
CA ALA B 1142 21.31 30.41 47.18
C ALA B 1142 21.73 30.84 48.59
N LYS B 1143 21.07 30.25 49.58
CA LYS B 1143 21.28 30.56 50.97
C LYS B 1143 21.68 29.29 51.67
N THR B 1144 22.76 29.30 52.45
CA THR B 1144 23.21 28.09 53.21
C THR B 1144 22.18 27.51 54.19
N ASN B 1145 21.17 28.32 54.55
CA ASN B 1145 20.03 27.88 55.38
C ASN B 1145 18.94 27.05 54.67
N GLU B 1146 19.03 26.90 53.35
CA GLU B 1146 18.03 26.18 52.59
C GLU B 1146 18.67 25.51 51.37
N VAL B 1147 19.81 24.87 51.57
CA VAL B 1147 20.49 24.18 50.46
C VAL B 1147 19.83 22.84 50.16
N PHE B 1148 19.80 22.44 48.90
CA PHE B 1148 19.41 21.10 48.49
C PHE B 1148 20.32 20.67 47.36
N LEU B 1149 21.11 19.64 47.61
CA LEU B 1149 22.00 19.08 46.61
C LEU B 1149 21.94 17.56 46.62
N PRO B 1150 22.50 16.93 45.58
CA PRO B 1150 22.66 15.50 45.66
C PRO B 1150 23.64 15.18 46.78
N LEU B 1151 23.46 14.04 47.40
CA LEU B 1151 24.27 13.67 48.56
C LEU B 1151 25.74 13.39 48.18
N GLN B 1152 26.02 12.97 46.95
CA GLN B 1152 27.41 12.75 46.48
C GLN B 1152 28.25 14.00 46.56
N LEU B 1153 27.62 15.13 46.28
CA LEU B 1153 28.32 16.39 46.21
C LEU B 1153 28.57 16.96 47.61
N GLN B 1154 27.79 16.48 48.58
CA GLN B 1154 27.97 16.85 49.98
C GLN B 1154 28.84 15.83 50.75
N ASN B 1155 29.49 14.93 50.02
CA ASN B 1155 30.22 13.83 50.60
C ASN B 1155 29.43 13.08 51.68
N LYS B 1156 28.19 12.75 51.35
CA LYS B 1156 27.38 11.82 52.12
C LYS B 1156 27.09 10.62 51.22
N ASP B 1157 26.51 9.57 51.78
CA ASP B 1157 26.30 8.33 51.04
C ASP B 1157 24.96 8.36 50.30
N ALA B 1158 25.04 8.24 48.98
CA ALA B 1158 23.85 8.22 48.14
C ALA B 1158 23.58 6.79 47.73
N GLN B 1159 22.50 6.24 48.25
CA GLN B 1159 22.13 4.90 47.87
C GLN B 1159 21.05 5.02 46.83
N THR B 1160 21.12 4.17 45.82
CA THR B 1160 20.17 4.26 44.72
C THR B 1160 19.71 2.90 44.30
N GLY B 1161 18.41 2.77 44.02
CA GLY B 1161 17.87 1.50 43.57
C GLY B 1161 16.58 1.15 44.26
N PHE B 1162 16.05 -0.01 43.90
CA PHE B 1162 14.82 -0.51 44.48
C PHE B 1162 15.18 -1.46 45.60
N ILE B 1163 14.50 -1.35 46.74
CA ILE B 1163 14.70 -2.28 47.85
C ILE B 1163 13.35 -2.77 48.37
N SER B 1164 13.21 -4.09 48.51
CA SER B 1164 12.00 -4.69 49.07
C SER B 1164 12.14 -4.82 50.58
N ASP B 1165 11.04 -4.58 51.30
CA ASP B 1165 10.98 -4.86 52.73
C ASP B 1165 9.62 -5.50 53.08
N ALA B 1166 9.34 -5.78 54.33
CA ALA B 1166 8.13 -6.55 54.61
C ALA B 1166 6.89 -5.80 54.21
N SER B 1167 6.92 -4.47 54.24
CA SER B 1167 5.76 -3.67 53.82
C SER B 1167 5.57 -3.57 52.30
N GLY B 1168 6.65 -3.41 51.54
CA GLY B 1168 6.57 -3.22 50.09
C GLY B 1168 7.90 -2.79 49.50
N VAL B 1169 7.84 -2.13 48.35
CA VAL B 1169 9.05 -1.78 47.62
C VAL B 1169 9.29 -0.28 47.73
N LYS B 1170 10.54 0.11 47.95
CA LYS B 1170 10.93 1.53 48.04
C LYS B 1170 11.97 1.78 46.99
N TYR B 1171 12.16 3.05 46.65
CA TYR B 1171 13.16 3.37 45.62
C TYR B 1171 13.95 4.58 46.01
N TYR B 1172 15.25 4.56 45.70
CA TYR B 1172 16.15 5.69 45.97
C TYR B 1172 16.81 6.18 44.68
N SER B 1173 16.75 7.49 44.44
CA SER B 1173 17.28 8.11 43.21
C SER B 1173 18.79 8.17 43.25
N ILE B 1174 19.40 8.56 42.13
CA ILE B 1174 20.85 8.61 42.05
C ILE B 1174 21.42 9.56 43.09
N SER B 1175 20.61 10.56 43.47
CA SER B 1175 21.04 11.54 44.45
C SER B 1175 20.88 11.09 45.90
N GLY B 1176 20.32 9.90 46.09
CA GLY B 1176 20.25 9.25 47.38
C GLY B 1176 18.98 9.51 48.17
N TYR B 1177 17.91 9.97 47.51
CA TYR B 1177 16.69 10.31 48.23
C TYR B 1177 15.57 9.31 47.91
N GLN B 1178 14.67 9.12 48.88
CA GLN B 1178 13.58 8.17 48.73
C GLN B 1178 12.48 8.76 47.89
N ALA B 1179 11.93 7.93 47.00
CA ALA B 1179 10.82 8.32 46.14
C ALA B 1179 9.54 8.33 46.94
N LYS B 1180 8.91 9.51 47.00
CA LYS B 1180 7.58 9.66 47.59
C LYS B 1180 6.74 10.55 46.72
N ASP B 1181 5.50 10.11 46.49
CA ASP B 1181 4.51 10.90 45.77
C ASP B 1181 5.11 11.31 44.43
N THR B 1182 5.54 10.31 43.67
CA THR B 1182 6.21 10.53 42.40
C THR B 1182 6.23 9.26 41.58
N PHE B 1183 6.37 9.42 40.28
CA PHE B 1183 6.43 8.31 39.35
C PHE B 1183 7.89 8.08 39.06
N ILE B 1184 8.29 6.83 38.92
CA ILE B 1184 9.68 6.52 38.64
C ILE B 1184 9.79 5.46 37.56
N GLU B 1185 10.82 5.60 36.72
CA GLU B 1185 11.03 4.71 35.59
C GLU B 1185 12.26 3.92 35.82
N ASP B 1186 12.18 2.61 35.62
CA ASP B 1186 13.36 1.79 35.85
C ASP B 1186 14.21 1.75 34.60
N GLY B 1187 15.32 1.03 34.69
CA GLY B 1187 16.27 0.92 33.62
C GLY B 1187 15.78 0.15 32.41
N ASN B 1188 14.76 -0.69 32.58
CA ASN B 1188 14.14 -1.43 31.46
C ASN B 1188 12.91 -0.74 30.87
N GLY B 1189 12.63 0.48 31.30
CA GLY B 1189 11.56 1.27 30.70
C GLY B 1189 10.20 1.13 31.38
N ASN B 1190 10.10 0.36 32.45
CA ASN B 1190 8.83 0.23 33.16
C ASN B 1190 8.60 1.38 34.13
N TRP B 1191 7.33 1.77 34.32
CA TRP B 1191 6.98 2.91 35.19
C TRP B 1191 6.25 2.45 36.46
N TYR B 1192 6.50 3.13 37.56
CA TYR B 1192 5.94 2.80 38.88
C TYR B 1192 5.48 4.07 39.56
N TYR B 1193 4.48 4.00 40.43
CA TYR B 1193 4.12 5.15 41.27
C TYR B 1193 4.37 4.84 42.74
N PHE B 1194 5.04 5.78 43.41
CA PHE B 1194 5.36 5.64 44.82
C PHE B 1194 4.47 6.60 45.60
N ASP B 1195 3.71 6.06 46.55
CA ASP B 1195 2.72 6.84 47.30
C ASP B 1195 3.40 7.77 48.29
N LYS B 1196 2.58 8.51 49.03
CA LYS B 1196 3.11 9.46 49.99
C LYS B 1196 3.96 8.75 51.06
N ASP B 1197 3.62 7.51 51.40
CA ASP B 1197 4.38 6.71 52.39
C ASP B 1197 5.74 6.22 51.91
N GLY B 1198 5.97 6.28 50.60
CA GLY B 1198 7.26 5.91 50.03
C GLY B 1198 7.30 4.52 49.45
N TYR B 1199 6.11 3.93 49.28
CA TYR B 1199 5.95 2.56 48.84
C TYR B 1199 5.29 2.47 47.45
N MET B 1200 5.92 1.69 46.57
CA MET B 1200 5.41 1.36 45.24
C MET B 1200 3.98 0.88 45.34
N VAL B 1201 3.13 1.33 44.45
CA VAL B 1201 1.75 0.87 44.46
C VAL B 1201 1.71 -0.39 43.64
N ARG B 1202 1.05 -1.42 44.17
CA ARG B 1202 0.92 -2.71 43.48
C ARG B 1202 -0.45 -3.31 43.74
N SER B 1203 -0.98 -4.07 42.78
CA SER B 1203 -2.30 -4.65 42.93
C SER B 1203 -2.25 -5.89 43.81
N GLN B 1204 -3.30 -6.05 44.61
CA GLN B 1204 -3.43 -7.20 45.51
C GLN B 1204 -4.33 -8.23 44.86
N GLN B 1205 -4.30 -9.47 45.36
CA GLN B 1205 -5.23 -10.50 44.88
C GLN B 1205 -6.67 -10.13 45.26
N GLY B 1206 -7.60 -10.36 44.33
CA GLY B 1206 -9.02 -10.11 44.55
C GLY B 1206 -9.45 -8.65 44.60
N GLU B 1207 -8.49 -7.73 44.39
CA GLU B 1207 -8.73 -6.28 44.49
C GLU B 1207 -8.55 -5.56 43.18
N ASN B 1208 -9.09 -4.35 43.10
CA ASN B 1208 -9.02 -3.54 41.90
C ASN B 1208 -7.62 -2.98 41.65
N PRO B 1209 -7.01 -3.33 40.51
CA PRO B 1209 -5.69 -2.80 40.19
C PRO B 1209 -5.69 -1.33 39.80
N ILE B 1210 -6.85 -0.79 39.43
CA ILE B 1210 -6.95 0.61 39.02
C ILE B 1210 -6.87 1.51 40.21
N ARG B 1211 -5.95 2.47 40.16
CA ARG B 1211 -5.78 3.42 41.26
C ARG B 1211 -5.79 4.86 40.76
N THR B 1212 -6.48 5.72 41.52
CA THR B 1212 -6.53 7.17 41.28
C THR B 1212 -5.34 7.83 41.93
N VAL B 1213 -4.59 8.62 41.16
CA VAL B 1213 -3.37 9.27 41.64
C VAL B 1213 -3.51 10.80 41.65
N GLU B 1214 -3.18 11.43 42.77
CA GLU B 1214 -3.04 12.89 42.87
C GLU B 1214 -1.65 13.22 43.40
N THR B 1215 -0.81 13.73 42.52
CA THR B 1215 0.60 13.92 42.84
C THR B 1215 0.92 15.41 42.90
N SER B 1216 2.05 15.70 43.54
CA SER B 1216 2.70 17.02 43.44
C SER B 1216 2.74 17.49 41.99
N VAL B 1217 3.15 16.61 41.09
CA VAL B 1217 3.10 16.88 39.65
C VAL B 1217 1.66 16.70 39.14
N ASN B 1218 0.93 17.81 39.01
CA ASN B 1218 -0.49 17.80 38.62
C ASN B 1218 -0.83 17.24 37.26
N THR B 1219 0.04 17.41 36.30
CA THR B 1219 -0.24 16.93 34.96
C THR B 1219 -0.35 15.42 34.93
N ARG B 1220 0.32 14.74 35.85
CA ARG B 1220 0.26 13.27 35.91
C ARG B 1220 -0.96 12.71 36.63
N ASN B 1221 -1.75 13.55 37.28
CA ASN B 1221 -2.95 13.05 37.93
C ASN B 1221 -3.82 12.28 36.96
N GLY B 1222 -4.47 11.24 37.46
CA GLY B 1222 -5.30 10.40 36.62
C GLY B 1222 -5.48 9.02 37.23
N ASN B 1223 -6.13 8.12 36.50
CA ASN B 1223 -6.33 6.75 36.93
C ASN B 1223 -5.38 5.82 36.21
N TYR B 1224 -4.59 5.09 36.98
CA TYR B 1224 -3.60 4.19 36.42
C TYR B 1224 -3.93 2.75 36.82
N TYR B 1225 -3.30 1.82 36.12
CA TYR B 1225 -3.50 0.39 36.34
C TYR B 1225 -2.17 -0.21 36.74
N PHE B 1226 -1.97 -0.49 38.03
CA PHE B 1226 -0.72 -1.09 38.49
C PHE B 1226 -0.89 -2.57 38.73
N MET B 1227 0.04 -3.34 38.17
CA MET B 1227 -0.03 -4.79 38.24
C MET B 1227 0.60 -5.26 39.57
N PRO B 1228 0.63 -6.58 39.81
CA PRO B 1228 1.12 -7.02 41.11
C PRO B 1228 2.60 -6.71 41.33
N ASN B 1229 3.40 -6.61 40.26
CA ASN B 1229 4.83 -6.22 40.37
C ASN B 1229 5.08 -4.73 40.20
N GLY B 1230 4.00 -3.96 40.31
CA GLY B 1230 4.06 -2.50 40.38
C GLY B 1230 4.11 -1.79 39.05
N VAL B 1231 4.13 -2.56 37.96
CA VAL B 1231 4.30 -2.02 36.62
C VAL B 1231 3.00 -1.37 36.21
N GLU B 1232 3.16 -0.18 35.64
CA GLU B 1232 2.06 0.63 35.16
C GLU B 1232 1.75 0.12 33.75
N LEU B 1233 0.47 -0.10 33.48
CA LEU B 1233 0.05 -0.56 32.17
C LEU B 1233 -0.04 0.64 31.24
N ARG B 1234 0.49 0.46 30.04
CA ARG B 1234 0.65 1.54 29.08
C ARG B 1234 0.28 1.11 27.69
N LYS B 1235 -0.60 1.88 27.06
CA LYS B 1235 -1.00 1.66 25.68
C LYS B 1235 -1.66 0.28 25.57
N GLY B 1236 -2.66 0.05 26.41
CA GLY B 1236 -3.31 -1.25 26.40
C GLY B 1236 -4.53 -1.32 27.28
N PHE B 1237 -5.24 -2.43 27.15
CA PHE B 1237 -6.46 -2.64 27.88
C PHE B 1237 -6.22 -3.35 29.21
N GLY B 1238 -6.99 -2.99 30.24
CA GLY B 1238 -6.84 -3.62 31.56
C GLY B 1238 -8.17 -3.92 32.21
N THR B 1239 -8.31 -5.13 32.70
CA THR B 1239 -9.56 -5.55 33.31
C THR B 1239 -9.49 -5.35 34.80
N ASP B 1240 -10.58 -4.90 35.40
CA ASP B 1240 -10.68 -4.73 36.85
C ASP B 1240 -11.16 -6.05 37.49
N ASN B 1241 -11.35 -6.05 38.81
CA ASN B 1241 -11.85 -7.22 39.54
C ASN B 1241 -13.26 -7.70 39.14
N SER B 1242 -14.07 -6.79 38.62
CA SER B 1242 -15.46 -7.08 38.25
C SER B 1242 -15.63 -7.51 36.80
N GLY B 1243 -14.56 -7.51 36.01
CA GLY B 1243 -14.63 -7.91 34.61
C GLY B 1243 -14.82 -6.77 33.61
N ASN B 1244 -14.92 -5.52 34.08
CA ASN B 1244 -14.97 -4.37 33.17
C ASN B 1244 -13.63 -4.08 32.55
N VAL B 1245 -13.60 -3.76 31.27
CA VAL B 1245 -12.34 -3.42 30.60
C VAL B 1245 -12.20 -1.89 30.44
N TYR B 1246 -11.00 -1.39 30.69
CA TYR B 1246 -10.64 0.03 30.47
C TYR B 1246 -9.44 0.09 29.54
N TYR B 1247 -9.13 1.27 29.03
CA TYR B 1247 -7.89 1.43 28.27
C TYR B 1247 -7.04 2.48 28.92
N PHE B 1248 -5.72 2.31 28.79
CA PHE B 1248 -4.72 3.20 29.40
C PHE B 1248 -3.70 3.61 28.37
N ASP B 1249 -3.43 4.90 28.31
CA ASP B 1249 -2.73 5.47 27.17
C ASP B 1249 -1.21 5.32 27.21
N ASP B 1250 -0.56 5.94 26.23
CA ASP B 1250 0.91 6.03 26.13
C ASP B 1250 1.61 6.22 27.47
N GLN B 1251 1.05 7.11 28.29
CA GLN B 1251 1.64 7.48 29.58
C GLN B 1251 1.01 6.80 30.79
N GLY B 1252 0.14 5.81 30.59
CA GLY B 1252 -0.49 5.08 31.70
C GLY B 1252 -1.86 5.55 32.17
N LYS B 1253 -2.28 6.72 31.69
CA LYS B 1253 -3.55 7.33 32.09
C LYS B 1253 -4.76 6.66 31.49
N MET B 1254 -5.85 6.63 32.26
CA MET B 1254 -7.08 6.03 31.79
C MET B 1254 -7.66 6.94 30.76
N VAL B 1255 -8.29 6.35 29.75
CA VAL B 1255 -8.98 7.09 28.70
C VAL B 1255 -10.49 6.95 28.87
N ARG B 1256 -11.20 8.07 28.75
CA ARG B 1256 -12.64 8.17 29.02
C ARG B 1256 -13.35 8.94 27.92
N ASP B 1257 -14.60 8.52 27.66
CA ASP B 1257 -15.53 9.21 26.78
C ASP B 1257 -14.93 9.57 25.41
N LYS B 1258 -14.42 8.56 24.71
CA LYS B 1258 -14.02 8.75 23.33
C LYS B 1258 -13.80 7.40 22.62
N TYR B 1259 -13.84 7.46 21.29
CA TYR B 1259 -13.53 6.32 20.46
C TYR B 1259 -12.02 6.24 20.32
N ILE B 1260 -11.54 5.02 20.12
CA ILE B 1260 -10.12 4.76 20.07
C ILE B 1260 -9.83 3.75 18.94
N ASN B 1261 -8.73 3.98 18.22
CA ASN B 1261 -8.33 3.15 17.07
C ASN B 1261 -7.08 2.31 17.35
N ASP B 1262 -6.86 1.33 16.48
CA ASP B 1262 -5.85 0.30 16.67
C ASP B 1262 -5.02 0.25 15.38
N ASP B 1263 -3.76 -0.17 15.47
CA ASP B 1263 -2.90 -0.38 14.29
C ASP B 1263 -3.50 -1.38 13.26
N ALA B 1264 -4.23 -2.38 13.75
CA ALA B 1264 -4.94 -3.35 12.90
C ALA B 1264 -6.35 -2.90 12.43
N ASN B 1265 -6.69 -1.66 12.76
CA ASN B 1265 -7.94 -1.02 12.33
C ASN B 1265 -9.20 -1.46 13.12
N ASN B 1266 -8.97 -1.98 14.32
CA ASN B 1266 -10.04 -2.20 15.28
C ASN B 1266 -10.43 -0.92 15.98
N PHE B 1267 -11.73 -0.71 16.12
CA PHE B 1267 -12.23 0.49 16.80
C PHE B 1267 -12.93 0.09 18.09
N TYR B 1268 -12.75 0.90 19.14
CA TYR B 1268 -13.42 0.71 20.44
C TYR B 1268 -13.95 2.04 20.99
N HIS B 1269 -14.98 1.95 21.86
CA HIS B 1269 -15.50 3.15 22.53
C HIS B 1269 -15.36 3.01 24.03
N LEU B 1270 -14.96 4.10 24.67
CA LEU B 1270 -14.88 4.17 26.12
C LEU B 1270 -15.91 5.15 26.67
N ASN B 1271 -16.76 4.64 27.56
CA ASN B 1271 -17.82 5.43 28.18
C ASN B 1271 -17.22 6.52 29.08
N VAL B 1272 -18.10 7.33 29.68
CA VAL B 1272 -17.68 8.44 30.55
C VAL B 1272 -16.99 7.90 31.81
N ASP B 1273 -17.61 6.91 32.44
CA ASP B 1273 -17.02 6.26 33.61
C ASP B 1273 -15.78 5.41 33.30
N GLY B 1274 -15.35 5.37 32.03
CA GLY B 1274 -14.11 4.71 31.60
C GLY B 1274 -14.29 3.36 30.95
N THR B 1275 -15.41 2.70 31.23
CA THR B 1275 -15.65 1.34 30.75
C THR B 1275 -15.76 1.30 29.23
N MET B 1276 -15.51 0.13 28.65
CA MET B 1276 -15.52 -0.03 27.19
C MET B 1276 -16.82 -0.63 26.65
N SER B 1277 -17.59 0.18 25.94
CA SER B 1277 -18.81 -0.28 25.28
C SER B 1277 -18.46 -1.20 24.07
N ARG B 1278 -17.54 -0.73 23.21
CA ARG B 1278 -17.18 -1.42 21.95
C ARG B 1278 -18.43 -1.86 21.13
C1 GLC C . 5.57 -5.85 9.02
C2 GLC C . 4.72 -5.38 10.19
C3 GLC C . 3.27 -5.23 9.70
C4 GLC C . 3.27 -4.22 8.55
C5 GLC C . 4.30 -4.56 7.46
C6 GLC C . 4.52 -3.38 6.51
O1 GLC C . 5.05 -7.03 8.44
O2 GLC C . 4.89 -6.21 11.32
O3 GLC C . 2.42 -4.84 10.76
O4 GLC C . 1.98 -4.07 7.97
O5 GLC C . 5.55 -4.86 8.02
O6 GLC C . 3.31 -2.72 6.30
C1 GLC C . 3.43 -1.25 6.42
C2 GLC C . 2.13 -0.49 6.28
C3 GLC C . 1.71 -0.55 4.81
C4 GLC C . 2.87 -0.12 3.88
C5 GLC C . 4.19 -0.84 4.23
C6 GLC C . 5.35 -0.29 3.43
O2 GLC C . 1.13 -1.14 7.05
O3 GLC C . 0.60 0.29 4.64
O4 GLC C . 2.56 -0.30 2.51
O5 GLC C . 4.45 -0.68 5.61
O6 GLC C . 5.32 1.13 3.43
C1 GLC C . 6.65 1.76 3.29
C2 GLC C . 6.57 3.28 3.42
C3 GLC C . 6.07 3.87 2.11
C4 GLC C . 6.85 3.33 0.93
C5 GLC C . 6.82 1.80 0.94
C6 GLC C . 7.45 1.20 -0.31
O2 GLC C . 5.63 3.61 4.41
O3 GLC C . 6.13 5.28 2.10
O4 GLC C . 6.28 3.90 -0.24
O5 GLC C . 7.43 1.36 2.17
O6 GLC C . 8.72 1.76 -0.45
C1 GLC D . 9.38 1.43 -1.82
C2 GLC D . 10.82 1.87 -1.78
C3 GLC D . 10.86 3.37 -1.42
C4 GLC D . 10.00 4.18 -2.40
C5 GLC D . 8.68 3.47 -2.78
C6 GLC D . 8.14 4.13 -4.06
O2 GLC D . 11.50 1.11 -0.82
O3 GLC D . 12.17 3.87 -1.49
O4 GLC D . 9.75 5.49 -1.89
O5 GLC D . 8.77 2.05 -2.91
O6 GLC D . 6.84 3.63 -4.24
C1 GLC D . 6.23 4.05 -5.56
C2 GLC D . 4.82 4.56 -5.37
C3 GLC D . 3.96 3.38 -4.89
C4 GLC D . 4.11 2.19 -5.87
C5 GLC D . 5.60 1.86 -6.10
C6 GLC D . 5.78 0.77 -7.14
O2 GLC D . 4.85 5.63 -4.45
O3 GLC D . 2.60 3.75 -4.73
O4 GLC D . 3.38 1.02 -5.50
O5 GLC D . 6.27 3.05 -6.54
O6 GLC D . 5.88 -0.46 -6.44
C1 GLC D . 6.96 -1.25 -6.99
C2 GLC D . 6.53 -2.64 -7.40
C3 GLC D . 6.65 -3.57 -6.19
C4 GLC D . 8.02 -3.39 -5.50
C5 GLC D . 8.31 -1.91 -5.25
C6 GLC D . 9.69 -1.76 -4.62
O2 GLC D . 5.18 -2.62 -7.85
O3 GLC D . 6.51 -4.91 -6.59
O4 GLC D . 8.09 -4.22 -4.35
O5 GLC D . 8.27 -1.21 -6.48
O6 GLC D . 10.68 -2.09 -5.58
C1 GLC D . 12.00 -2.12 -4.93
C2 GLC D . 13.20 -1.97 -5.82
C3 GLC D . 13.32 -3.26 -6.61
C4 GLC D . 13.41 -4.44 -5.63
C5 GLC D . 12.27 -4.42 -4.61
C6 GLC D . 12.55 -5.51 -3.58
O2 GLC D . 12.98 -0.87 -6.66
O3 GLC D . 14.48 -3.24 -7.44
O4 GLC D . 13.52 -5.69 -6.30
O5 GLC D . 12.22 -3.15 -3.99
O6 GLC D . 11.57 -5.54 -2.57
CA CA E . -11.32 -40.00 -22.83
CA CA F . 2.26 41.16 23.80
#